data_4CDG
#
_entry.id   4CDG
#
_cell.length_a   59.666
_cell.length_b   88.425
_cell.length_c   95.120
_cell.angle_alpha   69.39
_cell.angle_beta   89.84
_cell.angle_gamma   77.07
#
_symmetry.space_group_name_H-M   'P 1'
#
loop_
_entity.id
_entity.type
_entity.pdbx_description
1 polymer 'BLOOM SYNDROME PROTEIN'
2 polymer NANOBODY
3 non-polymer "ADENOSINE-5'-DIPHOSPHATE"
4 non-polymer 'ZINC ION'
#
loop_
_entity_poly.entity_id
_entity_poly.type
_entity_poly.pdbx_seq_one_letter_code
_entity_poly.pdbx_strand_id
1 'polypeptide(L)'
;SMSRNLKHERFQSLSFPHTKEMMKIFHKKFGLHNFRTNQLEAINAALLGEDCFILMPTGGGKSLCYQLPACVSPGVTVVI
SPLRSLIVDQVQKLTSLDIPATYLTGDKTDSEATNIYLQLSKKDPIIKLLYVTPEKICASNRLISTLENLYERKLLARFV
IDEAHCVSQWGHDFRQDYKRMNMLRQKFPSVPVMALTATANPRVQKDILTQLKILRPQVFSMSFNRHNLKYYVLPKKPKK
VAFDCLEWIRKHHPYDSGIIYCLSRRECDTMADTLQRDGLAALAYHAGLSDSARDEVQQKWINQDGCQVICATIAFGMGI
DKPDVRFVIHASLPKSVEGYYQESGRAGRDGEISHCLLFYTYHDVTRLKRLIMMEKDGNHHTRETHFNNLYSMVHYCENI
TECRRIQLLAYFGENGFNPDFCKKHPDVSCDNCCKTKDYKTRDVTDDVKSIVRFVQEHSSSQGMRNIKHVGPSGRFTMNM
LVDIFLGSKSAKIQSGIFGKGSAYSRHNAERLFKKLILDKILDEDLYINANDQAIAYVMLGNKAQTVLNGNLKVDFMETE
NSSSVKKQKALVAKVSQREEMVKKCLGELTEVCKSLGKVFGVHYFNIFNTVTLKKLAESLSSDPEVLLQIDGVTEDKLEK
YGAEVISVLQKYSEWTSPAEDSSPGMSENLYFQ
;
A,B
2 'polypeptide(L)'
;MKYLLPTAAAGLLLLAAQPAMAQVQLQESGGGLVQAGGSLRLSCAASGIWFSINNMAWYRQTPGKQRERIAIITSAGTTN
YVDSVKGRFTISRDDAKNTMYLQMNSLIPEDTAVYYCNLVADYDMGFQSFWGRGTQVTVSSHHHHHH
;
C,D
#
loop_
_chem_comp.id
_chem_comp.type
_chem_comp.name
_chem_comp.formula
ADP non-polymer ADENOSINE-5'-DIPHOSPHATE 'C10 H15 N5 O10 P2'
ZN non-polymer 'ZINC ION' 'Zn 2'
#
# COMPACT_ATOMS: atom_id res chain seq x y z
N LEU A 6 11.11 6.13 -0.02
CA LEU A 6 10.49 6.38 -1.31
C LEU A 6 10.82 5.30 -2.33
N LYS A 7 10.31 5.49 -3.54
CA LYS A 7 10.67 4.65 -4.68
C LYS A 7 11.01 5.56 -5.85
N HIS A 8 12.27 5.53 -6.28
CA HIS A 8 12.78 6.51 -7.23
C HIS A 8 12.70 6.02 -8.68
N GLU A 9 11.50 5.70 -9.12
CA GLU A 9 11.23 5.24 -10.48
C GLU A 9 11.77 6.24 -11.50
N ARG A 10 11.66 7.50 -11.14
CA ARG A 10 12.11 8.63 -11.93
C ARG A 10 13.61 8.56 -12.27
N PHE A 11 14.41 8.11 -11.31
CA PHE A 11 15.87 8.07 -11.47
C PHE A 11 16.37 6.71 -11.96
N GLN A 12 15.44 5.80 -12.27
CA GLN A 12 15.81 4.44 -12.67
C GLN A 12 16.00 4.26 -14.17
N SER A 13 15.71 5.30 -14.95
CA SER A 13 15.75 5.17 -16.41
C SER A 13 17.18 5.18 -16.94
N LEU A 14 17.36 4.56 -18.11
CA LEU A 14 18.64 4.56 -18.79
C LEU A 14 18.60 5.43 -20.04
N SER A 15 17.59 6.29 -20.10
CA SER A 15 17.38 7.16 -21.26
C SER A 15 18.25 8.42 -21.17
N PHE A 16 18.81 8.67 -19.99
CA PHE A 16 19.60 9.88 -19.75
C PHE A 16 20.80 9.97 -20.67
N PRO A 17 21.27 11.20 -20.95
CA PRO A 17 22.42 11.38 -21.84
C PRO A 17 23.72 10.81 -21.29
N HIS A 18 23.92 10.89 -19.98
CA HIS A 18 25.14 10.40 -19.35
C HIS A 18 25.20 8.87 -19.28
N THR A 19 24.05 8.23 -19.48
CA THR A 19 23.92 6.78 -19.27
C THR A 19 24.91 5.99 -20.13
N LYS A 20 25.16 6.47 -21.34
CA LYS A 20 26.11 5.81 -22.25
C LYS A 20 27.50 5.77 -21.62
N GLU A 21 27.99 6.95 -21.23
CA GLU A 21 29.33 7.09 -20.66
C GLU A 21 29.40 6.47 -19.28
N MET A 22 28.33 6.65 -18.51
CA MET A 22 28.25 6.16 -17.14
C MET A 22 28.40 4.64 -17.05
N MET A 23 27.69 3.92 -17.91
CA MET A 23 27.77 2.45 -17.94
C MET A 23 29.14 1.97 -18.41
N LYS A 24 29.81 2.78 -19.22
CA LYS A 24 31.13 2.45 -19.74
C LYS A 24 32.14 2.38 -18.60
N ILE A 25 32.08 3.36 -17.70
CA ILE A 25 32.99 3.41 -16.56
C ILE A 25 32.59 2.36 -15.52
N PHE A 26 31.29 2.10 -15.43
CA PHE A 26 30.76 1.12 -14.49
C PHE A 26 31.25 -0.29 -14.83
N HIS A 27 31.29 -0.60 -16.13
CA HIS A 27 31.68 -1.94 -16.58
C HIS A 27 33.19 -2.12 -16.78
N LYS A 28 33.85 -1.11 -17.35
CA LYS A 28 35.24 -1.26 -17.77
C LYS A 28 36.24 -0.77 -16.73
N LYS A 29 35.87 0.28 -15.98
CA LYS A 29 36.77 0.85 -14.99
C LYS A 29 36.62 0.21 -13.63
N PHE A 30 35.37 0.08 -13.17
CA PHE A 30 35.09 -0.50 -11.86
C PHE A 30 34.99 -2.02 -11.92
N GLY A 31 34.47 -2.54 -13.02
CA GLY A 31 34.41 -3.97 -13.23
C GLY A 31 33.16 -4.62 -12.69
N LEU A 32 32.15 -3.80 -12.43
CA LEU A 32 30.89 -4.29 -11.85
C LEU A 32 29.86 -4.58 -12.93
N HIS A 33 28.83 -5.33 -12.58
CA HIS A 33 27.85 -5.80 -13.57
C HIS A 33 26.44 -5.31 -13.27
N ASN A 34 26.02 -5.40 -12.02
CA ASN A 34 24.67 -5.01 -11.65
C ASN A 34 24.63 -4.04 -10.47
N PHE A 35 23.81 -3.01 -10.58
CA PHE A 35 23.66 -2.04 -9.51
C PHE A 35 22.90 -2.63 -8.33
N ARG A 36 23.29 -2.25 -7.12
CA ARG A 36 22.55 -2.65 -5.93
C ARG A 36 21.44 -1.65 -5.64
N THR A 37 20.73 -1.85 -4.53
CA THR A 37 19.58 -1.02 -4.18
C THR A 37 19.95 0.46 -4.09
N ASN A 38 19.20 1.29 -4.83
CA ASN A 38 19.34 2.74 -4.79
C ASN A 38 20.70 3.24 -5.27
N GLN A 39 21.46 2.38 -5.95
CA GLN A 39 22.75 2.81 -6.48
C GLN A 39 22.58 3.52 -7.81
N LEU A 40 21.91 2.88 -8.76
CA LEU A 40 21.66 3.47 -10.07
C LEU A 40 20.84 4.76 -9.93
N GLU A 41 19.87 4.73 -9.02
CA GLU A 41 19.01 5.87 -8.78
C GLU A 41 19.78 7.07 -8.23
N ALA A 42 20.65 6.80 -7.27
CA ALA A 42 21.42 7.86 -6.62
C ALA A 42 22.49 8.41 -7.55
N ILE A 43 23.09 7.53 -8.34
CA ILE A 43 24.12 7.94 -9.28
C ILE A 43 23.53 8.82 -10.38
N ASN A 44 22.46 8.33 -11.01
CA ASN A 44 21.72 9.12 -12.00
C ASN A 44 21.38 10.51 -11.46
N ALA A 45 20.77 10.54 -10.28
CA ALA A 45 20.37 11.80 -9.65
C ALA A 45 21.54 12.75 -9.46
N ALA A 46 22.67 12.22 -8.99
CA ALA A 46 23.87 13.02 -8.77
C ALA A 46 24.37 13.62 -10.07
N LEU A 47 24.34 12.83 -11.15
CA LEU A 47 24.80 13.28 -12.45
C LEU A 47 23.79 14.21 -13.14
N LEU A 48 22.69 14.50 -12.46
CA LEU A 48 21.72 15.46 -12.97
C LEU A 48 21.76 16.73 -12.13
N GLY A 49 22.68 16.77 -11.17
CA GLY A 49 22.91 17.97 -10.37
C GLY A 49 22.07 18.04 -9.12
N GLU A 50 21.48 16.91 -8.74
CA GLU A 50 20.62 16.87 -7.56
C GLU A 50 21.42 16.78 -6.27
N ASP A 51 20.85 17.32 -5.19
CA ASP A 51 21.41 17.17 -3.86
C ASP A 51 20.99 15.82 -3.28
N CYS A 52 21.94 14.90 -3.15
CA CYS A 52 21.64 13.55 -2.71
C CYS A 52 22.02 13.30 -1.24
N PHE A 53 21.23 12.47 -0.58
CA PHE A 53 21.50 12.08 0.80
C PHE A 53 21.43 10.55 0.91
N ILE A 54 22.60 9.92 0.97
CA ILE A 54 22.69 8.46 0.95
C ILE A 54 22.69 7.84 2.33
N LEU A 55 21.70 7.00 2.59
CA LEU A 55 21.68 6.21 3.81
C LEU A 55 21.78 4.73 3.50
N MET A 56 22.95 4.15 3.77
CA MET A 56 23.20 2.73 3.55
C MET A 56 24.05 2.18 4.69
N PRO A 57 23.78 0.93 5.09
CA PRO A 57 24.60 0.30 6.13
C PRO A 57 26.02 0.06 5.65
N THR A 58 26.92 -0.28 6.57
CA THR A 58 28.30 -0.61 6.23
C THR A 58 28.36 -1.71 5.17
N GLY A 59 29.15 -1.48 4.13
CA GLY A 59 29.32 -2.46 3.07
C GLY A 59 28.22 -2.42 2.03
N GLY A 60 27.30 -1.47 2.17
CA GLY A 60 26.20 -1.30 1.25
C GLY A 60 26.64 -1.03 -0.17
N GLY A 61 27.55 -0.08 -0.33
CA GLY A 61 28.03 0.32 -1.64
C GLY A 61 27.94 1.82 -1.85
N LYS A 62 28.22 2.57 -0.79
CA LYS A 62 28.11 4.03 -0.83
C LYS A 62 29.19 4.69 -1.69
N SER A 63 30.38 4.10 -1.75
CA SER A 63 31.50 4.69 -2.48
C SER A 63 31.16 4.90 -3.95
N LEU A 64 30.55 3.88 -4.56
CA LEU A 64 30.17 3.93 -5.97
C LEU A 64 29.22 5.08 -6.25
N CYS A 65 28.43 5.46 -5.25
CA CYS A 65 27.41 6.47 -5.42
C CYS A 65 27.97 7.87 -5.68
N TYR A 66 29.26 8.07 -5.43
CA TYR A 66 29.88 9.36 -5.70
C TYR A 66 31.19 9.22 -6.49
N GLN A 67 31.84 8.07 -6.39
CA GLN A 67 33.09 7.85 -7.10
C GLN A 67 32.85 7.68 -8.60
N LEU A 68 31.81 6.93 -8.94
CA LEU A 68 31.41 6.73 -10.33
C LEU A 68 30.95 8.04 -10.99
N PRO A 69 30.05 8.81 -10.32
CA PRO A 69 29.71 10.13 -10.87
C PRO A 69 30.93 11.03 -11.11
N ALA A 70 31.92 10.97 -10.22
CA ALA A 70 33.11 11.82 -10.34
C ALA A 70 33.89 11.54 -11.61
N CYS A 71 33.94 10.27 -12.01
CA CYS A 71 34.68 9.86 -13.20
C CYS A 71 34.02 10.37 -14.48
N VAL A 72 32.71 10.63 -14.42
CA VAL A 72 31.96 11.08 -15.58
C VAL A 72 31.41 12.49 -15.31
N SER A 73 32.32 13.40 -15.01
CA SER A 73 31.96 14.79 -14.75
C SER A 73 33.11 15.74 -15.07
N PRO A 74 32.80 16.90 -15.66
CA PRO A 74 33.83 17.91 -15.89
C PRO A 74 34.39 18.46 -14.57
N GLY A 75 35.71 18.35 -14.38
CA GLY A 75 36.35 18.88 -13.19
C GLY A 75 36.57 17.82 -12.12
N VAL A 76 36.73 18.27 -10.88
CA VAL A 76 37.08 17.37 -9.78
C VAL A 76 36.01 17.37 -8.70
N THR A 77 35.74 16.20 -8.14
CA THR A 77 34.88 16.06 -6.97
C THR A 77 35.69 16.17 -5.68
N VAL A 78 35.25 17.05 -4.77
CA VAL A 78 35.92 17.24 -3.49
C VAL A 78 35.22 16.48 -2.37
N VAL A 79 35.89 15.46 -1.85
CA VAL A 79 35.32 14.59 -0.82
C VAL A 79 35.90 14.88 0.56
N ILE A 80 35.02 15.21 1.51
CA ILE A 80 35.44 15.45 2.89
C ILE A 80 35.35 14.16 3.71
N SER A 81 36.46 13.76 4.32
CA SER A 81 36.51 12.59 5.18
C SER A 81 37.06 12.99 6.55
N PRO A 82 36.69 12.24 7.61
CA PRO A 82 37.11 12.63 8.96
C PRO A 82 38.50 12.14 9.36
N LEU A 83 39.06 11.22 8.59
CA LEU A 83 40.35 10.61 8.93
C LEU A 83 41.18 10.32 7.70
N ARG A 84 42.49 10.56 7.80
CA ARG A 84 43.39 10.30 6.69
C ARG A 84 43.48 8.80 6.40
N SER A 85 43.24 7.99 7.44
CA SER A 85 43.26 6.54 7.30
C SER A 85 42.19 6.07 6.32
N LEU A 86 40.98 6.61 6.48
CA LEU A 86 39.89 6.33 5.56
C LEU A 86 40.22 6.84 4.17
N ILE A 87 40.69 8.08 4.12
CA ILE A 87 41.13 8.71 2.88
C ILE A 87 42.17 7.88 2.13
N VAL A 88 43.20 7.45 2.86
CA VAL A 88 44.30 6.70 2.26
C VAL A 88 43.80 5.40 1.63
N ASP A 89 42.84 4.76 2.27
CA ASP A 89 42.32 3.49 1.79
C ASP A 89 41.54 3.65 0.48
N GLN A 90 40.77 4.73 0.39
CA GLN A 90 39.96 4.98 -0.80
C GLN A 90 40.82 5.38 -1.99
N VAL A 91 41.81 6.24 -1.74
CA VAL A 91 42.71 6.68 -2.80
C VAL A 91 43.51 5.49 -3.33
N GLN A 92 43.91 4.62 -2.42
CA GLN A 92 44.60 3.39 -2.78
C GLN A 92 43.72 2.50 -3.64
N LYS A 93 42.42 2.48 -3.33
CA LYS A 93 41.45 1.72 -4.11
C LYS A 93 41.28 2.29 -5.51
N LEU A 94 41.28 3.63 -5.60
CA LEU A 94 41.02 4.31 -6.87
C LEU A 94 42.20 4.23 -7.82
N THR A 95 43.41 4.48 -7.31
CA THR A 95 44.62 4.40 -8.12
C THR A 95 44.89 2.96 -8.55
N SER A 96 44.33 2.00 -7.82
CA SER A 96 44.44 0.60 -8.19
C SER A 96 43.53 0.28 -9.38
N LEU A 97 42.64 1.21 -9.70
CA LEU A 97 41.74 1.06 -10.84
C LEU A 97 42.08 2.08 -11.92
N ASP A 98 43.25 2.70 -11.78
CA ASP A 98 43.69 3.77 -12.66
C ASP A 98 42.68 4.90 -12.74
N ILE A 99 42.11 5.24 -11.58
CA ILE A 99 41.26 6.42 -11.47
C ILE A 99 42.02 7.51 -10.70
N PRO A 100 42.44 8.55 -11.42
CA PRO A 100 43.23 9.66 -10.84
C PRO A 100 42.59 10.27 -9.61
N ALA A 101 43.28 10.22 -8.48
CA ALA A 101 42.78 10.78 -7.23
C ALA A 101 43.90 11.00 -6.23
N THR A 102 43.69 11.91 -5.30
CA THR A 102 44.65 12.16 -4.23
C THR A 102 44.01 13.00 -3.13
N TYR A 103 44.84 13.47 -2.19
CA TYR A 103 44.32 14.11 -0.98
C TYR A 103 45.28 15.14 -0.38
N LEU A 104 44.70 16.12 0.32
CA LEU A 104 45.48 17.05 1.11
C LEU A 104 45.09 16.95 2.58
N THR A 105 45.71 16.00 3.30
CA THR A 105 45.39 15.79 4.71
C THR A 105 46.23 16.67 5.63
N GLY A 106 47.45 16.98 5.21
CA GLY A 106 48.34 17.82 6.01
C GLY A 106 49.72 17.25 6.21
N ASP A 107 49.85 15.93 6.21
CA ASP A 107 51.17 15.31 6.35
C ASP A 107 51.89 15.16 5.02
N LYS A 108 51.28 15.67 3.96
CA LYS A 108 51.96 15.79 2.68
C LYS A 108 52.83 17.04 2.71
N THR A 109 54.12 16.89 2.45
CA THR A 109 55.05 18.01 2.51
C THR A 109 54.67 19.10 1.52
N ASP A 110 55.08 20.32 1.80
CA ASP A 110 54.70 21.49 1.01
C ASP A 110 55.09 21.34 -0.47
N SER A 111 56.17 20.62 -0.72
CA SER A 111 56.62 20.38 -2.08
C SER A 111 55.61 19.53 -2.85
N GLU A 112 55.20 18.40 -2.25
CA GLU A 112 54.17 17.55 -2.82
C GLU A 112 52.82 18.27 -2.84
N ALA A 113 52.53 18.97 -1.76
CA ALA A 113 51.26 19.69 -1.61
C ALA A 113 51.08 20.73 -2.71
N THR A 114 52.13 21.50 -2.98
CA THR A 114 52.09 22.52 -4.02
C THR A 114 51.90 21.88 -5.39
N ASN A 115 52.53 20.72 -5.59
CA ASN A 115 52.43 20.00 -6.86
C ASN A 115 51.00 19.59 -7.16
N ILE A 116 50.21 19.35 -6.11
CA ILE A 116 48.79 19.07 -6.25
C ILE A 116 48.09 20.33 -6.75
N TYR A 117 48.33 21.44 -6.05
CA TYR A 117 47.77 22.74 -6.43
C TYR A 117 48.17 23.14 -7.85
N LEU A 118 49.31 22.62 -8.31
CA LEU A 118 49.75 22.86 -9.68
C LEU A 118 48.84 22.18 -10.69
N GLN A 119 48.54 20.91 -10.44
CA GLN A 119 47.69 20.13 -11.35
C GLN A 119 46.24 20.62 -11.39
N LEU A 120 45.77 21.14 -10.26
CA LEU A 120 44.42 21.68 -10.19
C LEU A 120 44.30 23.02 -10.89
N SER A 121 45.37 23.82 -10.80
CA SER A 121 45.42 25.15 -11.42
C SER A 121 45.45 25.12 -12.94
N LYS A 122 46.07 24.11 -13.53
CA LYS A 122 46.21 24.00 -14.98
C LYS A 122 44.89 24.05 -15.74
N LYS A 123 43.79 23.77 -15.05
CA LYS A 123 42.45 23.73 -15.65
C LYS A 123 42.33 22.65 -16.72
N ASP A 124 43.26 21.69 -16.71
CA ASP A 124 43.16 20.50 -17.55
C ASP A 124 43.26 19.23 -16.70
N PRO A 125 42.69 19.24 -15.48
CA PRO A 125 43.04 18.21 -14.50
C PRO A 125 42.61 16.82 -14.91
N ILE A 126 43.46 15.83 -14.68
CA ILE A 126 43.14 14.45 -15.01
C ILE A 126 42.46 13.81 -13.79
N ILE A 127 42.51 14.53 -12.67
CA ILE A 127 42.04 14.04 -11.38
C ILE A 127 40.55 14.26 -11.14
N LYS A 128 39.83 13.17 -10.90
CA LYS A 128 38.38 13.24 -10.67
C LYS A 128 38.02 13.38 -9.19
N LEU A 129 38.77 12.72 -8.32
CA LEU A 129 38.50 12.77 -6.89
C LEU A 129 39.60 13.48 -6.10
N LEU A 130 39.23 14.50 -5.33
CA LEU A 130 40.17 15.15 -4.43
C LEU A 130 39.68 15.04 -3.00
N TYR A 131 40.23 14.08 -2.26
CA TYR A 131 39.86 13.89 -0.87
C TYR A 131 40.46 14.97 0.01
N VAL A 132 39.83 15.25 1.14
CA VAL A 132 40.24 16.35 2.00
C VAL A 132 39.72 16.16 3.42
N THR A 133 40.48 16.65 4.40
CA THR A 133 40.08 16.57 5.80
C THR A 133 39.33 17.84 6.20
N PRO A 134 38.50 17.78 7.25
CA PRO A 134 37.65 18.92 7.57
C PRO A 134 38.43 20.11 8.13
N GLU A 135 39.40 19.85 9.00
CA GLU A 135 40.17 20.93 9.62
C GLU A 135 41.07 21.61 8.59
N LYS A 136 41.38 20.90 7.52
CA LYS A 136 42.21 21.45 6.45
C LYS A 136 41.52 22.63 5.77
N ILE A 137 40.25 22.43 5.42
CA ILE A 137 39.45 23.51 4.84
C ILE A 137 39.38 24.69 5.80
N CYS A 138 39.11 24.39 7.07
CA CYS A 138 39.02 25.42 8.11
C CYS A 138 40.34 26.15 8.32
N ALA A 139 41.43 25.39 8.48
CA ALA A 139 42.74 25.98 8.78
C ALA A 139 43.41 26.57 7.55
N SER A 140 43.47 25.79 6.47
CA SER A 140 44.18 26.22 5.27
C SER A 140 43.33 27.07 4.34
N ASN A 141 43.68 28.34 4.23
CA ASN A 141 43.07 29.24 3.26
C ASN A 141 43.78 29.12 1.92
N ARG A 142 44.73 28.20 1.85
CA ARG A 142 45.48 27.91 0.63
C ARG A 142 44.66 27.08 -0.35
N LEU A 143 43.97 26.08 0.20
CA LEU A 143 43.11 25.20 -0.59
C LEU A 143 41.94 25.94 -1.23
N ILE A 144 41.34 26.85 -0.47
CA ILE A 144 40.17 27.61 -0.91
C ILE A 144 40.41 28.40 -2.20
N SER A 145 41.52 29.11 -2.26
CA SER A 145 41.85 29.94 -3.43
C SER A 145 42.07 29.11 -4.68
N THR A 146 42.31 27.81 -4.50
CA THR A 146 42.42 26.88 -5.62
C THR A 146 41.03 26.47 -6.11
N LEU A 147 40.19 26.03 -5.18
CA LEU A 147 38.83 25.62 -5.49
C LEU A 147 38.03 26.72 -6.18
N GLU A 148 38.23 27.96 -5.73
CA GLU A 148 37.56 29.11 -6.32
C GLU A 148 37.87 29.25 -7.81
N ASN A 149 39.08 28.86 -8.20
CA ASN A 149 39.47 28.89 -9.60
C ASN A 149 38.77 27.79 -10.41
N LEU A 150 38.55 26.64 -9.77
CA LEU A 150 37.80 25.55 -10.39
C LEU A 150 36.35 25.97 -10.55
N TYR A 151 35.85 26.71 -9.55
CA TYR A 151 34.49 27.22 -9.56
C TYR A 151 34.24 28.15 -10.74
N GLU A 152 35.20 29.04 -11.00
CA GLU A 152 35.08 30.02 -12.07
C GLU A 152 35.00 29.36 -13.45
N ARG A 153 35.70 28.25 -13.62
CA ARG A 153 35.73 27.54 -14.89
C ARG A 153 34.71 26.41 -14.92
N LYS A 154 33.84 26.38 -13.91
CA LYS A 154 32.81 25.37 -13.79
C LYS A 154 33.42 23.97 -13.75
N LEU A 155 34.33 23.77 -12.81
CA LEU A 155 35.02 22.48 -12.69
C LEU A 155 34.97 21.93 -11.27
N LEU A 156 34.15 22.56 -10.43
CA LEU A 156 33.83 21.98 -9.13
C LEU A 156 32.60 21.12 -9.27
N ALA A 157 32.81 19.82 -9.46
CA ALA A 157 31.71 18.91 -9.77
C ALA A 157 30.68 18.83 -8.65
N ARG A 158 31.15 18.55 -7.43
CA ARG A 158 30.27 18.42 -6.29
C ARG A 158 31.03 18.24 -4.98
N PHE A 159 30.37 18.58 -3.87
CA PHE A 159 30.93 18.36 -2.54
C PHE A 159 30.38 17.09 -1.93
N VAL A 160 31.20 16.04 -1.92
CA VAL A 160 30.84 14.81 -1.23
C VAL A 160 31.22 14.89 0.23
N ILE A 161 30.25 14.69 1.12
CA ILE A 161 30.52 14.70 2.55
C ILE A 161 30.37 13.28 3.10
N ASP A 162 31.49 12.60 3.23
CA ASP A 162 31.50 11.24 3.75
C ASP A 162 31.37 11.27 5.27
N GLU A 163 30.82 10.22 5.83
CA GLU A 163 30.66 10.10 7.29
C GLU A 163 29.90 11.30 7.85
N ALA A 164 28.87 11.73 7.13
CA ALA A 164 28.15 12.96 7.42
C ALA A 164 27.58 13.04 8.84
N HIS A 165 27.49 11.90 9.51
CA HIS A 165 26.98 11.83 10.87
C HIS A 165 27.92 12.49 11.89
N CYS A 166 29.06 12.97 11.42
CA CYS A 166 30.05 13.59 12.29
C CYS A 166 29.71 15.04 12.63
N VAL A 167 28.68 15.58 11.98
CA VAL A 167 28.26 16.96 12.23
C VAL A 167 27.32 17.01 13.44
N SER A 168 26.70 15.88 13.74
CA SER A 168 25.70 15.81 14.79
C SER A 168 26.31 15.45 16.15
N GLN A 169 25.97 16.21 17.18
CA GLN A 169 26.36 15.89 18.54
C GLN A 169 25.64 14.65 19.04
N TRP A 170 24.56 14.29 18.35
CA TRP A 170 23.77 13.11 18.72
C TRP A 170 24.35 11.84 18.13
N GLY A 171 25.41 11.98 17.35
CA GLY A 171 26.03 10.85 16.68
C GLY A 171 27.11 10.21 17.53
N HIS A 172 27.43 8.95 17.23
CA HIS A 172 28.40 8.19 18.01
C HIS A 172 29.83 8.72 17.83
N ASP A 173 30.00 9.67 16.92
CA ASP A 173 31.31 10.26 16.65
C ASP A 173 31.16 11.70 16.17
N PHE A 174 30.91 12.60 17.12
CA PHE A 174 30.76 14.02 16.80
C PHE A 174 32.11 14.69 16.59
N ARG A 175 32.21 15.49 15.54
CA ARG A 175 33.44 16.23 15.23
C ARG A 175 33.15 17.70 15.01
N GLN A 176 33.90 18.56 15.70
CA GLN A 176 33.66 20.01 15.68
C GLN A 176 33.80 20.62 14.29
N ASP A 177 34.78 20.15 13.53
CA ASP A 177 35.10 20.73 12.23
C ASP A 177 33.99 20.53 11.20
N TYR A 178 33.09 19.58 11.44
CA TYR A 178 32.02 19.30 10.50
C TYR A 178 30.94 20.38 10.58
N LYS A 179 30.87 21.06 11.72
CA LYS A 179 29.96 22.20 11.87
C LYS A 179 30.40 23.34 10.97
N ARG A 180 31.71 23.42 10.76
CA ARG A 180 32.30 24.50 9.98
C ARG A 180 32.33 24.20 8.49
N MET A 181 31.59 23.19 8.07
CA MET A 181 31.54 22.80 6.66
C MET A 181 30.52 23.64 5.91
N ASN A 182 29.63 24.29 6.66
CA ASN A 182 28.59 25.12 6.07
C ASN A 182 29.18 26.36 5.41
N MET A 183 30.38 26.75 5.85
CA MET A 183 31.09 27.87 5.25
C MET A 183 31.61 27.53 3.86
N LEU A 184 31.65 26.24 3.54
CA LEU A 184 32.09 25.79 2.22
C LEU A 184 31.01 26.03 1.17
N ARG A 185 29.76 25.94 1.61
CA ARG A 185 28.61 26.16 0.73
C ARG A 185 28.37 27.65 0.45
N GLN A 186 28.70 28.48 1.43
CA GLN A 186 28.54 29.93 1.31
C GLN A 186 29.26 30.49 0.08
N LYS A 187 30.52 30.14 -0.07
CA LYS A 187 31.34 30.62 -1.18
C LYS A 187 30.99 29.91 -2.49
N PHE A 188 30.47 28.70 -2.38
CA PHE A 188 30.18 27.88 -3.56
C PHE A 188 28.74 27.34 -3.56
N PRO A 189 27.74 28.23 -3.68
CA PRO A 189 26.34 27.83 -3.61
C PRO A 189 25.90 26.98 -4.81
N SER A 190 26.48 27.24 -5.97
CA SER A 190 26.09 26.56 -7.21
C SER A 190 26.44 25.07 -7.20
N VAL A 191 27.35 24.68 -6.31
CA VAL A 191 27.90 23.33 -6.31
C VAL A 191 26.97 22.31 -5.64
N PRO A 192 26.67 21.21 -6.34
CA PRO A 192 25.86 20.12 -5.78
C PRO A 192 26.53 19.50 -4.57
N VAL A 193 25.76 19.26 -3.51
CA VAL A 193 26.29 18.67 -2.29
C VAL A 193 25.73 17.26 -2.08
N MET A 194 26.58 16.36 -1.59
CA MET A 194 26.18 14.97 -1.38
C MET A 194 26.66 14.45 -0.02
N ALA A 195 25.73 13.94 0.78
CA ALA A 195 26.04 13.45 2.11
C ALA A 195 25.80 11.94 2.21
N LEU A 196 26.76 11.23 2.79
CA LEU A 196 26.63 9.80 3.02
C LEU A 196 26.90 9.44 4.47
N THR A 197 26.21 8.42 4.96
CA THR A 197 26.39 7.96 6.34
C THR A 197 25.91 6.52 6.50
N ALA A 198 26.47 5.83 7.49
CA ALA A 198 26.08 4.46 7.78
C ALA A 198 25.33 4.38 9.10
N THR A 199 24.82 5.52 9.55
CA THR A 199 24.08 5.59 10.80
C THR A 199 22.63 5.16 10.61
N ALA A 200 22.19 4.21 11.41
CA ALA A 200 20.81 3.72 11.34
C ALA A 200 19.87 4.60 12.15
N ASN A 201 20.43 5.25 13.17
CA ASN A 201 19.68 6.15 14.04
C ASN A 201 18.98 7.26 13.27
N PRO A 202 17.64 7.20 13.17
CA PRO A 202 16.86 8.16 12.40
C PRO A 202 16.93 9.56 12.99
N ARG A 203 17.01 9.62 14.31
CA ARG A 203 17.12 10.88 15.03
C ARG A 203 18.41 11.60 14.65
N VAL A 204 19.45 10.83 14.35
CA VAL A 204 20.73 11.37 13.91
C VAL A 204 20.65 11.73 12.43
N GLN A 205 20.02 10.83 11.67
CA GLN A 205 19.86 11.00 10.22
C GLN A 205 19.19 12.33 9.89
N LYS A 206 18.16 12.67 10.66
CA LYS A 206 17.44 13.93 10.49
C LYS A 206 18.32 15.14 10.79
N ASP A 207 19.06 15.06 11.89
CA ASP A 207 19.89 16.16 12.36
C ASP A 207 20.98 16.53 11.36
N ILE A 208 21.51 15.53 10.66
CA ILE A 208 22.55 15.77 9.65
C ILE A 208 22.11 16.79 8.61
N LEU A 209 20.88 16.62 8.12
CA LEU A 209 20.35 17.49 7.09
C LEU A 209 20.14 18.91 7.62
N THR A 210 19.59 19.02 8.82
CA THR A 210 19.32 20.31 9.44
C THR A 210 20.62 21.06 9.73
N GLN A 211 21.63 20.35 10.23
CA GLN A 211 22.90 20.98 10.60
C GLN A 211 23.72 21.35 9.37
N LEU A 212 23.84 20.42 8.43
CA LEU A 212 24.55 20.72 7.19
C LEU A 212 23.73 21.65 6.30
N LYS A 213 22.46 21.84 6.66
CA LYS A 213 21.58 22.77 5.97
C LYS A 213 21.46 22.46 4.48
N ILE A 214 21.24 21.19 4.17
CA ILE A 214 20.90 20.78 2.82
C ILE A 214 19.38 20.83 2.67
N LEU A 215 18.93 21.72 1.79
CA LEU A 215 17.51 22.04 1.65
C LEU A 215 16.77 21.08 0.73
N ARG A 216 15.93 20.25 1.33
CA ARG A 216 15.12 19.25 0.63
C ARG A 216 15.88 18.47 -0.45
N PRO A 217 16.72 17.52 -0.02
CA PRO A 217 17.49 16.69 -0.95
C PRO A 217 16.76 15.43 -1.39
N GLN A 218 17.34 14.73 -2.37
CA GLN A 218 16.89 13.41 -2.72
C GLN A 218 17.43 12.41 -1.69
N VAL A 219 16.54 11.76 -0.97
CA VAL A 219 16.92 10.86 0.10
C VAL A 219 16.89 9.41 -0.35
N PHE A 220 18.06 8.81 -0.48
CA PHE A 220 18.17 7.42 -0.90
C PHE A 220 18.44 6.51 0.29
N SER A 221 17.38 5.97 0.87
CA SER A 221 17.49 5.15 2.06
C SER A 221 17.62 3.67 1.71
N MET A 222 17.65 2.83 2.74
CA MET A 222 17.91 1.40 2.57
C MET A 222 17.62 0.66 3.87
N SER A 223 17.49 -0.67 3.77
CA SER A 223 17.38 -1.50 4.95
C SER A 223 18.76 -1.62 5.61
N PHE A 224 18.84 -1.26 6.88
CA PHE A 224 20.12 -1.25 7.59
C PHE A 224 20.48 -2.62 8.15
N ASN A 225 19.71 -3.64 7.77
CA ASN A 225 20.05 -5.02 8.09
C ASN A 225 21.40 -5.41 7.51
N ARG A 226 22.26 -6.01 8.33
CA ARG A 226 23.58 -6.45 7.89
C ARG A 226 23.54 -7.87 7.34
N HIS A 227 23.40 -7.97 6.02
CA HIS A 227 23.18 -9.23 5.33
C HIS A 227 24.23 -10.31 5.61
N ASN A 228 25.44 -9.90 5.97
CA ASN A 228 26.54 -10.85 6.11
C ASN A 228 27.11 -10.99 7.53
N LEU A 229 26.35 -10.56 8.53
CA LEU A 229 26.82 -10.67 9.91
C LEU A 229 26.01 -11.67 10.74
N LYS A 230 26.70 -12.63 11.34
CA LYS A 230 26.09 -13.58 12.25
C LYS A 230 26.13 -13.05 13.69
N TYR A 231 24.96 -12.79 14.25
CA TYR A 231 24.89 -12.22 15.59
C TYR A 231 24.81 -13.31 16.67
N TYR A 232 25.81 -13.33 17.54
CA TYR A 232 25.84 -14.28 18.66
C TYR A 232 25.83 -13.56 20.00
N VAL A 233 25.00 -14.03 20.91
CA VAL A 233 25.14 -13.70 22.32
C VAL A 233 25.53 -14.95 23.07
N LEU A 234 26.55 -14.84 23.92
CA LEU A 234 27.11 -16.01 24.60
C LEU A 234 27.26 -15.76 26.09
N PRO A 235 27.08 -16.82 26.90
CA PRO A 235 27.18 -16.67 28.35
C PRO A 235 28.60 -16.33 28.79
N LYS A 236 28.75 -15.23 29.51
CA LYS A 236 30.07 -14.79 29.94
C LYS A 236 30.38 -15.32 31.33
N LYS A 237 31.04 -16.48 31.37
CA LYS A 237 31.54 -17.00 32.63
C LYS A 237 32.83 -16.24 32.95
N PRO A 238 32.79 -15.40 33.98
CA PRO A 238 33.92 -14.51 34.24
C PRO A 238 35.20 -15.28 34.54
N LYS A 239 36.34 -14.66 34.24
CA LYS A 239 37.68 -15.24 34.41
C LYS A 239 38.02 -16.28 33.33
N LYS A 240 37.12 -16.48 32.37
CA LYS A 240 37.43 -17.31 31.21
C LYS A 240 36.90 -16.72 29.90
N VAL A 241 36.77 -15.39 29.87
CA VAL A 241 36.42 -14.70 28.62
C VAL A 241 37.55 -14.85 27.60
N ALA A 242 38.76 -14.52 28.02
CA ALA A 242 39.94 -14.63 27.17
C ALA A 242 40.11 -16.04 26.62
N PHE A 243 39.82 -17.04 27.44
CA PHE A 243 39.92 -18.43 27.03
C PHE A 243 38.87 -18.78 25.97
N ASP A 244 37.69 -18.19 26.10
CA ASP A 244 36.61 -18.46 25.16
C ASP A 244 36.87 -17.76 23.83
N CYS A 245 37.47 -16.57 23.87
CA CYS A 245 37.86 -15.88 22.65
C CYS A 245 38.95 -16.66 21.95
N LEU A 246 39.92 -17.15 22.72
CA LEU A 246 41.01 -17.95 22.19
C LEU A 246 40.49 -19.22 21.55
N GLU A 247 39.58 -19.88 22.26
CA GLU A 247 38.98 -21.13 21.81
C GLU A 247 38.19 -20.92 20.52
N TRP A 248 37.34 -19.90 20.53
CA TRP A 248 36.48 -19.60 19.39
C TRP A 248 37.28 -19.22 18.14
N ILE A 249 38.20 -18.27 18.30
CA ILE A 249 39.01 -17.78 17.18
C ILE A 249 39.78 -18.91 16.49
N ARG A 250 40.46 -19.73 17.28
CA ARG A 250 41.27 -20.81 16.70
C ARG A 250 40.41 -21.86 16.01
N LYS A 251 39.17 -22.00 16.45
CA LYS A 251 38.24 -22.95 15.84
C LYS A 251 37.66 -22.44 14.53
N HIS A 252 37.21 -21.19 14.54
CA HIS A 252 36.46 -20.63 13.41
C HIS A 252 37.31 -19.77 12.47
N HIS A 253 38.22 -18.98 13.03
CA HIS A 253 39.03 -18.07 12.21
C HIS A 253 40.49 -18.00 12.65
N PRO A 254 41.21 -19.12 12.55
CA PRO A 254 42.63 -19.15 12.96
C PRO A 254 43.51 -18.19 12.16
N TYR A 255 43.16 -17.96 10.90
CA TYR A 255 44.02 -17.16 10.02
C TYR A 255 43.29 -15.93 9.45
N ASP A 256 42.43 -15.32 10.26
CA ASP A 256 41.70 -14.13 9.84
C ASP A 256 41.70 -13.06 10.91
N SER A 257 41.62 -11.80 10.49
CA SER A 257 41.73 -10.67 11.40
C SER A 257 40.42 -10.43 12.14
N GLY A 258 40.52 -9.83 13.33
CA GLY A 258 39.36 -9.54 14.13
C GLY A 258 39.63 -8.50 15.21
N ILE A 259 38.57 -8.11 15.92
CA ILE A 259 38.67 -7.09 16.96
C ILE A 259 38.00 -7.56 18.24
N ILE A 260 38.62 -7.24 19.38
CA ILE A 260 38.00 -7.49 20.68
C ILE A 260 37.87 -6.17 21.44
N TYR A 261 36.64 -5.80 21.76
CA TYR A 261 36.38 -4.52 22.42
C TYR A 261 36.37 -4.64 23.94
N CYS A 262 37.17 -3.80 24.59
CA CYS A 262 37.28 -3.80 26.04
C CYS A 262 36.87 -2.45 26.63
N LEU A 263 36.39 -2.47 27.86
CA LEU A 263 35.88 -1.27 28.51
C LEU A 263 36.97 -0.25 28.81
N SER A 264 38.10 -0.74 29.32
CA SER A 264 39.17 0.13 29.79
C SER A 264 40.44 -0.01 28.98
N ARG A 265 41.29 1.02 29.03
CA ARG A 265 42.64 0.93 28.50
C ARG A 265 43.37 -0.25 29.13
N ARG A 266 43.05 -0.52 30.40
CA ARG A 266 43.68 -1.58 31.16
C ARG A 266 43.26 -2.96 30.70
N GLU A 267 41.95 -3.18 30.54
CA GLU A 267 41.44 -4.48 30.12
C GLU A 267 41.99 -4.84 28.74
N CYS A 268 42.32 -3.82 27.96
CA CYS A 268 42.95 -4.03 26.66
C CYS A 268 44.32 -4.65 26.84
N ASP A 269 45.14 -4.01 27.66
CA ASP A 269 46.48 -4.50 27.97
C ASP A 269 46.43 -5.91 28.54
N THR A 270 45.49 -6.12 29.48
CA THR A 270 45.35 -7.40 30.15
C THR A 270 44.89 -8.50 29.18
N MET A 271 43.81 -8.23 28.44
CA MET A 271 43.29 -9.15 27.44
C MET A 271 44.35 -9.54 26.42
N ALA A 272 45.13 -8.56 25.98
CA ALA A 272 46.17 -8.80 25.00
C ALA A 272 47.26 -9.72 25.57
N ASP A 273 47.64 -9.46 26.82
CA ASP A 273 48.65 -10.25 27.50
C ASP A 273 48.22 -11.71 27.65
N THR A 274 47.06 -11.90 28.27
CA THR A 274 46.50 -13.24 28.49
C THR A 274 46.45 -14.06 27.20
N LEU A 275 45.99 -13.43 26.12
CA LEU A 275 45.92 -14.10 24.83
C LEU A 275 47.31 -14.40 24.29
N GLN A 276 48.23 -13.45 24.47
CA GLN A 276 49.59 -13.59 23.98
C GLN A 276 50.34 -14.75 24.61
N ARG A 277 50.21 -14.91 25.93
CA ARG A 277 50.98 -15.95 26.63
C ARG A 277 50.47 -17.34 26.29
N ASP A 278 49.31 -17.41 25.63
CA ASP A 278 48.79 -18.68 25.15
C ASP A 278 49.08 -18.88 23.67
N GLY A 279 49.75 -17.89 23.07
CA GLY A 279 50.25 -18.02 21.71
C GLY A 279 49.45 -17.30 20.63
N LEU A 280 48.54 -16.42 21.03
CA LEU A 280 47.74 -15.70 20.06
C LEU A 280 48.35 -14.33 19.77
N ALA A 281 48.47 -14.00 18.49
CA ALA A 281 49.06 -12.73 18.06
C ALA A 281 48.12 -11.57 18.38
N ALA A 282 47.99 -11.24 19.66
CA ALA A 282 47.13 -10.16 20.09
C ALA A 282 47.92 -8.93 20.49
N LEU A 283 47.37 -7.75 20.19
CA LEU A 283 47.96 -6.49 20.62
C LEU A 283 46.88 -5.59 21.19
N ALA A 284 47.28 -4.71 22.12
CA ALA A 284 46.36 -3.74 22.69
C ALA A 284 46.34 -2.48 21.84
N TYR A 285 45.21 -1.78 21.84
CA TYR A 285 45.06 -0.59 21.01
C TYR A 285 44.21 0.47 21.69
N HIS A 286 44.85 1.58 22.08
CA HIS A 286 44.17 2.67 22.77
C HIS A 286 45.03 3.93 22.83
N ALA A 287 44.47 4.99 23.41
CA ALA A 287 45.13 6.29 23.45
C ALA A 287 46.29 6.33 24.45
N GLY A 288 46.42 5.28 25.24
CA GLY A 288 47.49 5.20 26.22
C GLY A 288 48.83 4.86 25.58
N LEU A 289 48.77 4.45 24.31
CA LEU A 289 49.95 4.04 23.57
C LEU A 289 50.73 5.24 23.05
N SER A 290 52.05 5.14 23.08
CA SER A 290 52.91 6.11 22.41
C SER A 290 52.57 6.14 20.91
N ASP A 291 52.80 7.29 20.27
CA ASP A 291 52.44 7.45 18.87
C ASP A 291 53.18 6.46 17.98
N SER A 292 54.40 6.10 18.38
CA SER A 292 55.19 5.12 17.63
C SER A 292 54.57 3.73 17.75
N ALA A 293 54.07 3.40 18.93
CA ALA A 293 53.42 2.11 19.16
C ALA A 293 52.10 2.01 18.41
N ARG A 294 51.25 3.01 18.59
CA ARG A 294 49.96 3.10 17.92
C ARG A 294 50.06 2.89 16.41
N ASP A 295 50.98 3.61 15.78
CA ASP A 295 51.21 3.49 14.34
C ASP A 295 51.69 2.08 13.98
N GLU A 296 52.43 1.46 14.90
CA GLU A 296 52.99 0.14 14.65
C GLU A 296 51.92 -0.95 14.75
N VAL A 297 50.96 -0.75 15.64
CA VAL A 297 49.85 -1.68 15.80
C VAL A 297 48.99 -1.73 14.55
N GLN A 298 48.61 -0.56 14.04
CA GLN A 298 47.73 -0.48 12.88
C GLN A 298 48.44 -0.94 11.62
N GLN A 299 49.76 -0.78 11.60
CA GLN A 299 50.57 -1.30 10.49
C GLN A 299 50.49 -2.82 10.46
N LYS A 300 50.65 -3.44 11.63
CA LYS A 300 50.67 -4.90 11.72
C LYS A 300 49.30 -5.54 11.51
N TRP A 301 48.27 -4.87 12.01
CA TRP A 301 46.92 -5.42 11.96
C TRP A 301 46.28 -5.30 10.57
N ILE A 302 46.33 -4.10 10.00
CA ILE A 302 45.73 -3.83 8.69
C ILE A 302 46.37 -4.68 7.59
N ASN A 303 47.68 -4.83 7.66
CA ASN A 303 48.41 -5.55 6.63
C ASN A 303 48.57 -7.03 6.95
N GLN A 304 48.00 -7.45 8.08
CA GLN A 304 48.11 -8.82 8.55
C GLN A 304 49.57 -9.25 8.65
N ASP A 305 50.35 -8.47 9.39
CA ASP A 305 51.77 -8.75 9.56
C ASP A 305 52.13 -8.84 11.04
N GLY A 306 51.94 -10.02 11.62
CA GLY A 306 52.31 -10.28 13.00
C GLY A 306 51.25 -9.89 14.01
N CYS A 307 50.04 -9.58 13.52
CA CYS A 307 48.92 -9.28 14.40
C CYS A 307 47.61 -9.77 13.81
N GLN A 308 46.92 -10.62 14.56
CA GLN A 308 45.62 -11.13 14.14
C GLN A 308 44.48 -10.36 14.80
N VAL A 309 44.66 -10.02 16.06
CA VAL A 309 43.60 -9.42 16.85
C VAL A 309 44.09 -8.19 17.60
N ILE A 310 43.30 -7.12 17.54
CA ILE A 310 43.56 -5.94 18.36
C ILE A 310 42.56 -5.89 19.50
N CYS A 311 43.05 -5.58 20.69
CA CYS A 311 42.20 -5.42 21.85
C CYS A 311 42.03 -3.94 22.12
N ALA A 312 40.95 -3.37 21.59
CA ALA A 312 40.78 -1.93 21.56
C ALA A 312 39.62 -1.45 22.39
N THR A 313 39.74 -0.23 22.90
CA THR A 313 38.61 0.48 23.49
C THR A 313 37.72 0.93 22.35
N ILE A 314 36.41 0.98 22.59
CA ILE A 314 35.44 1.37 21.57
C ILE A 314 35.79 2.70 20.92
N ALA A 315 36.18 3.67 21.75
CA ALA A 315 36.58 4.99 21.27
C ALA A 315 37.70 4.92 20.24
N PHE A 316 38.72 4.12 20.53
CA PHE A 316 39.91 4.07 19.70
C PHE A 316 39.76 3.08 18.55
N GLY A 317 38.91 2.08 18.72
CA GLY A 317 38.69 1.06 17.70
C GLY A 317 37.98 1.61 16.48
N MET A 318 37.21 2.68 16.68
CA MET A 318 36.54 3.37 15.58
C MET A 318 37.53 4.10 14.69
N GLY A 319 38.73 4.36 15.20
CA GLY A 319 39.71 5.15 14.49
C GLY A 319 40.43 4.46 13.36
N ILE A 320 40.33 3.13 13.29
CA ILE A 320 40.93 2.38 12.18
C ILE A 320 40.02 1.25 11.74
N ASP A 321 40.25 0.76 10.52
CA ASP A 321 39.35 -0.21 9.90
C ASP A 321 39.99 -0.89 8.70
N LYS A 322 39.53 -2.10 8.41
CA LYS A 322 39.87 -2.80 7.18
C LYS A 322 38.62 -3.54 6.72
N PRO A 323 38.51 -3.85 5.43
CA PRO A 323 37.24 -4.38 4.94
C PRO A 323 37.01 -5.85 5.25
N ASP A 324 38.06 -6.60 5.56
CA ASP A 324 37.92 -8.04 5.77
C ASP A 324 38.04 -8.46 7.23
N VAL A 325 37.41 -7.69 8.12
CA VAL A 325 37.29 -8.09 9.52
C VAL A 325 36.30 -9.24 9.62
N ARG A 326 36.80 -10.41 10.02
CA ARG A 326 35.98 -11.62 10.02
C ARG A 326 35.23 -11.84 11.33
N PHE A 327 35.65 -11.18 12.40
CA PHE A 327 34.93 -11.27 13.66
C PHE A 327 35.14 -10.06 14.55
N VAL A 328 34.10 -9.70 15.30
CA VAL A 328 34.17 -8.61 16.27
C VAL A 328 33.55 -9.07 17.58
N ILE A 329 34.34 -9.00 18.65
CA ILE A 329 33.89 -9.46 19.96
C ILE A 329 33.78 -8.32 20.96
N HIS A 330 32.62 -8.22 21.60
CA HIS A 330 32.46 -7.31 22.72
C HIS A 330 32.67 -8.11 24.01
N ALA A 331 33.80 -7.86 24.68
CA ALA A 331 34.18 -8.66 25.84
C ALA A 331 33.25 -8.41 27.02
N SER A 332 32.69 -7.21 27.09
CA SER A 332 31.77 -6.86 28.15
C SER A 332 30.39 -6.51 27.58
N LEU A 333 29.68 -5.63 28.27
CA LEU A 333 28.33 -5.24 27.88
C LEU A 333 28.33 -3.84 27.29
N PRO A 334 27.87 -3.71 26.03
CA PRO A 334 27.85 -2.42 25.35
C PRO A 334 27.00 -1.39 26.09
N LYS A 335 27.32 -0.11 25.92
CA LYS A 335 26.62 0.94 26.63
C LYS A 335 25.19 1.09 26.11
N SER A 336 24.99 0.75 24.84
CA SER A 336 23.67 0.85 24.22
C SER A 336 23.55 -0.04 23.00
N VAL A 337 22.31 -0.29 22.56
CA VAL A 337 22.07 -1.09 21.38
C VAL A 337 22.52 -0.34 20.13
N GLU A 338 22.25 0.96 20.10
CA GLU A 338 22.68 1.81 19.00
C GLU A 338 24.20 1.74 18.86
N GLY A 339 24.89 1.92 19.99
CA GLY A 339 26.34 1.79 20.03
C GLY A 339 26.80 0.44 19.52
N TYR A 340 26.21 -0.63 20.04
CA TYR A 340 26.59 -1.98 19.66
C TYR A 340 26.43 -2.24 18.16
N TYR A 341 25.34 -1.75 17.59
CA TYR A 341 25.07 -1.96 16.17
C TYR A 341 26.14 -1.35 15.28
N GLN A 342 26.52 -0.11 15.59
CA GLN A 342 27.53 0.58 14.81
C GLN A 342 28.91 -0.04 15.00
N GLU A 343 29.17 -0.53 16.21
CA GLU A 343 30.46 -1.14 16.53
C GLU A 343 30.63 -2.48 15.82
N SER A 344 29.62 -3.35 15.93
CA SER A 344 29.69 -4.67 15.31
C SER A 344 29.40 -4.60 13.82
N GLY A 345 28.83 -3.48 13.38
CA GLY A 345 28.44 -3.32 11.99
C GLY A 345 29.61 -3.16 11.05
N ARG A 346 30.69 -2.54 11.54
CA ARG A 346 31.87 -2.28 10.72
C ARG A 346 32.63 -3.56 10.38
N ALA A 347 32.17 -4.70 10.92
CA ALA A 347 32.72 -6.00 10.55
C ALA A 347 32.23 -6.41 9.18
N GLY A 348 33.10 -7.11 8.44
CA GLY A 348 32.74 -7.66 7.14
C GLY A 348 32.25 -6.63 6.14
N ARG A 349 32.96 -5.51 6.04
CA ARG A 349 32.63 -4.49 5.06
C ARG A 349 32.79 -5.03 3.63
N ASP A 350 33.65 -6.03 3.50
CA ASP A 350 33.93 -6.66 2.22
C ASP A 350 32.82 -7.61 1.76
N GLY A 351 31.77 -7.72 2.56
CA GLY A 351 30.60 -8.47 2.16
C GLY A 351 30.62 -9.96 2.51
N GLU A 352 31.76 -10.46 2.96
CA GLU A 352 31.86 -11.86 3.36
C GLU A 352 31.30 -12.08 4.76
N ILE A 353 30.93 -13.32 5.05
CA ILE A 353 30.34 -13.67 6.35
C ILE A 353 31.28 -13.30 7.50
N SER A 354 30.73 -12.68 8.53
CA SER A 354 31.50 -12.29 9.70
C SER A 354 30.67 -12.48 10.96
N HIS A 355 31.34 -12.55 12.10
CA HIS A 355 30.69 -12.93 13.35
C HIS A 355 30.70 -11.80 14.37
N CYS A 356 29.58 -11.64 15.07
CA CYS A 356 29.45 -10.61 16.09
C CYS A 356 29.06 -11.24 17.43
N LEU A 357 30.04 -11.38 18.32
CA LEU A 357 29.85 -12.11 19.56
C LEU A 357 29.78 -11.18 20.78
N LEU A 358 28.65 -11.18 21.46
CA LEU A 358 28.49 -10.40 22.69
C LEU A 358 28.49 -11.33 23.91
N PHE A 359 29.47 -11.15 24.78
CA PHE A 359 29.54 -11.92 26.03
C PHE A 359 28.74 -11.21 27.12
N TYR A 360 27.74 -11.90 27.64
CA TYR A 360 26.80 -11.26 28.56
C TYR A 360 26.67 -11.93 29.93
N THR A 361 26.71 -11.10 30.98
CA THR A 361 26.28 -11.49 32.31
C THR A 361 25.65 -10.29 33.00
N TYR A 362 24.62 -10.51 33.79
CA TYR A 362 23.96 -9.42 34.49
C TYR A 362 24.92 -8.77 35.49
N HIS A 363 25.98 -9.49 35.85
CA HIS A 363 27.04 -8.94 36.68
C HIS A 363 27.64 -7.70 36.02
N ASP A 364 27.74 -7.72 34.69
CA ASP A 364 28.26 -6.58 33.94
C ASP A 364 27.36 -5.36 34.06
N VAL A 365 26.10 -5.58 34.39
CA VAL A 365 25.15 -4.48 34.53
C VAL A 365 25.50 -3.64 35.74
N THR A 366 25.64 -4.28 36.90
CA THR A 366 26.07 -3.60 38.12
C THR A 366 27.41 -2.90 37.89
N ARG A 367 28.27 -3.60 37.15
CA ARG A 367 29.54 -3.05 36.68
C ARG A 367 29.31 -1.78 35.87
N LEU A 368 28.55 -1.91 34.79
CA LEU A 368 28.21 -0.78 33.93
C LEU A 368 27.39 0.29 34.65
N LYS A 369 26.66 -0.11 35.69
CA LYS A 369 25.85 0.83 36.47
C LYS A 369 26.75 1.80 37.23
N ARG A 370 27.81 1.27 37.84
CA ARG A 370 28.76 2.10 38.57
C ARG A 370 29.54 3.02 37.62
N THR A 382 20.38 14.20 31.38
CA THR A 382 19.97 13.09 30.53
C THR A 382 20.75 11.82 30.85
N ARG A 383 21.47 11.83 31.96
CA ARG A 383 22.17 10.63 32.45
C ARG A 383 21.15 9.59 32.87
N GLU A 384 19.91 10.03 33.03
CA GLU A 384 18.77 9.14 33.24
C GLU A 384 18.47 8.34 31.98
N THR A 385 18.59 9.00 30.83
CA THR A 385 18.42 8.33 29.53
C THR A 385 19.57 7.35 29.28
N HIS A 386 20.76 7.73 29.74
CA HIS A 386 21.94 6.89 29.64
C HIS A 386 21.75 5.55 30.36
N PHE A 387 20.96 5.57 31.42
CA PHE A 387 20.60 4.35 32.13
C PHE A 387 19.57 3.55 31.33
N ASN A 388 18.65 4.25 30.69
CA ASN A 388 17.64 3.62 29.85
C ASN A 388 18.24 2.76 28.74
N ASN A 389 19.19 3.34 28.00
CA ASN A 389 19.88 2.65 26.91
C ASN A 389 20.55 1.37 27.38
N LEU A 390 21.16 1.41 28.55
CA LEU A 390 21.83 0.26 29.14
C LEU A 390 20.86 -0.92 29.32
N TYR A 391 19.68 -0.64 29.85
CA TYR A 391 18.67 -1.68 30.08
C TYR A 391 18.15 -2.27 28.78
N SER A 392 18.05 -1.43 27.76
CA SER A 392 17.63 -1.89 26.44
C SER A 392 18.65 -2.85 25.85
N MET A 393 19.92 -2.65 26.23
CA MET A 393 20.99 -3.54 25.80
C MET A 393 20.84 -4.87 26.53
N VAL A 394 20.47 -4.79 27.80
CA VAL A 394 20.27 -5.97 28.64
C VAL A 394 19.13 -6.81 28.09
N HIS A 395 18.07 -6.13 27.65
CA HIS A 395 16.91 -6.79 27.06
C HIS A 395 17.28 -7.58 25.82
N TYR A 396 18.19 -7.01 25.02
CA TYR A 396 18.66 -7.66 23.80
C TYR A 396 19.37 -8.98 24.11
N CYS A 397 20.22 -8.96 25.14
CA CYS A 397 21.00 -10.13 25.51
C CYS A 397 20.12 -11.23 26.13
N GLU A 398 19.21 -10.82 26.99
CA GLU A 398 18.35 -11.76 27.70
C GLU A 398 17.33 -12.40 26.76
N ASN A 399 17.01 -11.71 25.66
CA ASN A 399 16.06 -12.23 24.69
C ASN A 399 16.74 -13.29 23.82
N ILE A 400 16.38 -14.55 24.05
CA ILE A 400 17.03 -15.67 23.37
C ILE A 400 16.06 -16.42 22.46
N THR A 401 15.01 -15.74 22.01
CA THR A 401 14.01 -16.37 21.15
C THR A 401 13.79 -15.57 19.87
N GLU A 402 13.49 -14.29 20.02
CA GLU A 402 13.27 -13.41 18.88
C GLU A 402 14.54 -13.19 18.08
N CYS A 403 14.43 -13.27 16.75
CA CYS A 403 15.54 -13.03 15.84
C CYS A 403 16.28 -11.75 16.18
N ARG A 404 17.61 -11.85 16.32
CA ARG A 404 18.42 -10.74 16.78
C ARG A 404 18.52 -9.62 15.74
N ARG A 405 18.36 -9.97 14.47
CA ARG A 405 18.30 -8.99 13.40
C ARG A 405 17.11 -8.07 13.59
N ILE A 406 15.99 -8.64 14.02
CA ILE A 406 14.77 -7.88 14.24
C ILE A 406 14.89 -7.02 15.50
N GLN A 407 15.52 -7.57 16.53
CA GLN A 407 15.69 -6.87 17.79
C GLN A 407 16.45 -5.56 17.60
N LEU A 408 17.50 -5.61 16.78
CA LEU A 408 18.30 -4.42 16.50
C LEU A 408 17.52 -3.40 15.70
N LEU A 409 16.90 -3.84 14.61
CA LEU A 409 16.17 -2.95 13.72
C LEU A 409 14.93 -2.36 14.40
N ALA A 410 14.34 -3.11 15.30
CA ALA A 410 13.16 -2.66 16.03
C ALA A 410 13.51 -1.45 16.90
N TYR A 411 14.77 -1.38 17.30
CA TYR A 411 15.23 -0.28 18.14
C TYR A 411 15.33 1.02 17.35
N PHE A 412 15.43 0.90 16.04
CA PHE A 412 15.51 2.07 15.16
C PHE A 412 14.15 2.36 14.52
N GLY A 413 13.20 1.46 14.73
CA GLY A 413 11.87 1.63 14.18
C GLY A 413 11.77 1.30 12.70
N GLU A 414 12.74 0.53 12.20
CA GLU A 414 12.75 0.13 10.80
C GLU A 414 11.57 -0.77 10.45
N ASN A 415 10.84 -0.39 9.41
CA ASN A 415 9.62 -1.07 9.02
C ASN A 415 9.75 -1.78 7.68
N GLY A 416 9.20 -2.97 7.57
CA GLY A 416 9.27 -3.73 6.33
C GLY A 416 9.99 -5.06 6.44
N PHE A 417 10.90 -5.18 7.39
CA PHE A 417 11.81 -6.33 7.44
C PHE A 417 11.07 -7.64 7.63
N ASN A 418 11.37 -8.60 6.76
CA ASN A 418 10.76 -9.93 6.81
C ASN A 418 11.50 -10.85 7.78
N PRO A 419 10.79 -11.36 8.79
CA PRO A 419 11.36 -12.28 9.80
C PRO A 419 11.74 -13.65 9.25
N ASP A 420 11.75 -13.80 7.93
CA ASP A 420 12.08 -15.06 7.28
C ASP A 420 13.55 -15.13 6.88
N PHE A 421 14.31 -14.09 7.21
CA PHE A 421 15.65 -13.91 6.67
C PHE A 421 16.63 -15.02 7.06
N CYS A 422 16.79 -15.23 8.36
CA CYS A 422 17.74 -16.21 8.86
C CYS A 422 17.42 -17.63 8.39
N LYS A 423 16.14 -17.90 8.14
CA LYS A 423 15.72 -19.21 7.65
C LYS A 423 16.01 -19.34 6.16
N LYS A 424 15.84 -18.25 5.42
CA LYS A 424 16.12 -18.24 3.99
C LYS A 424 17.61 -18.06 3.72
N HIS A 425 18.33 -17.59 4.73
CA HIS A 425 19.77 -17.40 4.64
C HIS A 425 20.49 -18.09 5.79
N PRO A 426 20.54 -19.43 5.78
CA PRO A 426 21.14 -20.23 6.84
C PRO A 426 22.58 -19.83 7.18
N ASP A 427 23.37 -19.51 6.16
CA ASP A 427 24.78 -19.17 6.33
C ASP A 427 25.02 -17.98 7.25
N VAL A 428 24.00 -17.15 7.43
CA VAL A 428 24.14 -15.96 8.26
C VAL A 428 23.05 -15.87 9.33
N SER A 429 22.56 -17.04 9.75
CA SER A 429 21.55 -17.10 10.80
C SER A 429 22.10 -16.62 12.13
N CYS A 430 21.24 -15.99 12.94
CA CYS A 430 21.64 -15.61 14.29
C CYS A 430 21.48 -16.83 15.20
N ASP A 431 22.02 -16.75 16.41
CA ASP A 431 22.00 -17.89 17.31
C ASP A 431 20.57 -18.29 17.68
N ASN A 432 19.74 -17.30 17.96
CA ASN A 432 18.32 -17.53 18.25
C ASN A 432 17.60 -18.31 17.16
N CYS A 433 17.89 -17.95 15.90
CA CYS A 433 17.24 -18.61 14.76
C CYS A 433 17.90 -19.93 14.41
N CYS A 434 19.08 -20.19 14.98
CA CYS A 434 19.75 -21.46 14.79
C CYS A 434 19.04 -22.56 15.57
N LYS A 435 18.47 -22.18 16.70
CA LYS A 435 17.74 -23.10 17.56
C LYS A 435 16.53 -23.72 16.85
N THR A 436 15.87 -22.92 16.02
CA THR A 436 14.59 -23.33 15.43
C THR A 436 14.69 -23.68 13.94
N LYS A 437 15.91 -23.81 13.43
CA LYS A 437 16.13 -24.04 12.00
C LYS A 437 15.50 -25.34 11.49
N ASP A 438 15.29 -26.30 12.39
CA ASP A 438 14.76 -27.60 12.00
C ASP A 438 13.26 -27.72 12.25
N TYR A 439 12.72 -26.79 13.04
CA TYR A 439 11.30 -26.81 13.34
C TYR A 439 10.50 -26.29 12.15
N LYS A 440 9.33 -26.87 11.92
CA LYS A 440 8.47 -26.48 10.80
C LYS A 440 7.27 -25.68 11.29
N THR A 441 7.00 -24.57 10.61
CA THR A 441 5.80 -23.79 10.90
C THR A 441 4.64 -24.33 10.06
N ARG A 442 3.52 -24.61 10.72
CA ARG A 442 2.37 -25.18 10.03
C ARG A 442 1.12 -24.33 10.26
N ASP A 443 0.09 -24.57 9.45
CA ASP A 443 -1.18 -23.90 9.62
C ASP A 443 -2.08 -24.73 10.52
N VAL A 444 -2.65 -24.08 11.53
CA VAL A 444 -3.49 -24.76 12.51
C VAL A 444 -4.79 -23.99 12.70
N THR A 445 -5.23 -23.31 11.65
CA THR A 445 -6.44 -22.49 11.71
C THR A 445 -7.65 -23.33 12.08
N ASP A 446 -7.71 -24.56 11.57
CA ASP A 446 -8.75 -25.52 11.93
C ASP A 446 -8.85 -25.69 13.44
N ASP A 447 -7.73 -26.04 14.07
CA ASP A 447 -7.68 -26.25 15.51
C ASP A 447 -8.07 -24.98 16.27
N VAL A 448 -7.63 -23.84 15.77
CA VAL A 448 -7.97 -22.55 16.38
C VAL A 448 -9.48 -22.30 16.31
N LYS A 449 -10.08 -22.62 15.16
CA LYS A 449 -11.53 -22.51 14.98
C LYS A 449 -12.26 -23.31 16.04
N SER A 450 -11.90 -24.59 16.14
CA SER A 450 -12.44 -25.49 17.15
C SER A 450 -12.32 -24.92 18.56
N ILE A 451 -11.16 -24.35 18.87
CA ILE A 451 -10.91 -23.77 20.19
C ILE A 451 -11.85 -22.59 20.46
N VAL A 452 -11.88 -21.63 19.54
CA VAL A 452 -12.73 -20.44 19.69
C VAL A 452 -14.19 -20.84 19.86
N ARG A 453 -14.62 -21.84 19.11
CA ARG A 453 -15.98 -22.36 19.20
C ARG A 453 -16.24 -22.99 20.57
N PHE A 454 -15.29 -23.78 21.05
CA PHE A 454 -15.39 -24.40 22.37
C PHE A 454 -15.60 -23.35 23.45
N VAL A 455 -14.75 -22.33 23.44
CA VAL A 455 -14.78 -21.27 24.45
C VAL A 455 -16.07 -20.47 24.36
N GLN A 456 -16.54 -20.26 23.13
CA GLN A 456 -17.73 -19.45 22.90
C GLN A 456 -18.98 -20.09 23.49
N GLU A 457 -19.08 -21.41 23.36
CA GLU A 457 -20.22 -22.14 23.91
C GLU A 457 -20.25 -22.03 25.43
N HIS A 458 -19.13 -22.37 26.05
CA HIS A 458 -19.02 -22.36 27.51
C HIS A 458 -18.62 -20.99 28.03
N ARG A 475 -16.67 -20.79 32.00
CA ARG A 475 -15.66 -20.24 32.90
C ARG A 475 -14.47 -21.20 33.06
N PHE A 476 -13.52 -21.10 32.14
CA PHE A 476 -12.33 -21.95 32.17
C PHE A 476 -11.05 -21.13 32.31
N THR A 477 -10.09 -21.66 33.07
CA THR A 477 -8.75 -21.09 33.10
C THR A 477 -7.98 -21.64 31.92
N MET A 478 -6.97 -20.90 31.48
CA MET A 478 -6.14 -21.31 30.35
C MET A 478 -5.63 -22.75 30.47
N ASN A 479 -5.16 -23.11 31.65
CA ASN A 479 -4.63 -24.45 31.89
C ASN A 479 -5.69 -25.54 31.72
N MET A 480 -6.91 -25.24 32.15
CA MET A 480 -8.03 -26.16 31.97
C MET A 480 -8.20 -26.50 30.49
N LEU A 481 -8.14 -25.48 29.65
CA LEU A 481 -8.29 -25.65 28.21
C LEU A 481 -7.15 -26.48 27.63
N VAL A 482 -5.95 -26.25 28.15
CA VAL A 482 -4.77 -26.98 27.70
C VAL A 482 -4.94 -28.48 27.95
N ASP A 483 -5.44 -28.82 29.13
CA ASP A 483 -5.63 -30.22 29.52
C ASP A 483 -6.63 -30.93 28.61
N ILE A 484 -7.80 -30.30 28.45
CA ILE A 484 -8.82 -30.78 27.52
C ILE A 484 -8.21 -30.98 26.14
N PHE A 485 -7.57 -29.93 25.62
CA PHE A 485 -6.93 -29.97 24.32
C PHE A 485 -5.90 -31.09 24.20
N LEU A 486 -5.25 -31.42 25.30
CA LEU A 486 -4.22 -32.46 25.30
C LEU A 486 -4.82 -33.86 25.41
N GLY A 487 -5.82 -34.02 26.26
CA GLY A 487 -6.45 -35.31 26.45
C GLY A 487 -6.13 -35.90 27.81
N SER A 488 -5.91 -35.02 28.78
CA SER A 488 -5.57 -35.43 30.14
C SER A 488 -6.73 -36.14 30.83
N LYS A 489 -6.41 -37.07 31.72
CA LYS A 489 -7.43 -37.70 32.54
C LYS A 489 -7.84 -36.76 33.67
N SER A 490 -7.19 -35.60 33.74
CA SER A 490 -7.55 -34.55 34.66
C SER A 490 -8.55 -33.59 34.03
N ALA A 491 -8.77 -33.75 32.73
CA ALA A 491 -9.70 -32.90 31.98
C ALA A 491 -11.11 -32.97 32.55
N LYS A 492 -11.71 -31.80 32.74
CA LYS A 492 -13.06 -31.70 33.27
C LYS A 492 -14.09 -32.14 32.23
N ILE A 493 -13.89 -31.69 30.99
CA ILE A 493 -14.82 -31.99 29.90
C ILE A 493 -14.16 -32.86 28.83
N GLN A 494 -14.93 -33.78 28.24
CA GLN A 494 -14.43 -34.65 27.19
C GLN A 494 -15.24 -34.47 25.90
N SER A 495 -16.11 -33.48 25.88
CA SER A 495 -17.04 -33.28 24.77
C SER A 495 -16.38 -32.76 23.49
N GLY A 496 -15.82 -31.55 23.56
CA GLY A 496 -15.45 -30.83 22.36
C GLY A 496 -14.05 -31.07 21.85
N ILE A 497 -13.14 -30.14 22.15
CA ILE A 497 -11.77 -30.20 21.66
C ILE A 497 -10.92 -31.25 22.38
N PHE A 498 -11.55 -32.05 23.23
CA PHE A 498 -10.85 -33.08 23.98
C PHE A 498 -10.04 -33.99 23.06
N GLY A 499 -8.74 -34.12 23.34
CA GLY A 499 -7.87 -34.97 22.57
C GLY A 499 -7.53 -34.48 21.17
N LYS A 500 -8.02 -33.29 20.82
CA LYS A 500 -7.72 -32.69 19.52
C LYS A 500 -6.23 -32.46 19.36
N GLY A 501 -5.58 -32.06 20.46
CA GLY A 501 -4.15 -31.85 20.46
C GLY A 501 -3.41 -32.99 21.12
N SER A 502 -3.82 -34.22 20.82
CA SER A 502 -3.20 -35.40 21.41
C SER A 502 -1.80 -35.62 20.83
N ALA A 503 -1.51 -34.94 19.73
CA ALA A 503 -0.20 -35.04 19.09
C ALA A 503 0.64 -33.82 19.42
N TYR A 504 0.15 -33.00 20.35
CA TYR A 504 0.90 -31.85 20.84
C TYR A 504 1.66 -32.20 22.10
N SER A 505 2.84 -31.63 22.26
CA SER A 505 3.52 -31.63 23.55
C SER A 505 2.70 -30.79 24.52
N ARG A 506 2.89 -31.01 25.82
CA ARG A 506 2.31 -30.10 26.80
C ARG A 506 2.99 -28.75 26.65
N HIS A 507 4.25 -28.77 26.25
CA HIS A 507 5.03 -27.57 26.01
C HIS A 507 4.44 -26.77 24.84
N ASN A 508 4.14 -27.45 23.75
CA ASN A 508 3.56 -26.81 22.57
C ASN A 508 2.12 -26.40 22.77
N ALA A 509 1.33 -27.27 23.42
CA ALA A 509 -0.07 -26.98 23.71
C ALA A 509 -0.19 -25.70 24.53
N GLU A 510 0.70 -25.53 25.50
CA GLU A 510 0.70 -24.33 26.33
C GLU A 510 1.14 -23.11 25.52
N ARG A 511 2.06 -23.33 24.58
CA ARG A 511 2.57 -22.24 23.75
C ARG A 511 1.51 -21.74 22.79
N LEU A 512 0.72 -22.67 22.25
CA LEU A 512 -0.36 -22.32 21.33
C LEU A 512 -1.37 -21.39 21.98
N PHE A 513 -1.88 -21.81 23.14
CA PHE A 513 -2.85 -21.00 23.87
C PHE A 513 -2.23 -19.68 24.36
N LYS A 514 -0.91 -19.68 24.57
CA LYS A 514 -0.21 -18.45 24.91
C LYS A 514 -0.21 -17.52 23.71
N LYS A 515 0.11 -18.08 22.55
CA LYS A 515 0.08 -17.36 21.29
C LYS A 515 -1.28 -16.73 21.01
N LEU A 516 -2.35 -17.48 21.28
CA LEU A 516 -3.70 -17.03 20.99
C LEU A 516 -4.10 -15.82 21.85
N ILE A 517 -3.55 -15.74 23.06
CA ILE A 517 -3.81 -14.59 23.92
C ILE A 517 -3.06 -13.37 23.41
N LEU A 518 -1.83 -13.59 22.95
CA LEU A 518 -0.99 -12.52 22.44
C LEU A 518 -1.54 -11.94 21.13
N ASP A 519 -2.06 -12.83 20.28
CA ASP A 519 -2.57 -12.43 18.97
C ASP A 519 -4.01 -11.91 19.05
N LYS A 520 -4.48 -11.73 20.28
CA LYS A 520 -5.79 -11.12 20.55
C LYS A 520 -6.96 -11.98 20.08
N ILE A 521 -6.67 -13.19 19.62
CA ILE A 521 -7.71 -14.16 19.27
C ILE A 521 -8.43 -14.61 20.53
N LEU A 522 -7.66 -14.74 21.62
CA LEU A 522 -8.25 -15.03 22.92
C LEU A 522 -7.91 -13.91 23.90
N ASP A 523 -8.63 -13.86 25.02
CA ASP A 523 -8.44 -12.82 26.01
C ASP A 523 -8.48 -13.41 27.40
N GLU A 524 -8.22 -12.58 28.41
CA GLU A 524 -8.20 -13.05 29.78
C GLU A 524 -8.69 -11.98 30.74
N ASP A 525 -9.66 -12.33 31.57
CA ASP A 525 -10.23 -11.41 32.53
C ASP A 525 -10.13 -11.98 33.94
N LEU A 526 -9.91 -11.12 34.93
CA LEU A 526 -9.78 -11.56 36.30
C LEU A 526 -11.13 -11.73 36.99
N TYR A 527 -11.27 -12.84 37.69
CA TYR A 527 -12.46 -13.13 38.50
C TYR A 527 -12.13 -13.22 39.98
N ILE A 528 -12.82 -12.42 40.78
CA ILE A 528 -12.51 -12.30 42.20
C ILE A 528 -13.59 -13.03 43.00
N ASN A 529 -13.22 -13.58 44.14
CA ASN A 529 -14.18 -14.33 44.96
C ASN A 529 -14.30 -13.84 46.40
N ALA A 530 -14.36 -14.79 47.33
CA ALA A 530 -14.59 -14.51 48.75
C ALA A 530 -13.69 -13.43 49.32
N ASN A 531 -12.39 -13.70 49.37
CA ASN A 531 -11.44 -12.73 49.93
C ASN A 531 -10.35 -12.31 48.96
N ASP A 532 -10.72 -11.45 48.01
CA ASP A 532 -9.77 -10.79 47.12
C ASP A 532 -8.91 -11.75 46.29
N GLN A 533 -9.29 -13.02 46.25
CA GLN A 533 -8.54 -14.00 45.47
C GLN A 533 -8.90 -13.87 43.98
N ALA A 534 -7.90 -13.54 43.17
CA ALA A 534 -8.13 -13.29 41.75
C ALA A 534 -7.73 -14.50 40.90
N ILE A 535 -8.65 -14.95 40.08
CA ILE A 535 -8.40 -16.09 39.20
C ILE A 535 -8.72 -15.71 37.76
N ALA A 536 -7.74 -15.86 36.88
CA ALA A 536 -7.90 -15.47 35.48
C ALA A 536 -8.58 -16.58 34.69
N TYR A 537 -9.51 -16.19 33.82
CA TYR A 537 -10.19 -17.14 32.96
C TYR A 537 -10.13 -16.68 31.50
N VAL A 538 -10.24 -17.62 30.58
CA VAL A 538 -10.14 -17.33 29.15
C VAL A 538 -11.47 -16.98 28.51
N MET A 539 -11.50 -15.83 27.84
CA MET A 539 -12.65 -15.40 27.05
C MET A 539 -12.21 -15.13 25.62
N LEU A 540 -13.16 -14.86 24.73
CA LEU A 540 -12.83 -14.54 23.36
C LEU A 540 -12.26 -13.12 23.26
N GLY A 541 -11.36 -12.92 22.30
CA GLY A 541 -10.75 -11.63 22.09
C GLY A 541 -11.31 -10.97 20.84
N ASN A 542 -11.03 -9.69 20.67
CA ASN A 542 -11.58 -8.91 19.55
C ASN A 542 -11.29 -9.55 18.19
N LYS A 543 -10.15 -10.22 18.08
CA LYS A 543 -9.72 -10.82 16.82
C LYS A 543 -10.22 -12.25 16.64
N ALA A 544 -11.07 -12.71 17.57
CA ALA A 544 -11.59 -14.07 17.50
C ALA A 544 -12.54 -14.26 16.33
N GLN A 545 -13.49 -13.35 16.18
CA GLN A 545 -14.54 -13.48 15.17
C GLN A 545 -13.99 -13.44 13.75
N THR A 546 -12.94 -12.64 13.56
CA THR A 546 -12.35 -12.48 12.23
C THR A 546 -11.69 -13.77 11.75
N VAL A 547 -11.50 -14.71 12.66
CA VAL A 547 -10.92 -16.01 12.31
C VAL A 547 -11.99 -16.93 11.76
N LEU A 548 -13.16 -16.94 12.39
CA LEU A 548 -14.28 -17.76 11.94
C LEU A 548 -14.71 -17.41 10.53
N ASN A 549 -14.71 -16.11 10.22
CA ASN A 549 -15.03 -15.63 8.89
C ASN A 549 -14.10 -16.22 7.83
N GLY A 550 -12.89 -16.60 8.26
CA GLY A 550 -11.92 -17.20 7.36
C GLY A 550 -10.96 -16.16 6.82
N ASN A 551 -11.02 -14.96 7.39
CA ASN A 551 -10.18 -13.85 6.93
C ASN A 551 -8.79 -13.89 7.56
N LEU A 552 -8.67 -14.56 8.70
CA LEU A 552 -7.40 -14.64 9.40
C LEU A 552 -6.95 -16.08 9.60
N LYS A 553 -5.72 -16.38 9.20
CA LYS A 553 -5.13 -17.69 9.43
C LYS A 553 -3.95 -17.55 10.39
N VAL A 554 -3.74 -18.55 11.23
CA VAL A 554 -2.65 -18.50 12.20
C VAL A 554 -1.63 -19.60 11.89
N ASP A 555 -0.35 -19.22 11.95
CA ASP A 555 0.74 -20.17 11.75
C ASP A 555 1.47 -20.43 13.06
N PHE A 556 1.63 -21.70 13.41
CA PHE A 556 2.26 -22.06 14.67
C PHE A 556 3.50 -22.94 14.45
N MET A 557 4.57 -22.63 15.18
CA MET A 557 5.78 -23.43 15.12
C MET A 557 5.89 -24.30 16.37
N GLU A 558 6.02 -25.61 16.15
CA GLU A 558 6.19 -26.53 17.26
C GLU A 558 7.66 -26.65 17.63
N THR A 559 7.97 -26.36 18.88
CA THR A 559 9.35 -26.37 19.35
C THR A 559 9.54 -27.32 20.52
N GLU A 560 10.77 -27.75 20.73
CA GLU A 560 11.10 -28.59 21.87
C GLU A 560 11.25 -27.75 23.12
N ASN A 561 10.98 -28.34 24.28
CA ASN A 561 11.23 -27.67 25.55
C ASN A 561 12.73 -27.49 25.75
N SER A 562 13.11 -26.57 26.63
CA SER A 562 14.53 -26.28 26.87
C SER A 562 15.24 -27.47 27.51
N SER A 563 14.54 -28.16 28.39
CA SER A 563 15.09 -29.32 29.09
C SER A 563 14.83 -30.62 28.31
N SER A 564 14.59 -30.50 27.01
CA SER A 564 14.21 -31.65 26.20
C SER A 564 14.82 -31.62 24.80
N VAL A 565 15.69 -30.63 24.56
CA VAL A 565 16.30 -30.49 23.25
C VAL A 565 17.21 -31.69 22.94
N LYS A 566 17.01 -32.28 21.76
CA LYS A 566 17.85 -33.39 21.31
C LYS A 566 19.10 -32.87 20.61
N LYS A 567 20.21 -33.54 20.85
CA LYS A 567 21.46 -33.17 20.22
C LYS A 567 21.39 -33.46 18.72
N GLN A 568 22.16 -32.72 17.94
CA GLN A 568 22.17 -32.89 16.50
C GLN A 568 23.42 -33.62 16.03
N LYS A 569 23.28 -34.43 14.99
CA LYS A 569 24.42 -35.17 14.45
C LYS A 569 25.38 -34.18 13.81
N ALA A 570 26.57 -34.09 14.37
CA ALA A 570 27.56 -33.08 13.99
C ALA A 570 28.13 -33.27 12.59
N LEU A 571 28.27 -34.53 12.17
CA LEU A 571 28.96 -34.85 10.92
C LEU A 571 28.45 -34.02 9.75
N VAL A 572 29.36 -33.32 9.09
CA VAL A 572 29.01 -32.34 8.08
C VAL A 572 29.33 -32.83 6.66
N ALA A 573 28.88 -32.07 5.67
CA ALA A 573 29.04 -32.44 4.26
C ALA A 573 30.50 -32.75 3.92
N LYS A 574 30.69 -33.83 3.16
CA LYS A 574 32.01 -34.24 2.73
C LYS A 574 32.50 -33.32 1.61
N VAL A 575 33.80 -33.01 1.63
CA VAL A 575 34.43 -32.28 0.53
C VAL A 575 34.56 -33.10 -0.76
N SER A 576 34.43 -32.39 -1.88
CA SER A 576 34.59 -32.98 -3.20
C SER A 576 35.94 -32.54 -3.75
N GLN A 577 36.44 -33.28 -4.75
CA GLN A 577 37.79 -33.06 -5.27
C GLN A 577 37.99 -31.64 -5.79
N ARG A 578 36.98 -31.09 -6.45
CA ARG A 578 37.07 -29.74 -6.97
C ARG A 578 37.02 -28.69 -5.85
N GLU A 579 36.15 -28.92 -4.87
CA GLU A 579 36.01 -28.02 -3.72
C GLU A 579 37.30 -27.93 -2.91
N GLU A 580 38.13 -28.95 -2.99
CA GLU A 580 39.40 -28.98 -2.28
C GLU A 580 40.43 -28.13 -3.01
N MET A 581 40.23 -27.95 -4.31
CA MET A 581 41.20 -27.24 -5.14
C MET A 581 41.00 -25.73 -5.09
N VAL A 582 39.75 -25.29 -4.90
CA VAL A 582 39.48 -23.85 -4.83
C VAL A 582 40.04 -23.25 -3.55
N LYS A 583 40.04 -24.02 -2.47
CA LYS A 583 40.66 -23.60 -1.21
C LYS A 583 42.15 -23.37 -1.40
N LYS A 584 42.81 -24.36 -1.98
CA LYS A 584 44.24 -24.31 -2.22
C LYS A 584 44.60 -23.18 -3.18
N CYS A 585 43.79 -23.05 -4.24
CA CYS A 585 43.97 -21.98 -5.21
C CYS A 585 43.80 -20.61 -4.57
N LEU A 586 42.68 -20.42 -3.88
CA LEU A 586 42.39 -19.17 -3.18
C LEU A 586 43.51 -18.80 -2.22
N GLY A 587 44.07 -19.80 -1.55
CA GLY A 587 45.20 -19.61 -0.67
C GLY A 587 46.36 -18.93 -1.37
N GLU A 588 46.75 -19.47 -2.52
CA GLU A 588 47.83 -18.91 -3.32
C GLU A 588 47.47 -17.53 -3.85
N LEU A 589 46.24 -17.39 -4.35
CA LEU A 589 45.73 -16.12 -4.83
C LEU A 589 45.86 -15.03 -3.76
N THR A 590 45.62 -15.41 -2.51
CA THR A 590 45.71 -14.47 -1.40
C THR A 590 47.12 -13.95 -1.21
N GLU A 591 48.10 -14.85 -1.30
CA GLU A 591 49.50 -14.48 -1.14
C GLU A 591 49.98 -13.60 -2.27
N VAL A 592 49.51 -13.89 -3.48
CA VAL A 592 49.84 -13.07 -4.64
C VAL A 592 49.40 -11.62 -4.42
N CYS A 593 48.23 -11.45 -3.84
CA CYS A 593 47.72 -10.12 -3.50
C CYS A 593 48.57 -9.49 -2.40
N LYS A 594 48.99 -10.31 -1.45
CA LYS A 594 49.83 -9.85 -0.34
C LYS A 594 51.17 -9.34 -0.87
N SER A 595 51.75 -10.08 -1.82
CA SER A 595 53.02 -9.70 -2.43
C SER A 595 52.86 -8.47 -3.31
N LEU A 596 51.88 -8.51 -4.21
CA LEU A 596 51.57 -7.39 -5.10
C LEU A 596 51.36 -6.10 -4.33
N GLY A 597 50.80 -6.23 -3.13
CA GLY A 597 50.56 -5.07 -2.28
C GLY A 597 51.82 -4.32 -1.92
N LYS A 598 52.78 -5.03 -1.35
CA LYS A 598 54.06 -4.43 -0.96
C LYS A 598 54.79 -3.86 -2.17
N VAL A 599 54.71 -4.58 -3.29
CA VAL A 599 55.31 -4.12 -4.55
C VAL A 599 54.71 -2.78 -4.97
N PHE A 600 53.41 -2.78 -5.23
CA PHE A 600 52.71 -1.58 -5.67
C PHE A 600 52.51 -0.56 -4.55
N GLY A 601 52.94 -0.91 -3.33
CA GLY A 601 52.92 0.00 -2.21
C GLY A 601 51.51 0.29 -1.73
N VAL A 602 50.74 -0.77 -1.57
CA VAL A 602 49.30 -0.66 -1.33
C VAL A 602 48.80 -1.83 -0.47
N HIS A 603 47.78 -1.61 0.34
CA HIS A 603 47.20 -2.68 1.15
C HIS A 603 46.76 -3.85 0.28
N TYR A 604 46.96 -5.07 0.79
CA TYR A 604 46.74 -6.29 0.01
C TYR A 604 45.30 -6.42 -0.48
N PHE A 605 44.37 -5.78 0.22
CA PHE A 605 42.95 -5.88 -0.12
C PHE A 605 42.52 -4.78 -1.08
N ASN A 606 43.39 -3.80 -1.29
CA ASN A 606 43.16 -2.79 -2.31
C ASN A 606 43.73 -3.25 -3.65
N ILE A 607 44.11 -4.51 -3.71
CA ILE A 607 44.48 -5.17 -4.96
C ILE A 607 43.25 -5.87 -5.51
N PHE A 608 42.88 -6.96 -4.86
CA PHE A 608 41.61 -7.64 -5.11
C PHE A 608 40.90 -7.88 -3.79
N ASN A 609 39.64 -7.48 -3.71
CA ASN A 609 38.88 -7.68 -2.47
C ASN A 609 38.55 -9.16 -2.27
N THR A 610 38.01 -9.50 -1.10
CA THR A 610 37.83 -10.89 -0.71
C THR A 610 36.88 -11.65 -1.62
N VAL A 611 35.80 -10.98 -2.05
CA VAL A 611 34.80 -11.63 -2.89
C VAL A 611 35.36 -11.91 -4.28
N THR A 612 36.06 -10.93 -4.84
CA THR A 612 36.71 -11.09 -6.13
C THR A 612 37.63 -12.30 -6.14
N LEU A 613 38.51 -12.37 -5.15
CA LEU A 613 39.43 -13.48 -4.99
C LEU A 613 38.70 -14.82 -4.88
N LYS A 614 37.72 -14.89 -3.98
CA LYS A 614 36.96 -16.10 -3.75
C LYS A 614 36.28 -16.60 -5.03
N LYS A 615 35.89 -15.66 -5.89
CA LYS A 615 35.18 -16.01 -7.13
C LYS A 615 36.15 -16.43 -8.23
N LEU A 616 37.31 -15.79 -8.28
CA LEU A 616 38.40 -16.21 -9.16
C LEU A 616 38.72 -17.69 -8.91
N ALA A 617 38.94 -18.03 -7.65
CA ALA A 617 39.26 -19.40 -7.25
C ALA A 617 38.14 -20.36 -7.64
N GLU A 618 36.89 -19.90 -7.56
CA GLU A 618 35.75 -20.76 -7.83
C GLU A 618 35.59 -21.04 -9.32
N SER A 619 36.20 -20.19 -10.15
CA SER A 619 36.21 -20.42 -11.59
C SER A 619 37.34 -21.37 -11.98
N LEU A 620 38.48 -21.22 -11.30
CA LEU A 620 39.70 -21.97 -11.60
C LEU A 620 40.16 -21.75 -13.04
N SER A 621 39.61 -20.74 -13.69
CA SER A 621 39.92 -20.48 -15.09
C SER A 621 41.09 -19.53 -15.26
N SER A 622 41.80 -19.68 -16.37
CA SER A 622 42.84 -18.74 -16.75
C SER A 622 42.38 -17.96 -17.97
N ASP A 623 41.22 -18.34 -18.50
CA ASP A 623 40.61 -17.68 -19.64
C ASP A 623 40.13 -16.28 -19.26
N PRO A 624 40.79 -15.23 -19.78
CA PRO A 624 40.47 -13.84 -19.43
C PRO A 624 39.06 -13.44 -19.81
N GLU A 625 38.47 -14.15 -20.77
CA GLU A 625 37.09 -13.89 -21.19
C GLU A 625 36.11 -14.31 -20.11
N VAL A 626 36.58 -15.12 -19.16
CA VAL A 626 35.74 -15.58 -18.06
C VAL A 626 36.04 -14.78 -16.79
N LEU A 627 37.29 -14.36 -16.66
CA LEU A 627 37.74 -13.62 -15.48
C LEU A 627 37.14 -12.22 -15.43
N LEU A 628 37.12 -11.56 -16.57
CA LEU A 628 36.57 -10.20 -16.68
C LEU A 628 35.07 -10.18 -16.40
N GLN A 629 34.46 -11.36 -16.34
CA GLN A 629 33.04 -11.48 -16.05
C GLN A 629 32.78 -11.58 -14.55
N ILE A 630 33.82 -11.29 -13.76
CA ILE A 630 33.71 -11.35 -12.30
C ILE A 630 33.87 -9.96 -11.69
N ASP A 631 33.04 -9.66 -10.70
CA ASP A 631 33.02 -8.34 -10.05
C ASP A 631 34.38 -7.96 -9.48
N GLY A 632 34.93 -6.86 -9.97
CA GLY A 632 36.19 -6.34 -9.48
C GLY A 632 37.35 -6.57 -10.44
N VAL A 633 37.15 -7.46 -11.41
CA VAL A 633 38.15 -7.73 -12.42
C VAL A 633 38.01 -6.76 -13.59
N THR A 634 39.00 -5.88 -13.73
CA THR A 634 38.97 -4.85 -14.77
C THR A 634 40.17 -5.03 -15.69
N GLU A 635 40.13 -4.36 -16.84
CA GLU A 635 41.19 -4.50 -17.83
C GLU A 635 42.55 -4.06 -17.27
N ASP A 636 42.58 -2.90 -16.61
CA ASP A 636 43.80 -2.39 -16.03
C ASP A 636 44.34 -3.31 -14.94
N LYS A 637 43.47 -3.74 -14.03
CA LYS A 637 43.90 -4.58 -12.92
C LYS A 637 44.35 -5.96 -13.39
N LEU A 638 43.69 -6.48 -14.43
CA LEU A 638 44.06 -7.78 -14.98
C LEU A 638 45.29 -7.64 -15.88
N GLU A 639 45.72 -6.41 -16.11
CA GLU A 639 46.90 -6.14 -16.92
C GLU A 639 48.16 -5.98 -16.06
N LYS A 640 48.02 -5.28 -14.93
CA LYS A 640 49.17 -5.02 -14.08
C LYS A 640 49.26 -5.97 -12.89
N TYR A 641 48.21 -6.77 -12.68
CA TYR A 641 48.21 -7.78 -11.62
C TYR A 641 47.94 -9.16 -12.21
N GLY A 642 47.78 -9.22 -13.53
CA GLY A 642 47.30 -10.41 -14.18
C GLY A 642 48.23 -11.61 -14.23
N ALA A 643 49.46 -11.38 -14.69
CA ALA A 643 50.43 -12.45 -14.92
C ALA A 643 50.58 -13.39 -13.73
N GLU A 644 50.71 -12.80 -12.54
CA GLU A 644 50.89 -13.57 -11.32
C GLU A 644 49.64 -14.39 -10.98
N VAL A 645 48.48 -13.78 -11.15
CA VAL A 645 47.21 -14.42 -10.82
C VAL A 645 46.88 -15.55 -11.81
N ILE A 646 47.05 -15.28 -13.09
CA ILE A 646 46.75 -16.26 -14.14
C ILE A 646 47.70 -17.45 -14.02
N SER A 647 48.93 -17.18 -13.61
CA SER A 647 49.93 -18.22 -13.38
C SER A 647 49.43 -19.26 -12.40
N VAL A 648 48.97 -18.79 -11.24
CA VAL A 648 48.44 -19.67 -10.20
C VAL A 648 47.24 -20.48 -10.67
N LEU A 649 46.42 -19.86 -11.52
CA LEU A 649 45.18 -20.48 -11.96
C LEU A 649 45.42 -21.52 -13.05
N GLN A 650 46.59 -21.42 -13.69
CA GLN A 650 46.97 -22.38 -14.72
C GLN A 650 47.22 -23.77 -14.14
N LYS A 651 47.69 -23.81 -12.89
CA LYS A 651 48.04 -25.07 -12.25
C LYS A 651 46.82 -25.98 -12.09
N TYR A 652 45.66 -25.37 -11.98
CA TYR A 652 44.42 -26.11 -11.76
C TYR A 652 43.58 -26.25 -13.02
N SER A 653 44.22 -26.06 -14.17
CA SER A 653 43.53 -26.07 -15.46
C SER A 653 42.74 -27.36 -15.74
N GLU A 654 43.22 -28.48 -15.21
CA GLU A 654 42.59 -29.77 -15.44
C GLU A 654 41.48 -30.07 -14.42
N TRP A 655 40.90 -29.02 -13.85
CA TRP A 655 39.85 -29.15 -12.85
C TRP A 655 38.69 -28.18 -13.11
N THR A 656 38.79 -27.43 -14.20
CA THR A 656 37.89 -26.30 -14.45
C THR A 656 36.56 -26.73 -15.08
N SER A 657 35.82 -27.58 -14.39
CA SER A 657 34.52 -28.01 -14.86
C SER A 657 33.42 -27.59 -13.89
N HIS B 8 -3.10 1.59 2.81
CA HIS B 8 -2.20 2.71 3.07
C HIS B 8 -2.32 3.17 4.51
N GLU B 9 -2.10 2.25 5.44
CA GLU B 9 -2.21 2.55 6.87
C GLU B 9 -1.28 3.67 7.32
N ARG B 10 -0.07 3.73 6.76
CA ARG B 10 0.87 4.80 7.10
C ARG B 10 0.32 6.19 6.79
N PHE B 11 -0.46 6.28 5.71
CA PHE B 11 -0.92 7.58 5.21
C PHE B 11 -2.19 8.05 5.90
N GLN B 12 -2.65 7.27 6.88
CA GLN B 12 -3.88 7.61 7.59
C GLN B 12 -3.56 8.45 8.83
N SER B 13 -2.27 8.54 9.16
CA SER B 13 -1.83 9.20 10.39
C SER B 13 -1.80 10.72 10.28
N LEU B 14 -1.94 11.38 11.43
CA LEU B 14 -1.82 12.84 11.52
C LEU B 14 -0.55 13.21 12.25
N SER B 15 0.38 12.25 12.34
CA SER B 15 1.62 12.45 13.07
C SER B 15 2.69 13.18 12.25
N PHE B 16 2.47 13.27 10.94
CA PHE B 16 3.43 13.87 10.03
C PHE B 16 3.73 15.32 10.38
N PRO B 17 4.93 15.81 10.02
CA PRO B 17 5.31 17.20 10.32
C PRO B 17 4.45 18.22 9.59
N HIS B 18 4.05 17.92 8.36
CA HIS B 18 3.25 18.83 7.55
C HIS B 18 1.81 18.92 8.03
N THR B 19 1.40 17.97 8.87
CA THR B 19 0.00 17.84 9.30
C THR B 19 -0.54 19.11 9.95
N LYS B 20 0.29 19.81 10.70
CA LYS B 20 -0.13 21.03 11.36
C LYS B 20 -0.61 22.09 10.37
N GLU B 21 0.24 22.42 9.41
CA GLU B 21 -0.07 23.45 8.42
C GLU B 21 -1.15 22.99 7.44
N MET B 22 -1.11 21.72 7.06
CA MET B 22 -2.07 21.17 6.11
C MET B 22 -3.50 21.30 6.64
N MET B 23 -3.69 20.97 7.91
CA MET B 23 -4.99 21.09 8.56
C MET B 23 -5.40 22.55 8.69
N LYS B 24 -4.41 23.43 8.78
CA LYS B 24 -4.66 24.87 8.90
C LYS B 24 -5.32 25.41 7.63
N ILE B 25 -4.79 25.02 6.49
CA ILE B 25 -5.31 25.45 5.20
C ILE B 25 -6.62 24.73 4.87
N PHE B 26 -6.72 23.48 5.31
CA PHE B 26 -7.91 22.67 5.08
C PHE B 26 -9.15 23.23 5.77
N HIS B 27 -8.96 23.73 6.98
CA HIS B 27 -10.07 24.24 7.78
C HIS B 27 -10.38 25.71 7.50
N LYS B 28 -9.34 26.53 7.37
CA LYS B 28 -9.52 27.98 7.30
C LYS B 28 -9.59 28.54 5.89
N LYS B 29 -8.85 27.93 4.96
CA LYS B 29 -8.82 28.42 3.58
C LYS B 29 -9.89 27.76 2.70
N PHE B 30 -9.99 26.44 2.78
CA PHE B 30 -10.96 25.71 1.97
C PHE B 30 -12.31 25.67 2.68
N GLY B 31 -12.29 25.59 4.01
CA GLY B 31 -13.52 25.63 4.78
C GLY B 31 -14.16 24.29 5.03
N LEU B 32 -13.40 23.22 4.83
CA LEU B 32 -13.92 21.86 4.98
C LEU B 32 -13.62 21.33 6.39
N HIS B 33 -14.31 20.27 6.78
CA HIS B 33 -14.22 19.77 8.14
C HIS B 33 -13.69 18.33 8.21
N ASN B 34 -14.20 17.46 7.35
CA ASN B 34 -13.81 16.07 7.34
C ASN B 34 -13.41 15.58 5.96
N PHE B 35 -12.31 14.83 5.89
CA PHE B 35 -11.84 14.28 4.62
C PHE B 35 -12.75 13.16 4.13
N ARG B 36 -12.92 13.08 2.81
CA ARG B 36 -13.66 11.98 2.21
C ARG B 36 -12.73 10.81 1.97
N THR B 37 -13.25 9.74 1.36
CA THR B 37 -12.49 8.51 1.16
C THR B 37 -11.19 8.74 0.39
N ASN B 38 -10.09 8.28 0.97
CA ASN B 38 -8.76 8.33 0.36
C ASN B 38 -8.27 9.74 0.06
N GLN B 39 -8.89 10.74 0.69
CA GLN B 39 -8.44 12.12 0.51
C GLN B 39 -7.24 12.42 1.40
N LEU B 40 -7.39 12.13 2.69
CA LEU B 40 -6.32 12.34 3.65
C LEU B 40 -5.07 11.53 3.29
N GLU B 41 -5.30 10.29 2.86
CA GLU B 41 -4.21 9.40 2.48
C GLU B 41 -3.45 9.92 1.26
N ALA B 42 -4.20 10.36 0.26
CA ALA B 42 -3.60 10.83 -0.99
C ALA B 42 -2.86 12.15 -0.79
N ILE B 43 -3.42 13.02 0.04
CA ILE B 43 -2.81 14.30 0.33
C ILE B 43 -1.50 14.10 1.10
N ASN B 44 -1.57 13.34 2.19
CA ASN B 44 -0.38 12.97 2.98
C ASN B 44 0.72 12.41 2.09
N ALA B 45 0.39 11.39 1.29
CA ALA B 45 1.34 10.74 0.41
C ALA B 45 2.00 11.75 -0.54
N ALA B 46 1.18 12.64 -1.09
CA ALA B 46 1.67 13.66 -2.02
C ALA B 46 2.68 14.57 -1.35
N LEU B 47 2.41 14.94 -0.09
CA LEU B 47 3.31 15.80 0.66
C LEU B 47 4.54 15.06 1.16
N LEU B 48 4.66 13.79 0.82
CA LEU B 48 5.85 13.01 1.15
C LEU B 48 6.66 12.68 -0.10
N GLY B 49 6.22 13.21 -1.25
CA GLY B 49 6.96 13.05 -2.48
C GLY B 49 6.58 11.82 -3.30
N GLU B 50 5.43 11.24 -2.98
CA GLU B 50 4.98 10.03 -3.67
C GLU B 50 4.38 10.35 -5.04
N ASP B 51 4.51 9.41 -5.97
CA ASP B 51 3.79 9.49 -7.23
C ASP B 51 2.39 8.92 -7.01
N CYS B 52 1.37 9.79 -7.05
CA CYS B 52 0.02 9.37 -6.74
C CYS B 52 -0.84 9.18 -7.99
N PHE B 53 -1.73 8.21 -7.94
CA PHE B 53 -2.67 7.94 -9.04
C PHE B 53 -4.08 7.85 -8.48
N ILE B 54 -4.85 8.92 -8.67
CA ILE B 54 -6.18 9.03 -8.08
C ILE B 54 -7.30 8.53 -8.99
N LEU B 55 -8.05 7.54 -8.49
CA LEU B 55 -9.25 7.08 -9.18
C LEU B 55 -10.47 7.41 -8.35
N MET B 56 -11.22 8.43 -8.77
CA MET B 56 -12.44 8.83 -8.09
C MET B 56 -13.49 9.23 -9.12
N PRO B 57 -14.76 8.91 -8.85
CA PRO B 57 -15.84 9.31 -9.75
C PRO B 57 -16.05 10.82 -9.77
N THR B 58 -16.82 11.31 -10.73
CA THR B 58 -17.15 12.73 -10.81
C THR B 58 -17.73 13.23 -9.49
N GLY B 59 -17.20 14.34 -9.00
CA GLY B 59 -17.69 14.94 -7.77
C GLY B 59 -17.12 14.31 -6.52
N GLY B 60 -16.22 13.36 -6.70
CA GLY B 60 -15.59 12.67 -5.59
C GLY B 60 -14.83 13.59 -4.65
N GLY B 61 -13.99 14.45 -5.22
CA GLY B 61 -13.18 15.36 -4.44
C GLY B 61 -11.73 15.29 -4.83
N LYS B 62 -11.47 15.10 -6.12
CA LYS B 62 -10.11 14.97 -6.63
C LYS B 62 -9.31 16.27 -6.56
N SER B 63 -9.99 17.39 -6.72
CA SER B 63 -9.31 18.69 -6.75
C SER B 63 -8.51 18.93 -5.47
N LEU B 64 -9.13 18.63 -4.33
CA LEU B 64 -8.49 18.82 -3.04
C LEU B 64 -7.21 17.99 -2.92
N CYS B 65 -7.17 16.86 -3.62
CA CYS B 65 -6.05 15.93 -3.50
C CYS B 65 -4.75 16.49 -4.03
N TYR B 66 -4.80 17.58 -4.80
CA TYR B 66 -3.58 18.22 -5.28
C TYR B 66 -3.56 19.72 -5.01
N GLN B 67 -4.73 20.32 -4.86
CA GLN B 67 -4.82 21.74 -4.57
C GLN B 67 -4.41 22.05 -3.13
N LEU B 68 -4.84 21.22 -2.19
CA LEU B 68 -4.42 21.38 -0.80
C LEU B 68 -2.92 21.17 -0.62
N PRO B 69 -2.35 20.07 -1.17
CA PRO B 69 -0.88 19.96 -1.12
C PRO B 69 -0.15 21.16 -1.70
N ALA B 70 -0.70 21.73 -2.77
CA ALA B 70 -0.07 22.86 -3.46
C ALA B 70 0.05 24.08 -2.56
N CYS B 71 -0.95 24.30 -1.71
CA CYS B 71 -0.94 25.44 -0.81
C CYS B 71 0.09 25.30 0.30
N VAL B 72 0.47 24.05 0.60
CA VAL B 72 1.42 23.77 1.66
C VAL B 72 2.68 23.11 1.06
N SER B 73 3.28 23.81 0.12
CA SER B 73 4.50 23.35 -0.53
C SER B 73 5.33 24.51 -1.05
N PRO B 74 6.67 24.42 -0.90
CA PRO B 74 7.56 25.43 -1.48
C PRO B 74 7.50 25.44 -3.00
N GLY B 75 7.19 26.60 -3.58
CA GLY B 75 7.15 26.73 -5.02
C GLY B 75 5.76 26.56 -5.59
N VAL B 76 5.69 26.23 -6.88
CA VAL B 76 4.42 26.17 -7.59
C VAL B 76 4.13 24.77 -8.11
N THR B 77 2.86 24.38 -8.01
CA THR B 77 2.38 23.15 -8.64
C THR B 77 1.92 23.42 -10.05
N VAL B 78 2.42 22.66 -11.02
CA VAL B 78 2.03 22.84 -12.41
C VAL B 78 0.98 21.80 -12.81
N VAL B 79 -0.24 22.27 -13.08
CA VAL B 79 -1.35 21.38 -13.39
C VAL B 79 -1.67 21.39 -14.87
N ILE B 80 -1.62 20.20 -15.48
CA ILE B 80 -1.94 20.06 -16.90
C ILE B 80 -3.43 19.71 -17.06
N SER B 81 -4.13 20.53 -17.83
CA SER B 81 -5.54 20.29 -18.13
C SER B 81 -5.75 20.26 -19.64
N PRO B 82 -6.80 19.55 -20.10
CA PRO B 82 -7.02 19.41 -21.55
C PRO B 82 -7.77 20.57 -22.19
N LEU B 83 -8.39 21.43 -21.37
CA LEU B 83 -9.23 22.52 -21.89
C LEU B 83 -9.12 23.76 -21.01
N ARG B 84 -9.09 24.92 -21.64
CA ARG B 84 -9.00 26.18 -20.91
C ARG B 84 -10.27 26.42 -20.10
N SER B 85 -11.39 25.85 -20.56
CA SER B 85 -12.66 25.96 -19.86
C SER B 85 -12.57 25.34 -18.48
N LEU B 86 -12.00 24.14 -18.40
CA LEU B 86 -11.77 23.46 -17.14
C LEU B 86 -10.81 24.27 -16.28
N ILE B 87 -9.71 24.70 -16.89
CA ILE B 87 -8.72 25.55 -16.24
C ILE B 87 -9.34 26.80 -15.65
N VAL B 88 -10.13 27.50 -16.45
CA VAL B 88 -10.74 28.76 -16.06
C VAL B 88 -11.63 28.57 -14.83
N ASP B 89 -12.34 27.46 -14.78
CA ASP B 89 -13.26 27.18 -13.68
C ASP B 89 -12.51 26.91 -12.38
N GLN B 90 -11.38 26.21 -12.49
CA GLN B 90 -10.59 25.86 -11.31
C GLN B 90 -9.89 27.09 -10.75
N VAL B 91 -9.32 27.91 -11.63
CA VAL B 91 -8.65 29.13 -11.22
C VAL B 91 -9.65 30.10 -10.59
N GLN B 92 -10.85 30.17 -11.18
CA GLN B 92 -11.92 31.00 -10.64
C GLN B 92 -12.32 30.53 -9.24
N LYS B 93 -12.29 29.22 -9.04
CA LYS B 93 -12.60 28.63 -7.74
C LYS B 93 -11.52 28.98 -6.71
N LEU B 94 -10.28 28.99 -7.16
CA LEU B 94 -9.13 29.22 -6.27
C LEU B 94 -9.01 30.68 -5.88
N THR B 95 -9.12 31.58 -6.86
CA THR B 95 -9.04 33.02 -6.59
C THR B 95 -10.24 33.48 -5.76
N SER B 96 -11.32 32.70 -5.80
CA SER B 96 -12.49 32.98 -4.98
C SER B 96 -12.23 32.63 -3.52
N LEU B 97 -11.15 31.91 -3.27
CA LEU B 97 -10.75 31.56 -1.91
C LEU B 97 -9.46 32.27 -1.55
N ASP B 98 -9.07 33.23 -2.39
CA ASP B 98 -7.82 33.96 -2.25
C ASP B 98 -6.63 32.99 -2.18
N ILE B 99 -6.69 31.97 -3.03
CA ILE B 99 -5.56 31.06 -3.22
C ILE B 99 -4.92 31.39 -4.56
N PRO B 100 -3.71 31.97 -4.52
CA PRO B 100 -3.00 32.43 -5.72
C PRO B 100 -2.88 31.36 -6.80
N ALA B 101 -3.44 31.66 -7.97
CA ALA B 101 -3.40 30.74 -9.09
C ALA B 101 -3.68 31.47 -10.41
N THR B 102 -3.17 30.90 -11.50
CA THR B 102 -3.43 31.43 -12.83
C THR B 102 -2.98 30.41 -13.87
N TYR B 103 -2.99 30.83 -15.14
CA TYR B 103 -2.77 29.87 -16.23
C TYR B 103 -2.15 30.49 -17.47
N LEU B 104 -1.44 29.66 -18.22
CA LEU B 104 -0.96 30.02 -19.55
C LEU B 104 -1.54 29.07 -20.58
N THR B 105 -2.71 29.39 -21.10
CA THR B 105 -3.38 28.54 -22.07
C THR B 105 -2.92 28.83 -23.51
N GLY B 106 -2.56 30.08 -23.78
CA GLY B 106 -2.08 30.47 -25.09
C GLY B 106 -2.83 31.68 -25.64
N ASP B 107 -4.10 31.80 -25.26
CA ASP B 107 -4.90 32.96 -25.65
C ASP B 107 -4.73 34.07 -24.63
N LYS B 108 -3.83 33.86 -23.68
CA LYS B 108 -3.44 34.89 -22.74
C LYS B 108 -2.47 35.83 -23.46
N THR B 109 -2.79 37.12 -23.48
CA THR B 109 -1.99 38.09 -24.21
C THR B 109 -0.55 38.16 -23.71
N ASP B 110 0.34 38.56 -24.61
CA ASP B 110 1.78 38.57 -24.34
C ASP B 110 2.17 39.47 -23.16
N SER B 111 1.42 40.54 -22.95
CA SER B 111 1.70 41.45 -21.84
C SER B 111 1.45 40.77 -20.50
N GLU B 112 0.28 40.17 -20.36
CA GLU B 112 -0.05 39.41 -19.15
C GLU B 112 0.81 38.15 -19.04
N ALA B 113 0.99 37.47 -20.16
CA ALA B 113 1.75 36.22 -20.19
C ALA B 113 3.18 36.42 -19.71
N THR B 114 3.84 37.45 -20.22
CA THR B 114 5.20 37.76 -19.83
C THR B 114 5.24 38.15 -18.36
N ASN B 115 4.22 38.88 -17.91
CA ASN B 115 4.13 39.30 -16.53
C ASN B 115 4.03 38.11 -15.58
N ILE B 116 3.44 37.02 -16.08
CA ILE B 116 3.40 35.76 -15.34
C ILE B 116 4.81 35.19 -15.24
N TYR B 117 5.49 35.08 -16.37
CA TYR B 117 6.86 34.58 -16.40
C TYR B 117 7.78 35.41 -15.51
N LEU B 118 7.45 36.70 -15.37
CA LEU B 118 8.17 37.60 -14.48
C LEU B 118 7.94 37.22 -13.02
N GLN B 119 6.68 37.01 -12.66
CA GLN B 119 6.30 36.68 -11.29
C GLN B 119 6.86 35.31 -10.91
N LEU B 120 6.99 34.44 -11.89
CA LEU B 120 7.59 33.13 -11.69
C LEU B 120 9.10 33.26 -11.53
N SER B 121 9.68 34.22 -12.25
CA SER B 121 11.11 34.47 -12.19
C SER B 121 11.49 35.01 -10.81
N LYS B 122 10.58 35.80 -10.23
CA LYS B 122 10.78 36.36 -8.90
C LYS B 122 10.98 35.22 -7.91
N LYS B 123 12.10 35.24 -7.19
CA LYS B 123 12.42 34.14 -6.27
C LYS B 123 11.59 34.16 -4.98
N ASP B 124 10.49 34.91 -5.00
CA ASP B 124 9.54 34.92 -3.88
C ASP B 124 8.11 34.61 -4.30
N PRO B 125 7.91 33.68 -5.25
CA PRO B 125 6.60 33.63 -5.91
C PRO B 125 5.46 33.27 -4.96
N ILE B 126 4.34 33.97 -5.08
CA ILE B 126 3.17 33.74 -4.25
C ILE B 126 2.26 32.73 -4.94
N ILE B 127 2.55 32.42 -6.19
CA ILE B 127 1.68 31.60 -7.01
C ILE B 127 1.92 30.11 -6.75
N LYS B 128 0.89 29.45 -6.25
CA LYS B 128 0.98 28.04 -5.90
C LYS B 128 0.52 27.12 -7.03
N LEU B 129 -0.52 27.55 -7.75
CA LEU B 129 -1.06 26.76 -8.84
C LEU B 129 -0.85 27.45 -10.18
N LEU B 130 -0.18 26.76 -11.10
CA LEU B 130 -0.03 27.26 -12.46
C LEU B 130 -0.63 26.26 -13.44
N TYR B 131 -1.86 26.51 -13.87
CA TYR B 131 -2.51 25.64 -14.83
C TYR B 131 -1.98 25.87 -16.23
N VAL B 132 -2.05 24.85 -17.06
CA VAL B 132 -1.50 24.92 -18.41
C VAL B 132 -2.10 23.84 -19.30
N THR B 133 -2.21 24.13 -20.58
CA THR B 133 -2.73 23.18 -21.55
C THR B 133 -1.55 22.40 -22.15
N PRO B 134 -1.82 21.20 -22.71
CA PRO B 134 -0.69 20.36 -23.14
C PRO B 134 0.05 20.92 -24.35
N GLU B 135 -0.67 21.47 -25.32
CA GLU B 135 -0.03 21.98 -26.53
C GLU B 135 0.83 23.20 -26.21
N LYS B 136 0.50 23.91 -25.14
CA LYS B 136 1.28 25.07 -24.72
C LYS B 136 2.69 24.65 -24.34
N ILE B 137 2.78 23.62 -23.51
CA ILE B 137 4.07 23.04 -23.13
C ILE B 137 4.81 22.56 -24.38
N CYS B 138 4.10 21.88 -25.27
CA CYS B 138 4.66 21.38 -26.51
C CYS B 138 5.14 22.50 -27.43
N ALA B 139 4.29 23.51 -27.66
CA ALA B 139 4.60 24.58 -28.59
C ALA B 139 5.56 25.61 -27.99
N SER B 140 5.25 26.09 -26.79
CA SER B 140 6.05 27.14 -26.18
C SER B 140 7.27 26.59 -25.43
N ASN B 141 8.45 26.87 -25.95
CA ASN B 141 9.69 26.54 -25.25
C ASN B 141 10.08 27.65 -24.28
N ARG B 142 9.23 28.68 -24.18
CA ARG B 142 9.46 29.75 -23.23
C ARG B 142 9.02 29.31 -21.85
N LEU B 143 7.89 28.59 -21.79
CA LEU B 143 7.37 28.07 -20.54
C LEU B 143 8.37 27.09 -19.93
N ILE B 144 8.95 26.25 -20.78
CA ILE B 144 9.93 25.26 -20.34
C ILE B 144 11.11 25.97 -19.68
N SER B 145 11.62 27.00 -20.36
CA SER B 145 12.77 27.75 -19.87
C SER B 145 12.41 28.51 -18.60
N THR B 146 11.12 28.69 -18.37
CA THR B 146 10.63 29.28 -17.13
C THR B 146 10.59 28.20 -16.06
N LEU B 147 9.96 27.07 -16.39
CA LEU B 147 9.90 25.93 -15.49
C LEU B 147 11.29 25.49 -15.06
N GLU B 148 12.23 25.51 -16.02
CA GLU B 148 13.61 25.15 -15.75
C GLU B 148 14.21 26.00 -14.63
N ASN B 149 13.79 27.26 -14.56
CA ASN B 149 14.27 28.16 -13.52
C ASN B 149 13.67 27.80 -12.16
N LEU B 150 12.42 27.36 -12.16
CA LEU B 150 11.79 26.89 -10.93
C LEU B 150 12.43 25.60 -10.45
N TYR B 151 12.74 24.72 -11.40
CA TYR B 151 13.37 23.44 -11.11
C TYR B 151 14.75 23.65 -10.48
N GLU B 152 15.54 24.52 -11.09
CA GLU B 152 16.90 24.80 -10.64
C GLU B 152 16.92 25.44 -9.27
N ARG B 153 15.88 26.21 -8.94
CA ARG B 153 15.80 26.88 -7.65
C ARG B 153 15.01 26.01 -6.68
N LYS B 154 14.73 24.79 -7.10
CA LYS B 154 14.00 23.81 -6.29
C LYS B 154 12.64 24.34 -5.87
N LEU B 155 11.85 24.79 -6.84
CA LEU B 155 10.54 25.37 -6.57
C LEU B 155 9.46 24.77 -7.46
N LEU B 156 9.80 23.69 -8.16
CA LEU B 156 8.79 22.92 -8.88
C LEU B 156 8.24 21.83 -7.96
N ALA B 157 7.10 22.12 -7.33
CA ALA B 157 6.53 21.23 -6.34
C ALA B 157 6.14 19.87 -6.91
N ARG B 158 5.35 19.88 -7.99
CA ARG B 158 4.88 18.65 -8.61
C ARG B 158 4.13 18.87 -9.92
N PHE B 159 4.10 17.83 -10.75
CA PHE B 159 3.32 17.84 -11.99
C PHE B 159 1.98 17.13 -11.83
N VAL B 160 0.91 17.91 -11.74
CA VAL B 160 -0.44 17.34 -11.71
C VAL B 160 -0.98 17.14 -13.12
N ILE B 161 -1.40 15.93 -13.42
CA ILE B 161 -2.00 15.62 -14.70
C ILE B 161 -3.49 15.35 -14.52
N ASP B 162 -4.30 16.38 -14.76
CA ASP B 162 -5.75 16.27 -14.63
C ASP B 162 -6.34 15.59 -15.85
N GLU B 163 -7.47 14.91 -15.68
CA GLU B 163 -8.16 14.24 -16.77
C GLU B 163 -7.22 13.27 -17.49
N ALA B 164 -6.41 12.56 -16.71
CA ALA B 164 -5.33 11.73 -17.22
C ALA B 164 -5.76 10.67 -18.25
N HIS B 165 -7.06 10.39 -18.31
CA HIS B 165 -7.59 9.41 -19.24
C HIS B 165 -7.47 9.83 -20.71
N CYS B 166 -6.99 11.05 -20.94
CA CYS B 166 -6.88 11.58 -22.29
C CYS B 166 -5.65 11.07 -23.01
N VAL B 167 -4.80 10.34 -22.31
CA VAL B 167 -3.58 9.80 -22.89
C VAL B 167 -3.88 8.46 -23.57
N SER B 168 -4.97 7.82 -23.16
CA SER B 168 -5.30 6.49 -23.63
C SER B 168 -6.18 6.51 -24.89
N GLN B 169 -5.77 5.73 -25.89
CA GLN B 169 -6.58 5.54 -27.09
C GLN B 169 -7.81 4.69 -26.76
N TRP B 170 -7.75 4.00 -25.62
CA TRP B 170 -8.85 3.18 -25.15
C TRP B 170 -9.87 4.00 -24.35
N GLY B 171 -9.55 5.27 -24.14
CA GLY B 171 -10.39 6.15 -23.34
C GLY B 171 -11.45 6.86 -24.15
N HIS B 172 -12.50 7.31 -23.46
CA HIS B 172 -13.63 7.96 -24.12
C HIS B 172 -13.29 9.33 -24.68
N ASP B 173 -12.09 9.82 -24.39
CA ASP B 173 -11.67 11.13 -24.88
C ASP B 173 -10.16 11.19 -25.06
N PHE B 174 -9.66 10.60 -26.14
CA PHE B 174 -8.23 10.60 -26.43
C PHE B 174 -7.79 11.94 -27.02
N ARG B 175 -6.67 12.46 -26.51
CA ARG B 175 -6.10 13.69 -27.02
C ARG B 175 -4.62 13.47 -27.31
N GLN B 176 -4.21 13.84 -28.54
CA GLN B 176 -2.87 13.57 -29.03
C GLN B 176 -1.78 14.25 -28.19
N ASP B 177 -2.04 15.48 -27.76
CA ASP B 177 -1.04 16.28 -27.07
C ASP B 177 -0.61 15.68 -25.72
N TYR B 178 -1.42 14.77 -25.19
CA TYR B 178 -1.12 14.14 -23.90
C TYR B 178 0.00 13.11 -24.03
N LYS B 179 0.19 12.57 -25.23
CA LYS B 179 1.28 11.63 -25.49
C LYS B 179 2.64 12.30 -25.40
N ARG B 180 2.69 13.59 -25.71
CA ARG B 180 3.94 14.33 -25.73
C ARG B 180 4.33 14.88 -24.36
N MET B 181 3.68 14.36 -23.32
CA MET B 181 3.93 14.81 -21.96
C MET B 181 5.12 14.11 -21.27
N ASN B 182 5.56 12.99 -21.84
CA ASN B 182 6.65 12.21 -21.26
C ASN B 182 8.00 12.91 -21.26
N MET B 183 8.18 13.87 -22.16
CA MET B 183 9.41 14.67 -22.19
C MET B 183 9.49 15.61 -20.99
N LEU B 184 8.37 15.78 -20.29
CA LEU B 184 8.32 16.63 -19.11
C LEU B 184 9.05 15.99 -17.94
N ARG B 185 9.01 14.67 -17.87
CA ARG B 185 9.74 13.94 -16.83
C ARG B 185 11.22 13.87 -17.21
N GLN B 186 11.48 13.80 -18.52
CA GLN B 186 12.85 13.79 -19.03
C GLN B 186 13.64 15.00 -18.54
N LYS B 187 13.08 16.18 -18.76
CA LYS B 187 13.72 17.43 -18.39
C LYS B 187 13.65 17.69 -16.89
N PHE B 188 12.62 17.16 -16.25
CA PHE B 188 12.38 17.41 -14.82
C PHE B 188 12.14 16.11 -14.06
N PRO B 189 13.15 15.23 -13.98
CA PRO B 189 12.96 13.91 -13.37
C PRO B 189 12.71 13.94 -11.87
N SER B 190 13.31 14.88 -11.15
CA SER B 190 13.18 14.93 -9.69
C SER B 190 11.76 15.27 -9.24
N VAL B 191 10.97 15.83 -10.15
CA VAL B 191 9.65 16.35 -9.80
C VAL B 191 8.60 15.25 -9.70
N PRO B 192 7.88 15.20 -8.56
CA PRO B 192 6.77 14.26 -8.34
C PRO B 192 5.63 14.45 -9.34
N VAL B 193 5.11 13.35 -9.87
CA VAL B 193 4.01 13.42 -10.82
C VAL B 193 2.73 12.85 -10.21
N MET B 194 1.60 13.48 -10.50
CA MET B 194 0.32 13.06 -9.95
C MET B 194 -0.75 13.03 -11.05
N ALA B 195 -1.40 11.88 -11.20
CA ALA B 195 -2.42 11.72 -12.22
C ALA B 195 -3.80 11.50 -11.62
N LEU B 196 -4.79 12.21 -12.16
CA LEU B 196 -6.17 12.05 -11.71
C LEU B 196 -7.09 11.77 -12.89
N THR B 197 -8.11 10.96 -12.66
CA THR B 197 -9.08 10.63 -13.70
C THR B 197 -10.39 10.15 -13.10
N ALA B 198 -11.47 10.29 -13.85
CA ALA B 198 -12.78 9.84 -13.40
C ALA B 198 -13.25 8.63 -14.21
N THR B 199 -12.31 7.96 -14.84
CA THR B 199 -12.63 6.78 -15.64
C THR B 199 -12.73 5.54 -14.77
N ALA B 200 -13.86 4.85 -14.88
CA ALA B 200 -14.10 3.62 -14.12
C ALA B 200 -13.50 2.42 -14.84
N ASN B 201 -13.41 2.54 -16.17
CA ASN B 201 -12.85 1.48 -17.01
C ASN B 201 -11.43 1.12 -16.60
N PRO B 202 -11.25 -0.09 -16.03
CA PRO B 202 -9.96 -0.54 -15.52
C PRO B 202 -8.92 -0.69 -16.62
N ARG B 203 -9.36 -1.12 -17.80
CA ARG B 203 -8.46 -1.27 -18.94
C ARG B 203 -7.86 0.07 -19.34
N VAL B 204 -8.62 1.14 -19.11
CA VAL B 204 -8.15 2.48 -19.39
C VAL B 204 -7.25 2.98 -18.27
N GLN B 205 -7.64 2.71 -17.03
CA GLN B 205 -6.89 3.14 -15.86
C GLN B 205 -5.46 2.62 -15.90
N LYS B 206 -5.31 1.36 -16.30
CA LYS B 206 -3.99 0.74 -16.43
C LYS B 206 -3.18 1.40 -17.53
N ASP B 207 -3.82 1.64 -18.67
CA ASP B 207 -3.14 2.21 -19.84
C ASP B 207 -2.57 3.59 -19.56
N ILE B 208 -3.27 4.36 -18.73
CA ILE B 208 -2.81 5.70 -18.35
C ILE B 208 -1.41 5.64 -17.77
N LEU B 209 -1.20 4.68 -16.88
CA LEU B 209 0.09 4.52 -16.21
C LEU B 209 1.18 4.09 -17.18
N THR B 210 0.85 3.14 -18.04
CA THR B 210 1.81 2.63 -19.02
C THR B 210 2.26 3.70 -20.02
N GLN B 211 1.31 4.52 -20.46
CA GLN B 211 1.61 5.54 -21.47
C GLN B 211 2.42 6.69 -20.88
N LEU B 212 2.02 7.14 -19.68
CA LEU B 212 2.76 8.16 -18.95
C LEU B 212 4.06 7.59 -18.41
N LYS B 213 4.18 6.27 -18.53
CA LYS B 213 5.33 5.50 -18.07
C LYS B 213 5.58 5.66 -16.57
N ILE B 214 4.49 5.72 -15.81
CA ILE B 214 4.57 5.55 -14.37
C ILE B 214 4.17 4.11 -14.07
N LEU B 215 5.10 3.30 -13.59
CA LEU B 215 4.83 1.87 -13.43
C LEU B 215 4.18 1.52 -12.09
N ARG B 216 4.82 1.93 -11.00
CA ARG B 216 4.33 1.59 -9.66
C ARG B 216 4.12 2.81 -8.76
N PRO B 217 3.03 3.55 -8.98
CA PRO B 217 2.66 4.71 -8.17
C PRO B 217 1.81 4.32 -6.97
N GLN B 218 1.55 5.26 -6.07
CA GLN B 218 0.56 5.04 -5.03
C GLN B 218 -0.83 5.21 -5.64
N VAL B 219 -1.60 4.13 -5.63
CA VAL B 219 -2.92 4.11 -6.25
C VAL B 219 -4.04 4.25 -5.23
N PHE B 220 -4.70 5.41 -5.25
CA PHE B 220 -5.81 5.69 -4.36
C PHE B 220 -7.15 5.56 -5.07
N SER B 221 -7.76 4.38 -4.96
CA SER B 221 -9.00 4.08 -5.67
C SER B 221 -10.24 4.40 -4.84
N MET B 222 -11.41 4.08 -5.39
CA MET B 222 -12.69 4.45 -4.80
C MET B 222 -13.82 3.71 -5.52
N SER B 223 -15.00 3.66 -4.89
CA SER B 223 -16.19 3.13 -5.55
C SER B 223 -16.70 4.13 -6.57
N PHE B 224 -16.84 3.69 -7.82
CA PHE B 224 -17.24 4.58 -8.90
C PHE B 224 -18.76 4.70 -9.01
N ASN B 225 -19.48 4.15 -8.03
CA ASN B 225 -20.91 4.35 -7.93
C ASN B 225 -21.24 5.83 -7.77
N ARG B 226 -22.16 6.32 -8.59
CA ARG B 226 -22.57 7.71 -8.50
C ARG B 226 -23.71 7.86 -7.51
N HIS B 227 -23.35 8.13 -6.26
CA HIS B 227 -24.29 8.13 -5.15
C HIS B 227 -25.47 9.10 -5.34
N ASN B 228 -25.29 10.11 -6.18
CA ASN B 228 -26.29 11.17 -6.32
C ASN B 228 -26.98 11.22 -7.69
N LEU B 229 -26.88 10.14 -8.45
CA LEU B 229 -27.53 10.10 -9.76
C LEU B 229 -28.66 9.07 -9.81
N LYS B 230 -29.84 9.53 -10.20
CA LYS B 230 -30.99 8.67 -10.40
C LYS B 230 -31.04 8.16 -11.84
N TYR B 231 -30.88 6.84 -12.02
CA TYR B 231 -30.85 6.26 -13.35
C TYR B 231 -32.23 5.82 -13.83
N TYR B 232 -32.69 6.41 -14.93
CA TYR B 232 -33.96 6.07 -15.53
C TYR B 232 -33.79 5.53 -16.95
N VAL B 233 -34.49 4.44 -17.24
CA VAL B 233 -34.71 4.03 -18.63
C VAL B 233 -36.19 4.17 -18.94
N LEU B 234 -36.50 4.81 -20.07
CA LEU B 234 -37.88 5.15 -20.40
C LEU B 234 -38.22 4.73 -21.83
N PRO B 235 -39.48 4.32 -22.06
CA PRO B 235 -39.90 3.89 -23.39
C PRO B 235 -39.92 5.02 -24.40
N LYS B 236 -39.17 4.86 -25.49
CA LYS B 236 -39.04 5.89 -26.50
C LYS B 236 -40.06 5.72 -27.62
N LYS B 237 -41.21 6.37 -27.49
CA LYS B 237 -42.18 6.45 -28.57
C LYS B 237 -41.74 7.55 -29.53
N PRO B 238 -41.29 7.17 -30.74
CA PRO B 238 -40.70 8.14 -31.66
C PRO B 238 -41.68 9.25 -32.05
N LYS B 239 -41.12 10.41 -32.41
CA LYS B 239 -41.88 11.61 -32.79
C LYS B 239 -42.51 12.32 -31.59
N LYS B 240 -42.27 11.79 -30.39
CA LYS B 240 -42.66 12.49 -29.17
C LYS B 240 -41.57 12.36 -28.11
N VAL B 241 -40.33 12.19 -28.57
CA VAL B 241 -39.18 12.21 -27.67
C VAL B 241 -39.05 13.61 -27.08
N ALA B 242 -39.04 14.60 -27.96
CA ALA B 242 -38.98 16.00 -27.57
C ALA B 242 -40.10 16.37 -26.62
N PHE B 243 -41.28 15.80 -26.86
CA PHE B 243 -42.45 16.06 -26.03
C PHE B 243 -42.27 15.49 -24.62
N ASP B 244 -41.63 14.34 -24.52
CA ASP B 244 -41.40 13.70 -23.23
C ASP B 244 -40.33 14.43 -22.44
N CYS B 245 -39.33 14.95 -23.14
CA CYS B 245 -38.29 15.76 -22.52
C CYS B 245 -38.88 17.07 -21.99
N LEU B 246 -39.73 17.69 -22.80
CA LEU B 246 -40.38 18.94 -22.42
C LEU B 246 -41.26 18.74 -21.17
N GLU B 247 -42.02 17.65 -21.19
CA GLU B 247 -42.91 17.32 -20.08
C GLU B 247 -42.13 17.08 -18.80
N TRP B 248 -41.10 16.25 -18.91
CA TRP B 248 -40.30 15.87 -17.75
C TRP B 248 -39.58 17.06 -17.14
N ILE B 249 -38.88 17.84 -17.98
CA ILE B 249 -38.13 18.99 -17.51
C ILE B 249 -39.02 19.99 -16.79
N ARG B 250 -40.15 20.34 -17.39
CA ARG B 250 -41.07 21.31 -16.81
C ARG B 250 -41.67 20.80 -15.50
N LYS B 251 -41.76 19.49 -15.36
CA LYS B 251 -42.30 18.88 -14.15
C LYS B 251 -41.27 18.84 -13.02
N HIS B 252 -40.05 18.41 -13.33
CA HIS B 252 -39.05 18.15 -12.30
C HIS B 252 -38.02 19.26 -12.15
N HIS B 253 -37.61 19.87 -13.25
CA HIS B 253 -36.57 20.90 -13.20
C HIS B 253 -36.84 22.08 -14.12
N PRO B 254 -37.92 22.83 -13.86
CA PRO B 254 -38.29 23.97 -14.71
C PRO B 254 -37.21 25.06 -14.76
N TYR B 255 -36.48 25.22 -13.67
CA TYR B 255 -35.49 26.30 -13.56
C TYR B 255 -34.09 25.79 -13.26
N ASP B 256 -33.73 24.66 -13.87
CA ASP B 256 -32.40 24.09 -13.67
C ASP B 256 -31.79 23.66 -15.00
N SER B 257 -30.47 23.70 -15.08
CA SER B 257 -29.76 23.41 -16.33
C SER B 257 -29.66 21.92 -16.58
N GLY B 258 -29.55 21.54 -17.85
CA GLY B 258 -29.42 20.15 -18.22
C GLY B 258 -28.89 19.97 -19.63
N ILE B 259 -28.65 18.71 -20.00
CA ILE B 259 -28.09 18.40 -21.31
C ILE B 259 -28.90 17.29 -21.98
N ILE B 260 -29.09 17.41 -23.29
CA ILE B 260 -29.71 16.36 -24.07
C ILE B 260 -28.74 15.91 -25.16
N TYR B 261 -28.38 14.63 -25.13
CA TYR B 261 -27.41 14.11 -26.09
C TYR B 261 -28.11 13.53 -27.31
N CYS B 262 -27.70 13.99 -28.48
CA CYS B 262 -28.28 13.54 -29.74
C CYS B 262 -27.20 12.90 -30.60
N LEU B 263 -27.60 11.96 -31.45
CA LEU B 263 -26.64 11.21 -32.25
C LEU B 263 -25.93 12.07 -33.29
N SER B 264 -26.69 12.93 -33.96
CA SER B 264 -26.15 13.68 -35.08
C SER B 264 -26.10 15.18 -34.81
N ARG B 265 -25.23 15.87 -35.54
CA ARG B 265 -25.20 17.33 -35.56
C ARG B 265 -26.57 17.87 -35.96
N ARG B 266 -27.24 17.11 -36.84
CA ARG B 266 -28.55 17.50 -37.35
C ARG B 266 -29.64 17.32 -36.28
N GLU B 267 -29.64 16.17 -35.62
CA GLU B 267 -30.64 15.86 -34.61
C GLU B 267 -30.59 16.87 -33.47
N CYS B 268 -29.42 17.47 -33.27
CA CYS B 268 -29.26 18.54 -32.29
C CYS B 268 -30.07 19.75 -32.68
N ASP B 269 -29.86 20.22 -33.92
CA ASP B 269 -30.59 21.35 -34.48
C ASP B 269 -32.10 21.11 -34.43
N THR B 270 -32.52 19.92 -34.82
CA THR B 270 -33.94 19.56 -34.86
C THR B 270 -34.53 19.54 -33.45
N MET B 271 -33.89 18.81 -32.56
CA MET B 271 -34.31 18.72 -31.16
C MET B 271 -34.42 20.10 -30.53
N ALA B 272 -33.44 20.96 -30.83
CA ALA B 272 -33.43 22.31 -30.30
C ALA B 272 -34.60 23.12 -30.84
N ASP B 273 -34.89 22.95 -32.13
CA ASP B 273 -35.99 23.65 -32.79
C ASP B 273 -37.35 23.30 -32.17
N THR B 274 -37.65 22.01 -32.15
CA THR B 274 -38.91 21.51 -31.60
C THR B 274 -39.15 22.01 -30.18
N LEU B 275 -38.11 21.95 -29.35
CA LEU B 275 -38.21 22.40 -27.96
C LEU B 275 -38.41 23.91 -27.91
N GLN B 276 -37.70 24.63 -28.77
CA GLN B 276 -37.78 26.09 -28.82
C GLN B 276 -39.19 26.56 -29.18
N ARG B 277 -39.79 25.89 -30.17
CA ARG B 277 -41.10 26.30 -30.67
C ARG B 277 -42.21 25.99 -29.67
N ASP B 278 -41.89 25.21 -28.65
CA ASP B 278 -42.84 24.93 -27.57
C ASP B 278 -42.56 25.81 -26.36
N GLY B 279 -41.53 26.64 -26.46
CA GLY B 279 -41.26 27.65 -25.44
C GLY B 279 -40.14 27.30 -24.48
N LEU B 280 -39.35 26.29 -24.83
CA LEU B 280 -38.24 25.86 -23.98
C LEU B 280 -36.93 26.51 -24.42
N ALA B 281 -36.19 27.05 -23.46
CA ALA B 281 -34.92 27.71 -23.76
C ALA B 281 -33.86 26.69 -24.14
N ALA B 282 -33.99 26.11 -25.32
CA ALA B 282 -33.04 25.11 -25.81
C ALA B 282 -32.14 25.70 -26.89
N LEU B 283 -30.88 25.27 -26.90
CA LEU B 283 -29.95 25.64 -27.96
C LEU B 283 -29.20 24.40 -28.42
N ALA B 284 -28.79 24.40 -29.69
CA ALA B 284 -28.01 23.29 -30.21
C ALA B 284 -26.53 23.53 -29.95
N TYR B 285 -25.76 22.46 -29.82
CA TYR B 285 -24.35 22.58 -29.49
C TYR B 285 -23.52 21.50 -30.18
N HIS B 286 -22.71 21.90 -31.15
CA HIS B 286 -21.88 20.98 -31.90
C HIS B 286 -20.82 21.71 -32.73
N ALA B 287 -20.00 20.94 -33.43
CA ALA B 287 -18.87 21.49 -34.18
C ALA B 287 -19.32 22.25 -35.44
N GLY B 288 -20.60 22.13 -35.78
CA GLY B 288 -21.13 22.80 -36.95
C GLY B 288 -21.35 24.28 -36.73
N LEU B 289 -21.30 24.70 -35.47
CA LEU B 289 -21.53 26.11 -35.12
C LEU B 289 -20.31 26.97 -35.37
N SER B 290 -20.52 28.18 -35.85
CA SER B 290 -19.48 29.18 -35.93
C SER B 290 -18.93 29.45 -34.53
N ASP B 291 -17.67 29.85 -34.44
CA ASP B 291 -17.01 30.07 -33.15
C ASP B 291 -17.72 31.16 -32.34
N SER B 292 -18.31 32.13 -33.03
CA SER B 292 -19.06 33.19 -32.36
C SER B 292 -20.32 32.61 -31.72
N ALA B 293 -20.94 31.67 -32.43
CA ALA B 293 -22.13 30.98 -31.93
C ALA B 293 -21.78 30.06 -30.77
N ARG B 294 -20.78 29.21 -30.97
CA ARG B 294 -20.30 28.28 -29.96
C ARG B 294 -20.00 28.97 -28.63
N ASP B 295 -19.26 30.08 -28.70
CA ASP B 295 -18.95 30.85 -27.50
C ASP B 295 -20.20 31.41 -26.86
N GLU B 296 -21.19 31.73 -27.68
CA GLU B 296 -22.43 32.33 -27.21
C GLU B 296 -23.31 31.30 -26.49
N VAL B 297 -23.28 30.07 -26.98
CA VAL B 297 -24.02 28.97 -26.36
C VAL B 297 -23.50 28.67 -24.96
N GLN B 298 -22.19 28.52 -24.84
CA GLN B 298 -21.59 28.14 -23.56
C GLN B 298 -21.65 29.30 -22.56
N GLN B 299 -21.64 30.53 -23.07
CA GLN B 299 -21.81 31.71 -22.22
C GLN B 299 -23.21 31.70 -21.59
N LYS B 300 -24.21 31.42 -22.41
CA LYS B 300 -25.60 31.44 -21.97
C LYS B 300 -25.92 30.24 -21.07
N TRP B 301 -25.35 29.09 -21.38
CA TRP B 301 -25.67 27.87 -20.66
C TRP B 301 -24.98 27.80 -19.28
N ILE B 302 -23.68 28.06 -19.25
CA ILE B 302 -22.90 27.99 -18.01
C ILE B 302 -23.40 29.01 -16.98
N ASN B 303 -23.72 30.20 -17.46
CA ASN B 303 -24.13 31.29 -16.56
C ASN B 303 -25.64 31.34 -16.34
N GLN B 304 -26.36 30.41 -16.95
CA GLN B 304 -27.82 30.38 -16.86
C GLN B 304 -28.42 31.70 -17.30
N ASP B 305 -28.04 32.14 -18.49
CA ASP B 305 -28.53 33.40 -19.04
C ASP B 305 -29.17 33.20 -20.41
N GLY B 306 -30.45 32.82 -20.41
CA GLY B 306 -31.18 32.66 -21.65
C GLY B 306 -31.05 31.29 -22.28
N CYS B 307 -30.47 30.35 -21.55
CA CYS B 307 -30.38 28.97 -22.01
C CYS B 307 -30.47 27.99 -20.84
N GLN B 308 -31.46 27.11 -20.90
CA GLN B 308 -31.65 26.09 -19.88
C GLN B 308 -31.06 24.76 -20.31
N VAL B 309 -31.20 24.44 -21.61
CA VAL B 309 -30.82 23.13 -22.12
C VAL B 309 -29.97 23.26 -23.39
N ILE B 310 -28.88 22.50 -23.44
CA ILE B 310 -28.11 22.38 -24.67
C ILE B 310 -28.36 21.03 -25.30
N CYS B 311 -28.53 21.02 -26.62
CA CYS B 311 -28.71 19.77 -27.34
C CYS B 311 -27.41 19.46 -28.05
N ALA B 312 -26.58 18.65 -27.40
CA ALA B 312 -25.21 18.47 -27.85
C ALA B 312 -24.92 17.05 -28.32
N THR B 313 -23.98 16.94 -29.26
CA THR B 313 -23.43 15.65 -29.62
C THR B 313 -22.48 15.22 -28.50
N ILE B 314 -22.39 13.91 -28.28
CA ILE B 314 -21.56 13.36 -27.22
C ILE B 314 -20.13 13.88 -27.33
N ALA B 315 -19.61 13.92 -28.56
CA ALA B 315 -18.27 14.43 -28.83
C ALA B 315 -18.08 15.86 -28.33
N PHE B 316 -19.05 16.71 -28.62
CA PHE B 316 -18.94 18.13 -28.32
C PHE B 316 -19.36 18.47 -26.89
N GLY B 317 -20.21 17.63 -26.31
CA GLY B 317 -20.71 17.85 -24.97
C GLY B 317 -19.64 17.71 -23.91
N MET B 318 -18.58 16.96 -24.23
CA MET B 318 -17.44 16.81 -23.34
C MET B 318 -16.65 18.12 -23.21
N GLY B 319 -16.85 19.01 -24.17
CA GLY B 319 -16.08 20.24 -24.23
C GLY B 319 -16.48 21.33 -23.26
N ILE B 320 -17.64 21.19 -22.62
CA ILE B 320 -18.08 22.16 -21.61
C ILE B 320 -18.75 21.48 -20.43
N ASP B 321 -18.83 22.19 -19.31
CA ASP B 321 -19.31 21.62 -18.07
C ASP B 321 -19.67 22.68 -17.04
N LYS B 322 -20.59 22.32 -16.14
CA LYS B 322 -20.87 23.10 -14.95
C LYS B 322 -21.20 22.12 -13.83
N PRO B 323 -21.02 22.54 -12.57
CA PRO B 323 -21.14 21.53 -11.49
C PRO B 323 -22.58 21.20 -11.12
N ASP B 324 -23.53 22.07 -11.47
CA ASP B 324 -24.91 21.88 -11.05
C ASP B 324 -25.82 21.46 -12.20
N VAL B 325 -25.34 20.54 -13.04
CA VAL B 325 -26.17 19.94 -14.07
C VAL B 325 -27.16 18.99 -13.39
N ARG B 326 -28.44 19.32 -13.47
CA ARG B 326 -29.46 18.60 -12.72
C ARG B 326 -30.04 17.41 -13.48
N PHE B 327 -29.87 17.39 -14.80
CA PHE B 327 -30.31 16.24 -15.58
C PHE B 327 -29.54 16.08 -16.88
N VAL B 328 -29.36 14.83 -17.28
CA VAL B 328 -28.72 14.50 -18.56
C VAL B 328 -29.56 13.47 -19.28
N ILE B 329 -30.00 13.82 -20.48
CA ILE B 329 -30.89 12.96 -21.25
C ILE B 329 -30.23 12.44 -22.52
N HIS B 330 -30.27 11.13 -22.71
CA HIS B 330 -29.84 10.55 -23.97
C HIS B 330 -31.06 10.31 -24.84
N ALA B 331 -31.18 11.12 -25.89
CA ALA B 331 -32.36 11.11 -26.74
C ALA B 331 -32.45 9.80 -27.52
N SER B 332 -31.30 9.21 -27.81
CA SER B 332 -31.24 7.95 -28.53
C SER B 332 -30.59 6.86 -27.68
N LEU B 333 -29.95 5.91 -28.34
CA LEU B 333 -29.35 4.76 -27.68
C LEU B 333 -27.82 4.87 -27.70
N PRO B 334 -27.19 4.91 -26.52
CA PRO B 334 -25.74 5.06 -26.38
C PRO B 334 -24.94 3.94 -27.07
N LYS B 335 -23.72 4.26 -27.48
CA LYS B 335 -22.89 3.30 -28.21
C LYS B 335 -22.41 2.15 -27.32
N SER B 336 -22.25 2.43 -26.03
CA SER B 336 -21.77 1.42 -25.10
C SER B 336 -22.13 1.77 -23.65
N VAL B 337 -22.03 0.79 -22.76
CA VAL B 337 -22.30 1.03 -21.35
C VAL B 337 -21.20 1.91 -20.75
N GLU B 338 -19.96 1.64 -21.16
CA GLU B 338 -18.82 2.44 -20.74
C GLU B 338 -19.01 3.89 -21.12
N GLY B 339 -19.37 4.12 -22.39
CA GLY B 339 -19.68 5.45 -22.88
C GLY B 339 -20.78 6.11 -22.09
N TYR B 340 -21.90 5.41 -21.92
CA TYR B 340 -23.06 5.97 -21.22
C TYR B 340 -22.73 6.40 -19.80
N TYR B 341 -21.97 5.58 -19.08
CA TYR B 341 -21.63 5.86 -17.70
C TYR B 341 -20.83 7.16 -17.57
N GLN B 342 -19.83 7.31 -18.43
CA GLN B 342 -18.97 8.50 -18.41
C GLN B 342 -19.73 9.74 -18.84
N GLU B 343 -20.65 9.56 -19.79
CA GLU B 343 -21.44 10.69 -20.31
C GLU B 343 -22.44 11.21 -19.28
N SER B 344 -23.22 10.30 -18.71
CA SER B 344 -24.22 10.68 -17.72
C SER B 344 -23.60 10.93 -16.35
N GLY B 345 -22.35 10.48 -16.18
CA GLY B 345 -21.67 10.60 -14.91
C GLY B 345 -21.31 12.03 -14.55
N ARG B 346 -21.06 12.84 -15.57
CA ARG B 346 -20.66 14.23 -15.35
C ARG B 346 -21.81 15.08 -14.81
N ALA B 347 -22.98 14.47 -14.69
CA ALA B 347 -24.12 15.14 -14.07
C ALA B 347 -23.95 15.23 -12.56
N GLY B 348 -24.45 16.32 -11.98
CA GLY B 348 -24.43 16.51 -10.54
C GLY B 348 -23.06 16.42 -9.91
N ARG B 349 -22.08 17.09 -10.52
CA ARG B 349 -20.73 17.14 -9.97
C ARG B 349 -20.73 17.84 -8.61
N ASP B 350 -21.71 18.69 -8.40
CA ASP B 350 -21.86 19.44 -7.15
C ASP B 350 -22.40 18.57 -6.01
N GLY B 351 -22.65 17.29 -6.31
CA GLY B 351 -23.04 16.34 -5.28
C GLY B 351 -24.54 16.28 -5.01
N GLU B 352 -25.27 17.21 -5.58
CA GLU B 352 -26.73 17.23 -5.41
C GLU B 352 -27.41 16.23 -6.34
N ILE B 353 -28.63 15.83 -5.98
CA ILE B 353 -29.37 14.85 -6.75
C ILE B 353 -29.57 15.29 -8.21
N SER B 354 -29.31 14.37 -9.13
CA SER B 354 -29.46 14.63 -10.55
C SER B 354 -30.01 13.40 -11.24
N HIS B 355 -30.59 13.60 -12.42
CA HIS B 355 -31.30 12.52 -13.10
C HIS B 355 -30.63 12.13 -14.41
N CYS B 356 -30.58 10.83 -14.67
CA CYS B 356 -29.98 10.30 -15.89
C CYS B 356 -30.98 9.46 -16.67
N LEU B 357 -31.54 10.03 -17.72
CA LEU B 357 -32.65 9.42 -18.45
C LEU B 357 -32.21 8.89 -19.83
N LEU B 358 -32.34 7.58 -20.02
CA LEU B 358 -32.04 6.97 -21.30
C LEU B 358 -33.33 6.56 -22.02
N PHE B 359 -33.57 7.14 -23.19
CA PHE B 359 -34.74 6.78 -24.00
C PHE B 359 -34.42 5.62 -24.92
N TYR B 360 -35.14 4.51 -24.75
CA TYR B 360 -34.81 3.27 -25.45
C TYR B 360 -35.96 2.70 -26.29
N THR B 361 -35.62 2.30 -27.51
CA THR B 361 -36.46 1.43 -28.33
C THR B 361 -35.54 0.54 -29.15
N TYR B 362 -35.93 -0.72 -29.37
CA TYR B 362 -35.11 -1.65 -30.14
C TYR B 362 -34.93 -1.18 -31.58
N HIS B 363 -35.81 -0.28 -32.02
CA HIS B 363 -35.69 0.35 -33.33
C HIS B 363 -34.34 1.06 -33.47
N ASP B 364 -33.88 1.65 -32.37
CA ASP B 364 -32.60 2.35 -32.35
C ASP B 364 -31.41 1.41 -32.59
N VAL B 365 -31.60 0.12 -32.36
CA VAL B 365 -30.54 -0.86 -32.55
C VAL B 365 -30.17 -0.98 -34.03
N THR B 366 -31.19 -1.21 -34.86
CA THR B 366 -31.00 -1.26 -36.30
C THR B 366 -30.41 0.05 -36.81
N ARG B 367 -30.88 1.16 -36.23
CA ARG B 367 -30.32 2.48 -36.50
C ARG B 367 -28.83 2.54 -36.19
N LEU B 368 -28.49 2.25 -34.94
CA LEU B 368 -27.09 2.23 -34.50
C LEU B 368 -26.26 1.19 -35.24
N LYS B 369 -26.92 0.13 -35.72
CA LYS B 369 -26.23 -0.91 -36.47
C LYS B 369 -25.76 -0.35 -37.82
N ARG B 370 -26.62 0.43 -38.46
CA ARG B 370 -26.28 1.08 -39.72
C ARG B 370 -25.20 2.14 -39.53
N GLU B 384 -16.06 -6.22 -34.38
CA GLU B 384 -17.13 -6.86 -33.64
C GLU B 384 -17.37 -6.19 -32.30
N THR B 385 -16.30 -5.69 -31.67
CA THR B 385 -16.41 -5.08 -30.35
C THR B 385 -17.33 -3.87 -30.36
N HIS B 386 -17.30 -3.10 -31.44
CA HIS B 386 -18.24 -2.00 -31.60
C HIS B 386 -19.68 -2.53 -31.63
N PHE B 387 -19.85 -3.72 -32.19
CA PHE B 387 -21.15 -4.39 -32.21
C PHE B 387 -21.47 -5.03 -30.85
N ASN B 388 -20.47 -5.62 -30.22
CA ASN B 388 -20.63 -6.21 -28.89
C ASN B 388 -21.12 -5.17 -27.88
N ASN B 389 -20.45 -4.03 -27.85
CA ASN B 389 -20.80 -2.93 -26.98
C ASN B 389 -22.25 -2.49 -27.18
N LEU B 390 -22.66 -2.43 -28.44
CA LEU B 390 -24.03 -2.05 -28.79
C LEU B 390 -25.04 -3.00 -28.14
N TYR B 391 -24.79 -4.31 -28.28
CA TYR B 391 -25.67 -5.32 -27.70
C TYR B 391 -25.57 -5.26 -26.18
N SER B 392 -24.38 -4.92 -25.69
CA SER B 392 -24.13 -4.78 -24.26
C SER B 392 -24.97 -3.65 -23.67
N MET B 393 -25.22 -2.63 -24.48
CA MET B 393 -26.05 -1.50 -24.09
C MET B 393 -27.52 -1.89 -24.04
N VAL B 394 -27.94 -2.72 -25.00
CA VAL B 394 -29.33 -3.15 -25.11
C VAL B 394 -29.78 -3.96 -23.89
N HIS B 395 -28.89 -4.81 -23.38
CA HIS B 395 -29.22 -5.62 -22.21
C HIS B 395 -29.54 -4.73 -21.00
N TYR B 396 -28.81 -3.63 -20.88
CA TYR B 396 -29.03 -2.69 -19.79
C TYR B 396 -30.45 -2.11 -19.84
N CYS B 397 -30.88 -1.74 -21.05
CA CYS B 397 -32.19 -1.14 -21.23
C CYS B 397 -33.31 -2.15 -21.06
N GLU B 398 -33.11 -3.33 -21.61
CA GLU B 398 -34.12 -4.39 -21.56
C GLU B 398 -34.25 -4.97 -20.16
N ASN B 399 -33.19 -4.87 -19.36
CA ASN B 399 -33.21 -5.36 -17.99
C ASN B 399 -33.93 -4.38 -17.09
N ILE B 400 -35.15 -4.72 -16.65
CA ILE B 400 -35.96 -3.82 -15.85
C ILE B 400 -36.21 -4.36 -14.45
N THR B 401 -35.30 -5.21 -13.96
CA THR B 401 -35.45 -5.80 -12.64
C THR B 401 -34.23 -5.58 -11.75
N GLU B 402 -33.05 -5.96 -12.25
CA GLU B 402 -31.81 -5.79 -11.49
C GLU B 402 -31.46 -4.31 -11.35
N CYS B 403 -31.05 -3.91 -10.15
CA CYS B 403 -30.63 -2.55 -9.85
C CYS B 403 -29.63 -2.01 -10.88
N ARG B 404 -29.93 -0.83 -11.42
CA ARG B 404 -29.12 -0.28 -12.51
C ARG B 404 -27.73 0.15 -12.06
N ARG B 405 -27.60 0.47 -10.78
CA ARG B 405 -26.29 0.78 -10.21
C ARG B 405 -25.40 -0.46 -10.31
N ILE B 406 -25.99 -1.62 -10.09
CA ILE B 406 -25.28 -2.89 -10.17
C ILE B 406 -24.94 -3.24 -11.61
N GLN B 407 -25.88 -2.99 -12.52
CA GLN B 407 -25.70 -3.29 -13.93
C GLN B 407 -24.51 -2.56 -14.54
N LEU B 408 -24.37 -1.28 -14.18
CA LEU B 408 -23.29 -0.46 -14.70
C LEU B 408 -21.93 -0.90 -14.20
N LEU B 409 -21.83 -1.08 -12.87
CA LEU B 409 -20.57 -1.43 -12.23
C LEU B 409 -20.06 -2.81 -12.64
N ALA B 410 -20.98 -3.70 -13.00
CA ALA B 410 -20.62 -5.06 -13.40
C ALA B 410 -19.72 -5.07 -14.63
N TYR B 411 -19.86 -4.07 -15.49
CA TYR B 411 -19.03 -3.96 -16.68
C TYR B 411 -17.61 -3.51 -16.37
N PHE B 412 -17.43 -2.92 -15.20
CA PHE B 412 -16.12 -2.43 -14.79
C PHE B 412 -15.46 -3.40 -13.81
N GLY B 413 -16.21 -4.43 -13.41
CA GLY B 413 -15.69 -5.45 -12.53
C GLY B 413 -15.59 -5.05 -11.07
N GLU B 414 -16.31 -4.01 -10.69
CA GLU B 414 -16.32 -3.57 -9.29
C GLU B 414 -17.01 -4.63 -8.44
N ASN B 415 -16.34 -5.06 -7.36
CA ASN B 415 -16.81 -6.19 -6.58
C ASN B 415 -17.29 -5.85 -5.16
N GLY B 416 -17.05 -4.63 -4.72
CA GLY B 416 -17.39 -4.22 -3.36
C GLY B 416 -18.82 -3.79 -3.10
N PHE B 417 -19.50 -3.30 -4.14
CA PHE B 417 -20.77 -2.60 -3.99
C PHE B 417 -21.91 -3.42 -3.36
N ASN B 418 -22.57 -2.82 -2.37
CA ASN B 418 -23.70 -3.43 -1.68
C ASN B 418 -24.99 -3.19 -2.47
N PRO B 419 -25.68 -4.26 -2.86
CA PRO B 419 -26.94 -4.17 -3.61
C PRO B 419 -28.12 -3.61 -2.82
N ASP B 420 -27.85 -3.06 -1.64
CA ASP B 420 -28.90 -2.53 -0.77
C ASP B 420 -29.05 -1.00 -0.90
N PHE B 421 -28.27 -0.40 -1.81
CA PHE B 421 -28.11 1.05 -1.84
C PHE B 421 -29.40 1.83 -2.10
N CYS B 422 -30.07 1.52 -3.20
CA CYS B 422 -31.28 2.23 -3.59
C CYS B 422 -32.38 2.12 -2.54
N LYS B 423 -32.38 1.03 -1.79
CA LYS B 423 -33.36 0.82 -0.74
C LYS B 423 -33.00 1.63 0.51
N LYS B 424 -31.70 1.73 0.79
CA LYS B 424 -31.23 2.51 1.93
C LYS B 424 -31.17 4.00 1.58
N HIS B 425 -31.17 4.30 0.28
CA HIS B 425 -31.15 5.68 -0.19
C HIS B 425 -32.27 5.93 -1.20
N PRO B 426 -33.52 5.99 -0.73
CA PRO B 426 -34.70 6.17 -1.58
C PRO B 426 -34.60 7.40 -2.48
N ASP B 427 -34.05 8.49 -1.95
CA ASP B 427 -33.95 9.76 -2.66
C ASP B 427 -33.18 9.66 -3.98
N VAL B 428 -32.35 8.62 -4.11
CA VAL B 428 -31.54 8.45 -5.31
C VAL B 428 -31.71 7.05 -5.90
N SER B 429 -32.89 6.47 -5.67
CA SER B 429 -33.22 5.15 -6.20
C SER B 429 -33.30 5.15 -7.73
N CYS B 430 -32.92 4.03 -8.34
CA CYS B 430 -33.10 3.86 -9.77
C CYS B 430 -34.53 3.42 -10.04
N ASP B 431 -34.96 3.46 -11.30
CA ASP B 431 -36.34 3.15 -11.64
C ASP B 431 -36.68 1.71 -11.30
N ASN B 432 -35.77 0.79 -11.59
CA ASN B 432 -35.93 -0.62 -11.26
C ASN B 432 -36.20 -0.86 -9.77
N CYS B 433 -35.46 -0.14 -8.92
CA CYS B 433 -35.61 -0.28 -7.48
C CYS B 433 -36.79 0.51 -6.93
N CYS B 434 -37.35 1.39 -7.75
CA CYS B 434 -38.53 2.16 -7.34
C CYS B 434 -39.74 1.24 -7.31
N LYS B 435 -39.75 0.26 -8.21
CA LYS B 435 -40.83 -0.72 -8.30
C LYS B 435 -41.00 -1.52 -7.02
N THR B 436 -39.89 -1.84 -6.36
CA THR B 436 -39.90 -2.78 -5.25
C THR B 436 -39.74 -2.11 -3.89
N LYS B 437 -39.84 -0.78 -3.86
CA LYS B 437 -39.61 -0.02 -2.63
C LYS B 437 -40.59 -0.38 -1.51
N ASP B 438 -41.75 -0.90 -1.88
CA ASP B 438 -42.79 -1.20 -0.90
C ASP B 438 -42.80 -2.68 -0.51
N TYR B 439 -42.13 -3.51 -1.31
CA TYR B 439 -42.04 -4.94 -1.03
C TYR B 439 -41.02 -5.23 0.06
N LYS B 440 -41.33 -6.21 0.89
CA LYS B 440 -40.44 -6.59 1.99
C LYS B 440 -39.73 -7.92 1.71
N THR B 441 -38.43 -7.95 1.96
CA THR B 441 -37.65 -9.18 1.84
C THR B 441 -37.66 -9.95 3.15
N ARG B 442 -38.00 -11.22 3.08
CA ARG B 442 -38.06 -12.07 4.28
C ARG B 442 -37.20 -13.32 4.13
N ASP B 443 -36.95 -13.99 5.24
CA ASP B 443 -36.24 -15.26 5.23
C ASP B 443 -37.25 -16.40 5.15
N VAL B 444 -37.05 -17.31 4.21
CA VAL B 444 -37.95 -18.43 4.00
C VAL B 444 -37.19 -19.74 3.93
N THR B 445 -36.06 -19.78 4.63
CA THR B 445 -35.18 -20.94 4.65
C THR B 445 -35.91 -22.18 5.15
N ASP B 446 -36.80 -21.98 6.13
CA ASP B 446 -37.66 -23.04 6.63
C ASP B 446 -38.39 -23.76 5.50
N ASP B 447 -39.14 -22.99 4.70
CA ASP B 447 -39.90 -23.52 3.58
C ASP B 447 -39.00 -24.20 2.55
N VAL B 448 -37.82 -23.62 2.33
CA VAL B 448 -36.85 -24.18 1.39
C VAL B 448 -36.38 -25.56 1.86
N LYS B 449 -36.14 -25.70 3.17
CA LYS B 449 -35.78 -26.98 3.76
C LYS B 449 -36.83 -28.03 3.43
N SER B 450 -38.09 -27.71 3.74
CA SER B 450 -39.23 -28.56 3.40
C SER B 450 -39.23 -28.96 1.93
N ILE B 451 -38.97 -27.98 1.06
CA ILE B 451 -38.93 -28.21 -0.37
C ILE B 451 -37.82 -29.17 -0.76
N VAL B 452 -36.60 -28.87 -0.33
CA VAL B 452 -35.44 -29.71 -0.63
C VAL B 452 -35.65 -31.13 -0.12
N ARG B 453 -36.25 -31.24 1.06
CA ARG B 453 -36.57 -32.55 1.64
C ARG B 453 -37.58 -33.28 0.78
N PHE B 454 -38.60 -32.57 0.33
CA PHE B 454 -39.65 -33.14 -0.53
C PHE B 454 -39.09 -33.77 -1.79
N VAL B 455 -38.22 -33.03 -2.49
CA VAL B 455 -37.68 -33.49 -3.76
C VAL B 455 -36.80 -34.73 -3.60
N GLN B 456 -36.02 -34.77 -2.53
CA GLN B 456 -35.09 -35.86 -2.27
C GLN B 456 -35.81 -37.19 -2.04
N GLU B 457 -36.94 -37.12 -1.34
CA GLU B 457 -37.72 -38.31 -1.01
C GLU B 457 -38.24 -39.02 -2.25
N HIS B 458 -38.89 -38.29 -3.13
CA HIS B 458 -39.49 -38.87 -4.32
C HIS B 458 -38.51 -39.02 -5.48
N SER B 459 -37.22 -38.85 -5.19
CA SER B 459 -36.19 -38.97 -6.21
C SER B 459 -36.10 -40.41 -6.74
N GLY B 474 -39.41 -41.23 -9.88
CA GLY B 474 -40.69 -40.60 -9.61
C GLY B 474 -40.56 -39.11 -9.33
N ARG B 475 -39.96 -38.40 -10.28
CA ARG B 475 -39.68 -36.98 -10.11
C ARG B 475 -40.83 -36.08 -10.52
N PHE B 476 -40.68 -34.79 -10.17
CA PHE B 476 -41.69 -33.79 -10.47
C PHE B 476 -41.10 -32.69 -11.35
N THR B 477 -41.94 -32.15 -12.22
CA THR B 477 -41.55 -30.97 -12.99
C THR B 477 -41.77 -29.75 -12.11
N MET B 478 -41.05 -28.67 -12.40
CA MET B 478 -41.15 -27.44 -11.62
C MET B 478 -42.60 -26.99 -11.38
N ASN B 479 -43.41 -27.04 -12.43
CA ASN B 479 -44.79 -26.60 -12.33
C ASN B 479 -45.61 -27.50 -11.40
N MET B 480 -45.33 -28.80 -11.43
CA MET B 480 -45.98 -29.74 -10.51
C MET B 480 -45.74 -29.33 -9.06
N LEU B 481 -44.49 -28.99 -8.75
CA LEU B 481 -44.11 -28.61 -7.40
C LEU B 481 -44.78 -27.31 -6.98
N VAL B 482 -44.90 -26.37 -7.90
CA VAL B 482 -45.54 -25.10 -7.64
C VAL B 482 -46.99 -25.33 -7.24
N ASP B 483 -47.67 -26.21 -7.97
CA ASP B 483 -49.07 -26.51 -7.71
C ASP B 483 -49.26 -27.11 -6.32
N ILE B 484 -48.48 -28.14 -6.03
CA ILE B 484 -48.45 -28.75 -4.70
C ILE B 484 -48.22 -27.69 -3.63
N PHE B 485 -47.14 -26.94 -3.79
CA PHE B 485 -46.78 -25.88 -2.85
C PHE B 485 -47.89 -24.83 -2.69
N LEU B 486 -48.67 -24.62 -3.75
CA LEU B 486 -49.75 -23.63 -3.72
C LEU B 486 -50.99 -24.19 -3.04
N GLY B 487 -51.31 -25.44 -3.36
CA GLY B 487 -52.47 -26.10 -2.78
C GLY B 487 -53.59 -26.33 -3.78
N SER B 488 -53.23 -26.46 -5.06
CA SER B 488 -54.20 -26.68 -6.13
C SER B 488 -54.82 -28.06 -6.00
N LYS B 489 -56.06 -28.18 -6.44
CA LYS B 489 -56.70 -29.49 -6.49
C LYS B 489 -56.21 -30.28 -7.72
N SER B 490 -55.35 -29.65 -8.51
CA SER B 490 -54.69 -30.30 -9.63
C SER B 490 -53.40 -30.96 -9.19
N ALA B 491 -52.98 -30.67 -7.96
CA ALA B 491 -51.76 -31.23 -7.39
C ALA B 491 -51.81 -32.76 -7.35
N LYS B 492 -50.73 -33.39 -7.79
CA LYS B 492 -50.66 -34.84 -7.82
C LYS B 492 -50.57 -35.44 -6.42
N ILE B 493 -49.75 -34.83 -5.57
CA ILE B 493 -49.55 -35.29 -4.20
C ILE B 493 -50.07 -34.27 -3.19
N GLN B 494 -50.64 -34.75 -2.09
CA GLN B 494 -51.17 -33.88 -1.04
C GLN B 494 -50.47 -34.14 0.30
N SER B 495 -49.43 -34.97 0.26
CA SER B 495 -48.76 -35.42 1.47
C SER B 495 -47.91 -34.35 2.15
N GLY B 496 -46.86 -33.91 1.48
CA GLY B 496 -45.80 -33.15 2.12
C GLY B 496 -45.97 -31.65 2.17
N ILE B 497 -45.30 -30.95 1.25
CA ILE B 497 -45.31 -29.49 1.22
C ILE B 497 -46.63 -28.91 0.72
N PHE B 498 -47.62 -29.78 0.51
CA PHE B 498 -48.93 -29.35 0.01
C PHE B 498 -49.53 -28.25 0.89
N GLY B 499 -49.89 -27.13 0.27
CA GLY B 499 -50.52 -26.03 0.97
C GLY B 499 -49.61 -25.25 1.91
N LYS B 500 -48.32 -25.62 1.94
CA LYS B 500 -47.36 -24.91 2.77
C LYS B 500 -47.23 -23.46 2.33
N GLY B 501 -47.30 -23.23 1.03
CA GLY B 501 -47.27 -21.90 0.47
C GLY B 501 -48.63 -21.43 0.02
N SER B 502 -49.64 -21.68 0.86
CA SER B 502 -51.02 -21.31 0.53
C SER B 502 -51.23 -19.80 0.58
N ALA B 503 -50.28 -19.08 1.18
CA ALA B 503 -50.37 -17.63 1.29
C ALA B 503 -49.49 -16.96 0.23
N TYR B 504 -49.00 -17.77 -0.70
CA TYR B 504 -48.23 -17.26 -1.83
C TYR B 504 -49.12 -16.99 -3.03
N SER B 505 -48.77 -15.96 -3.80
CA SER B 505 -49.33 -15.79 -5.13
C SER B 505 -48.84 -16.94 -6.01
N ARG B 506 -49.55 -17.23 -7.09
CA ARG B 506 -49.01 -18.16 -8.07
C ARG B 506 -47.78 -17.53 -8.71
N HIS B 507 -47.79 -16.21 -8.80
CA HIS B 507 -46.67 -15.44 -9.32
C HIS B 507 -45.42 -15.59 -8.45
N ASN B 508 -45.60 -15.46 -7.14
CA ASN B 508 -44.50 -15.56 -6.19
C ASN B 508 -44.00 -17.00 -6.04
N ALA B 509 -44.93 -17.94 -5.99
CA ALA B 509 -44.60 -19.37 -5.89
C ALA B 509 -43.70 -19.78 -7.06
N GLU B 510 -44.01 -19.28 -8.24
CA GLU B 510 -43.22 -19.59 -9.43
C GLU B 510 -41.84 -18.93 -9.36
N ARG B 511 -41.80 -17.74 -8.75
CA ARG B 511 -40.55 -17.00 -8.62
C ARG B 511 -39.61 -17.67 -7.62
N LEU B 512 -40.18 -18.20 -6.54
CA LEU B 512 -39.41 -18.87 -5.50
C LEU B 512 -38.67 -20.07 -6.06
N PHE B 513 -39.40 -20.97 -6.71
CA PHE B 513 -38.80 -22.17 -7.30
C PHE B 513 -37.83 -21.83 -8.44
N LYS B 514 -38.05 -20.71 -9.11
CA LYS B 514 -37.12 -20.25 -10.14
C LYS B 514 -35.81 -19.81 -9.50
N LYS B 515 -35.91 -19.06 -8.42
CA LYS B 515 -34.76 -18.64 -7.64
C LYS B 515 -33.94 -19.84 -7.19
N LEU B 516 -34.64 -20.88 -6.73
CA LEU B 516 -34.00 -22.08 -6.20
C LEU B 516 -33.22 -22.85 -7.27
N ILE B 517 -33.68 -22.77 -8.51
CA ILE B 517 -32.97 -23.40 -9.62
C ILE B 517 -31.71 -22.59 -9.95
N LEU B 518 -31.86 -21.27 -9.91
CA LEU B 518 -30.74 -20.37 -10.20
C LEU B 518 -29.67 -20.43 -9.12
N ASP B 519 -30.11 -20.53 -7.87
CA ASP B 519 -29.20 -20.52 -6.72
C ASP B 519 -28.60 -21.90 -6.45
N LYS B 520 -28.83 -22.83 -7.38
CA LYS B 520 -28.21 -24.16 -7.35
C LYS B 520 -28.71 -25.03 -6.19
N ILE B 521 -29.67 -24.52 -5.42
CA ILE B 521 -30.30 -25.33 -4.39
C ILE B 521 -31.12 -26.44 -5.04
N LEU B 522 -31.74 -26.11 -6.17
CA LEU B 522 -32.44 -27.11 -6.99
C LEU B 522 -31.83 -27.16 -8.38
N ASP B 523 -32.14 -28.23 -9.10
CA ASP B 523 -31.58 -28.44 -10.44
C ASP B 523 -32.63 -28.99 -11.40
N GLU B 524 -32.25 -29.15 -12.66
CA GLU B 524 -33.17 -29.62 -13.68
C GLU B 524 -32.47 -30.51 -14.71
N ASP B 525 -33.05 -31.68 -14.95
CA ASP B 525 -32.50 -32.63 -15.90
C ASP B 525 -33.52 -32.99 -16.99
N LEU B 526 -33.02 -33.14 -18.21
CA LEU B 526 -33.87 -33.49 -19.34
C LEU B 526 -34.04 -34.99 -19.46
N TYR B 527 -35.28 -35.42 -19.64
CA TYR B 527 -35.55 -36.84 -19.86
C TYR B 527 -36.22 -37.00 -21.23
N ILE B 528 -35.60 -37.75 -22.12
CA ILE B 528 -36.02 -37.74 -23.52
C ILE B 528 -36.69 -39.00 -24.09
N ASN B 529 -38.00 -39.22 -23.89
CA ASN B 529 -38.69 -40.29 -24.63
C ASN B 529 -39.89 -39.77 -25.39
N GLN B 533 -38.93 -36.55 -27.34
CA GLN B 533 -39.54 -35.45 -26.59
C GLN B 533 -38.88 -35.28 -25.23
N ALA B 534 -38.33 -34.10 -24.98
CA ALA B 534 -37.58 -33.83 -23.76
C ALA B 534 -38.44 -33.10 -22.72
N ILE B 535 -38.48 -33.65 -21.51
CA ILE B 535 -39.25 -33.07 -20.42
C ILE B 535 -38.37 -32.86 -19.20
N ALA B 536 -38.34 -31.63 -18.70
CA ALA B 536 -37.47 -31.26 -17.58
C ALA B 536 -38.10 -31.63 -16.23
N TYR B 537 -37.29 -32.14 -15.32
CA TYR B 537 -37.73 -32.50 -13.98
C TYR B 537 -36.84 -31.85 -12.93
N VAL B 538 -37.37 -31.63 -11.74
CA VAL B 538 -36.61 -30.97 -10.68
C VAL B 538 -35.85 -31.97 -9.81
N MET B 539 -34.54 -31.75 -9.71
CA MET B 539 -33.69 -32.54 -8.83
C MET B 539 -32.92 -31.61 -7.88
N LEU B 540 -32.21 -32.20 -6.92
CA LEU B 540 -31.39 -31.42 -6.01
C LEU B 540 -30.11 -30.96 -6.70
N GLY B 541 -29.64 -29.78 -6.30
CA GLY B 541 -28.40 -29.23 -6.84
C GLY B 541 -27.29 -29.33 -5.81
N ASN B 542 -26.06 -29.09 -6.24
CA ASN B 542 -24.89 -29.20 -5.36
C ASN B 542 -25.01 -28.34 -4.10
N LYS B 543 -25.71 -27.23 -4.22
CA LYS B 543 -25.84 -26.26 -3.13
C LYS B 543 -27.03 -26.58 -2.21
N ALA B 544 -27.68 -27.71 -2.45
CA ALA B 544 -28.83 -28.12 -1.64
C ALA B 544 -28.42 -28.51 -0.23
N GLN B 545 -27.40 -29.35 -0.11
CA GLN B 545 -26.99 -29.92 1.17
C GLN B 545 -26.51 -28.84 2.14
N THR B 546 -25.85 -27.82 1.61
CA THR B 546 -25.31 -26.75 2.45
C THR B 546 -26.42 -25.94 3.10
N VAL B 547 -27.64 -26.12 2.61
CA VAL B 547 -28.81 -25.46 3.18
C VAL B 547 -29.32 -26.23 4.39
N LEU B 548 -29.39 -27.54 4.26
CA LEU B 548 -29.85 -28.40 5.36
C LEU B 548 -28.94 -28.27 6.57
N ASN B 549 -27.63 -28.23 6.30
CA ASN B 549 -26.63 -28.03 7.34
C ASN B 549 -26.84 -26.74 8.12
N GLY B 550 -27.48 -25.76 7.47
CA GLY B 550 -27.78 -24.49 8.10
C GLY B 550 -26.74 -23.42 7.79
N ASN B 551 -25.86 -23.70 6.84
CA ASN B 551 -24.80 -22.77 6.50
C ASN B 551 -25.26 -21.70 5.52
N LEU B 552 -26.33 -21.98 4.79
CA LEU B 552 -26.86 -21.05 3.81
C LEU B 552 -28.32 -20.70 4.09
N LYS B 553 -28.61 -19.41 4.17
CA LYS B 553 -29.98 -18.93 4.30
C LYS B 553 -30.40 -18.19 3.05
N VAL B 554 -31.68 -18.29 2.69
CA VAL B 554 -32.18 -17.64 1.49
C VAL B 554 -33.20 -16.57 1.86
N ASP B 555 -33.08 -15.42 1.22
CA ASP B 555 -34.02 -14.33 1.42
C ASP B 555 -34.89 -14.16 0.18
N PHE B 556 -36.20 -14.13 0.37
CA PHE B 556 -37.12 -14.03 -0.76
C PHE B 556 -37.99 -12.78 -0.69
N MET B 557 -38.12 -12.11 -1.83
CA MET B 557 -38.98 -10.94 -1.94
C MET B 557 -40.26 -11.28 -2.70
N GLU B 558 -41.41 -11.00 -2.07
CA GLU B 558 -42.69 -11.21 -2.73
C GLU B 558 -43.08 -9.96 -3.52
N THR B 559 -43.30 -10.12 -4.81
CA THR B 559 -43.62 -8.99 -5.68
C THR B 559 -44.93 -9.18 -6.41
N GLU B 560 -45.52 -8.07 -6.85
CA GLU B 560 -46.75 -8.11 -7.64
C GLU B 560 -46.46 -8.46 -9.09
N ASN B 561 -47.42 -9.09 -9.77
CA ASN B 561 -47.30 -9.33 -11.19
C ASN B 561 -47.36 -8.00 -11.94
N SER B 562 -46.86 -7.98 -13.17
CA SER B 562 -46.83 -6.75 -13.95
C SER B 562 -48.22 -6.27 -14.29
N SER B 563 -49.10 -7.21 -14.61
CA SER B 563 -50.48 -6.89 -14.96
C SER B 563 -51.40 -6.88 -13.74
N SER B 564 -50.82 -6.66 -12.56
CA SER B 564 -51.59 -6.74 -11.32
C SER B 564 -51.17 -5.68 -10.31
N VAL B 565 -50.29 -4.78 -10.72
CA VAL B 565 -49.80 -3.73 -9.83
C VAL B 565 -50.90 -2.73 -9.46
N LYS B 566 -51.07 -2.48 -8.16
CA LYS B 566 -52.04 -1.49 -7.71
C LYS B 566 -51.38 -0.12 -7.66
N LYS B 567 -52.12 0.91 -8.06
CA LYS B 567 -51.59 2.28 -8.03
C LYS B 567 -51.44 2.80 -6.61
N GLN B 568 -50.49 3.70 -6.40
CA GLN B 568 -50.30 4.31 -5.09
C GLN B 568 -50.75 5.77 -5.08
N LYS B 569 -51.36 6.18 -3.98
CA LYS B 569 -51.80 7.56 -3.81
C LYS B 569 -50.60 8.46 -3.53
N ALA B 570 -50.34 9.40 -4.43
CA ALA B 570 -49.15 10.24 -4.34
C ALA B 570 -49.21 11.17 -3.13
N VAL B 575 -45.82 20.24 3.96
CA VAL B 575 -44.66 21.11 4.02
C VAL B 575 -44.87 21.97 5.28
N SER B 576 -43.79 22.35 5.95
CA SER B 576 -43.91 23.20 7.13
C SER B 576 -43.47 24.63 6.84
N GLN B 577 -43.86 25.57 7.68
CA GLN B 577 -43.62 26.99 7.45
C GLN B 577 -42.13 27.32 7.37
N ARG B 578 -41.32 26.64 8.18
CA ARG B 578 -39.87 26.85 8.16
C ARG B 578 -39.28 26.30 6.86
N GLU B 579 -39.76 25.13 6.44
CA GLU B 579 -39.32 24.52 5.20
C GLU B 579 -39.68 25.40 4.01
N GLU B 580 -40.70 26.23 4.17
CA GLU B 580 -41.14 27.14 3.13
C GLU B 580 -40.21 28.35 3.05
N MET B 581 -39.57 28.67 4.17
CA MET B 581 -38.71 29.85 4.25
C MET B 581 -37.31 29.57 3.72
N VAL B 582 -36.85 28.33 3.86
CA VAL B 582 -35.52 27.97 3.35
C VAL B 582 -35.54 28.02 1.82
N LYS B 583 -36.68 27.66 1.23
CA LYS B 583 -36.86 27.76 -0.22
C LYS B 583 -36.72 29.19 -0.71
N LYS B 584 -37.51 30.08 -0.09
CA LYS B 584 -37.51 31.49 -0.47
C LYS B 584 -36.14 32.12 -0.21
N CYS B 585 -35.55 31.77 0.92
CA CYS B 585 -34.22 32.23 1.28
C CYS B 585 -33.19 31.75 0.27
N LEU B 586 -33.18 30.44 0.01
CA LEU B 586 -32.27 29.84 -0.96
C LEU B 586 -32.40 30.51 -2.33
N GLY B 587 -33.63 30.83 -2.71
CA GLY B 587 -33.90 31.54 -3.94
C GLY B 587 -33.14 32.85 -4.00
N GLU B 588 -33.27 33.64 -2.95
CA GLU B 588 -32.58 34.92 -2.87
C GLU B 588 -31.06 34.75 -2.80
N LEU B 589 -30.61 33.81 -1.98
CA LEU B 589 -29.18 33.50 -1.87
C LEU B 589 -28.57 33.17 -3.22
N THR B 590 -29.33 32.46 -4.05
CA THR B 590 -28.88 32.08 -5.38
C THR B 590 -28.72 33.31 -6.26
N GLU B 591 -29.70 34.21 -6.19
CA GLU B 591 -29.69 35.43 -6.97
C GLU B 591 -28.54 36.35 -6.56
N VAL B 592 -28.28 36.42 -5.26
CA VAL B 592 -27.15 37.18 -4.72
C VAL B 592 -25.83 36.68 -5.32
N CYS B 593 -25.72 35.37 -5.45
CA CYS B 593 -24.55 34.75 -6.07
C CYS B 593 -24.44 35.11 -7.55
N LYS B 594 -25.59 35.16 -8.22
CA LYS B 594 -25.63 35.51 -9.64
C LYS B 594 -25.10 36.92 -9.88
N SER B 595 -25.52 37.86 -9.02
CA SER B 595 -25.08 39.25 -9.12
C SER B 595 -23.61 39.39 -8.75
N LEU B 596 -23.23 38.82 -7.60
CA LEU B 596 -21.84 38.83 -7.14
C LEU B 596 -20.91 38.28 -8.21
N GLY B 597 -21.41 37.31 -8.97
CA GLY B 597 -20.66 36.71 -10.05
C GLY B 597 -20.24 37.72 -11.10
N LYS B 598 -21.22 38.44 -11.64
CA LYS B 598 -20.98 39.44 -12.67
C LYS B 598 -20.04 40.53 -12.18
N VAL B 599 -20.20 40.93 -10.93
CA VAL B 599 -19.32 41.91 -10.30
C VAL B 599 -17.88 41.42 -10.26
N PHE B 600 -17.65 40.32 -9.54
CA PHE B 600 -16.31 39.78 -9.39
C PHE B 600 -15.79 39.11 -10.67
N GLY B 601 -16.65 39.04 -11.69
CA GLY B 601 -16.22 38.54 -12.99
C GLY B 601 -15.99 37.04 -12.96
N VAL B 602 -16.94 36.33 -12.38
CA VAL B 602 -16.77 34.92 -12.08
C VAL B 602 -18.11 34.19 -12.14
N HIS B 603 -18.08 32.92 -12.54
CA HIS B 603 -19.30 32.11 -12.60
C HIS B 603 -20.00 32.07 -11.25
N TYR B 604 -21.34 32.08 -11.28
CA TYR B 604 -22.15 32.19 -10.07
C TYR B 604 -21.91 31.04 -9.09
N PHE B 605 -21.45 29.91 -9.61
CA PHE B 605 -21.23 28.73 -8.78
C PHE B 605 -19.81 28.68 -8.23
N ASN B 606 -18.95 29.56 -8.74
CA ASN B 606 -17.62 29.72 -8.17
C ASN B 606 -17.61 30.77 -7.05
N ILE B 607 -18.81 31.16 -6.62
CA ILE B 607 -18.98 31.98 -5.43
C ILE B 607 -19.26 31.05 -4.25
N PHE B 608 -20.46 30.48 -4.25
CA PHE B 608 -20.83 29.42 -3.32
C PHE B 608 -21.43 28.26 -4.12
N ASN B 609 -20.94 27.05 -3.88
CA ASN B 609 -21.47 25.88 -4.56
C ASN B 609 -22.88 25.57 -4.07
N THR B 610 -23.56 24.63 -4.74
CA THR B 610 -24.96 24.37 -4.48
C THR B 610 -25.22 23.89 -3.06
N VAL B 611 -24.31 23.07 -2.54
CA VAL B 611 -24.48 22.50 -1.21
C VAL B 611 -24.30 23.57 -0.13
N THR B 612 -23.29 24.41 -0.29
CA THR B 612 -23.04 25.52 0.63
C THR B 612 -24.28 26.41 0.77
N LEU B 613 -24.80 26.85 -0.38
CA LEU B 613 -26.00 27.68 -0.41
C LEU B 613 -27.17 26.98 0.26
N LYS B 614 -27.41 25.73 -0.13
CA LYS B 614 -28.49 24.93 0.43
C LYS B 614 -28.40 24.83 1.95
N LYS B 615 -27.18 24.78 2.46
CA LYS B 615 -26.96 24.64 3.90
C LYS B 615 -27.02 25.98 4.61
N LEU B 616 -26.52 27.03 3.96
CA LEU B 616 -26.71 28.40 4.44
C LEU B 616 -28.19 28.69 4.67
N ALA B 617 -28.99 28.45 3.63
CA ALA B 617 -30.43 28.69 3.67
C ALA B 617 -31.14 27.86 4.73
N GLU B 618 -30.67 26.64 4.95
CA GLU B 618 -31.33 25.72 5.88
C GLU B 618 -31.06 26.11 7.33
N SER B 619 -30.04 26.93 7.55
CA SER B 619 -29.75 27.45 8.88
C SER B 619 -30.64 28.66 9.19
N LEU B 620 -30.89 29.47 8.16
CA LEU B 620 -31.63 30.72 8.28
C LEU B 620 -30.98 31.67 9.28
N SER B 621 -29.72 31.41 9.61
CA SER B 621 -29.00 32.22 10.59
C SER B 621 -28.21 33.34 9.92
N SER B 622 -28.03 34.44 10.65
CA SER B 622 -27.15 35.52 10.21
C SER B 622 -25.90 35.57 11.09
N ASP B 623 -25.90 34.75 12.12
CA ASP B 623 -24.77 34.64 13.05
C ASP B 623 -23.55 34.00 12.40
N PRO B 624 -22.49 34.80 12.18
CA PRO B 624 -21.28 34.34 11.49
C PRO B 624 -20.59 33.18 12.21
N GLU B 625 -20.83 33.05 13.51
CA GLU B 625 -20.27 31.95 14.29
C GLU B 625 -20.91 30.62 13.91
N VAL B 626 -22.06 30.70 13.23
CA VAL B 626 -22.77 29.50 12.80
C VAL B 626 -22.51 29.26 11.31
N LEU B 627 -22.30 30.34 10.57
CA LEU B 627 -22.08 30.26 9.13
C LEU B 627 -20.73 29.63 8.81
N LEU B 628 -19.70 30.03 9.53
CA LEU B 628 -18.35 29.52 9.31
C LEU B 628 -18.23 28.03 9.64
N GLN B 629 -19.26 27.47 10.27
CA GLN B 629 -19.31 26.05 10.60
C GLN B 629 -19.90 25.22 9.46
N ILE B 630 -20.06 25.83 8.30
CA ILE B 630 -20.63 25.15 7.14
C ILE B 630 -19.58 24.99 6.05
N ASP B 631 -19.56 23.81 5.44
CA ASP B 631 -18.57 23.48 4.41
C ASP B 631 -18.59 24.47 3.25
N GLY B 632 -17.46 25.16 3.06
CA GLY B 632 -17.32 26.10 1.97
C GLY B 632 -17.35 27.54 2.43
N VAL B 633 -17.82 27.76 3.65
CA VAL B 633 -17.86 29.09 4.22
C VAL B 633 -16.54 29.40 4.91
N THR B 634 -15.77 30.31 4.33
CA THR B 634 -14.45 30.67 4.86
C THR B 634 -14.41 32.15 5.19
N GLU B 635 -13.40 32.55 5.96
CA GLU B 635 -13.28 33.94 6.39
C GLU B 635 -13.15 34.90 5.21
N ASP B 636 -12.30 34.53 4.25
CA ASP B 636 -12.10 35.36 3.06
C ASP B 636 -13.38 35.52 2.26
N LYS B 637 -14.07 34.41 2.01
CA LYS B 637 -15.30 34.44 1.23
C LYS B 637 -16.43 35.12 1.98
N LEU B 638 -16.45 34.96 3.30
CA LEU B 638 -17.49 35.57 4.12
C LEU B 638 -17.19 37.05 4.35
N GLU B 639 -16.01 37.49 3.91
CA GLU B 639 -15.63 38.89 4.03
C GLU B 639 -15.95 39.68 2.77
N LYS B 640 -15.70 39.08 1.61
CA LYS B 640 -15.92 39.78 0.34
C LYS B 640 -17.24 39.40 -0.33
N TYR B 641 -17.92 38.38 0.19
CA TYR B 641 -19.24 37.99 -0.30
C TYR B 641 -20.26 38.01 0.82
N GLY B 642 -19.82 38.36 2.02
CA GLY B 642 -20.63 38.20 3.21
C GLY B 642 -21.81 39.13 3.37
N ALA B 643 -21.56 40.44 3.25
CA ALA B 643 -22.56 41.46 3.51
C ALA B 643 -23.89 41.21 2.79
N GLU B 644 -23.80 40.88 1.51
CA GLU B 644 -24.99 40.64 0.69
C GLU B 644 -25.73 39.39 1.17
N VAL B 645 -24.97 38.35 1.50
CA VAL B 645 -25.55 37.08 1.94
C VAL B 645 -26.20 37.20 3.31
N ILE B 646 -25.50 37.85 4.25
CA ILE B 646 -25.99 38.02 5.60
C ILE B 646 -27.26 38.89 5.61
N SER B 647 -27.30 39.85 4.70
CA SER B 647 -28.46 40.72 4.54
C SER B 647 -29.73 39.91 4.31
N VAL B 648 -29.67 39.01 3.33
CA VAL B 648 -30.81 38.15 3.00
C VAL B 648 -31.21 37.26 4.17
N LEU B 649 -30.23 36.80 4.93
CA LEU B 649 -30.48 35.84 5.99
C LEU B 649 -31.05 36.51 7.24
N GLN B 650 -30.87 37.84 7.33
CA GLN B 650 -31.40 38.60 8.44
C GLN B 650 -32.93 38.69 8.39
N LYS B 651 -33.47 38.68 7.18
CA LYS B 651 -34.91 38.84 6.96
C LYS B 651 -35.70 37.70 7.59
N TYR B 652 -35.07 36.54 7.73
CA TYR B 652 -35.72 35.35 8.25
C TYR B 652 -35.33 35.10 9.71
N SER B 653 -34.86 36.15 10.38
CA SER B 653 -34.37 36.06 11.75
C SER B 653 -35.40 35.49 12.73
N GLU B 654 -36.68 35.73 12.46
CA GLU B 654 -37.72 35.23 13.35
C GLU B 654 -38.17 33.82 12.98
N TRP B 655 -37.29 33.08 12.32
CA TRP B 655 -37.60 31.72 11.89
C TRP B 655 -36.46 30.73 12.14
N THR B 656 -35.34 31.22 12.66
CA THR B 656 -34.13 30.41 12.72
C THR B 656 -34.07 29.52 13.98
N SER B 657 -35.07 28.66 14.14
CA SER B 657 -35.11 27.74 15.26
C SER B 657 -35.08 26.29 14.78
N GLN C 23 4.66 -26.81 49.01
CA GLN C 23 4.85 -27.25 47.64
C GLN C 23 5.48 -26.15 46.79
N VAL C 24 5.15 -24.90 47.11
CA VAL C 24 5.67 -23.77 46.35
C VAL C 24 6.42 -22.82 47.29
N GLN C 25 7.52 -22.27 46.81
CA GLN C 25 8.32 -21.35 47.61
C GLN C 25 8.61 -20.07 46.83
N LEU C 26 8.37 -18.93 47.47
CA LEU C 26 8.58 -17.64 46.81
C LEU C 26 9.67 -16.83 47.51
N GLN C 27 10.75 -16.56 46.78
CA GLN C 27 11.87 -15.80 47.31
C GLN C 27 11.94 -14.41 46.69
N GLU C 28 11.81 -13.38 47.53
CA GLU C 28 11.84 -12.00 47.05
C GLU C 28 13.22 -11.37 47.21
N SER C 29 13.65 -10.65 46.18
CA SER C 29 14.90 -9.89 46.26
C SER C 29 14.70 -8.48 45.72
N GLY C 30 15.73 -7.65 45.86
CA GLY C 30 15.64 -6.27 45.45
C GLY C 30 14.98 -5.41 46.53
N GLY C 31 14.78 -4.13 46.23
CA GLY C 31 14.16 -3.24 47.18
C GLY C 31 15.17 -2.60 48.11
N GLY C 32 14.70 -1.76 49.02
CA GLY C 32 15.56 -1.09 49.97
C GLY C 32 15.33 0.41 50.05
N LEU C 33 16.35 1.13 50.52
CA LEU C 33 16.27 2.58 50.63
C LEU C 33 16.71 3.25 49.33
N VAL C 34 15.99 4.29 48.94
CA VAL C 34 16.29 5.04 47.72
C VAL C 34 15.64 6.42 47.73
N GLN C 35 16.35 7.42 47.22
CA GLN C 35 15.82 8.78 47.13
C GLN C 35 14.66 8.85 46.14
N ALA C 36 13.78 9.82 46.34
CA ALA C 36 12.65 10.03 45.45
C ALA C 36 13.11 10.32 44.02
N GLY C 37 12.30 9.94 43.05
CA GLY C 37 12.63 10.12 41.65
C GLY C 37 13.46 8.96 41.11
N GLY C 38 14.03 8.18 42.01
CA GLY C 38 14.83 7.02 41.63
C GLY C 38 13.98 5.84 41.19
N SER C 39 14.64 4.73 40.87
CA SER C 39 13.94 3.54 40.39
C SER C 39 14.36 2.30 41.16
N LEU C 40 13.44 1.33 41.25
CA LEU C 40 13.72 0.06 41.90
C LEU C 40 13.20 -1.10 41.08
N ARG C 41 13.80 -2.28 41.27
CA ARG C 41 13.31 -3.49 40.63
C ARG C 41 13.16 -4.62 41.64
N LEU C 42 11.92 -5.05 41.86
CA LEU C 42 11.64 -6.17 42.75
C LEU C 42 11.64 -7.47 41.96
N SER C 43 12.04 -8.55 42.61
CA SER C 43 12.04 -9.87 41.97
C SER C 43 11.35 -10.90 42.85
N CYS C 44 10.85 -11.95 42.23
CA CYS C 44 10.21 -13.04 42.95
C CYS C 44 10.40 -14.35 42.19
N ALA C 45 11.27 -15.20 42.72
CA ALA C 45 11.55 -16.49 42.11
C ALA C 45 10.67 -17.57 42.72
N ALA C 46 10.05 -18.37 41.85
CA ALA C 46 9.18 -19.45 42.29
C ALA C 46 9.92 -20.77 42.27
N SER C 47 9.77 -21.55 43.34
CA SER C 47 10.44 -22.84 43.45
C SER C 47 9.48 -23.91 43.96
N GLY C 48 9.72 -25.14 43.55
CA GLY C 48 8.89 -26.25 43.97
C GLY C 48 9.14 -27.46 43.12
N ILE C 49 8.85 -28.65 43.67
CA ILE C 49 9.09 -29.88 42.95
C ILE C 49 8.18 -29.95 41.73
N TRP C 50 6.96 -29.49 41.88
CA TRP C 50 6.03 -29.31 40.76
C TRP C 50 4.88 -28.42 41.19
N PHE C 51 4.42 -27.55 40.30
CA PHE C 51 3.28 -26.69 40.57
C PHE C 51 2.74 -26.03 39.30
N SER C 52 1.53 -25.50 39.40
CA SER C 52 0.90 -24.82 38.28
C SER C 52 0.76 -23.33 38.58
N ILE C 53 0.57 -22.53 37.54
CA ILE C 53 0.44 -21.09 37.71
C ILE C 53 -0.79 -20.54 37.00
N ASN C 54 -1.68 -19.93 37.77
CA ASN C 54 -2.82 -19.23 37.20
C ASN C 54 -2.48 -17.77 36.99
N ASN C 55 -2.01 -17.13 38.06
CA ASN C 55 -1.54 -15.76 37.98
C ASN C 55 -0.51 -15.45 39.07
N MET C 56 0.24 -14.38 38.88
CA MET C 56 1.16 -13.90 39.91
C MET C 56 0.96 -12.41 40.12
N ALA C 57 0.96 -11.98 41.38
CA ALA C 57 0.64 -10.60 41.70
C ALA C 57 1.60 -9.97 42.71
N TRP C 58 1.75 -8.65 42.63
CA TRP C 58 2.47 -7.90 43.64
C TRP C 58 1.51 -7.16 44.56
N TYR C 59 1.71 -7.33 45.86
CA TYR C 59 0.92 -6.61 46.85
C TYR C 59 1.79 -5.56 47.53
N ARG C 60 1.15 -4.62 48.22
CA ARG C 60 1.90 -3.62 48.98
C ARG C 60 1.08 -3.18 50.20
N GLN C 61 1.78 -2.93 51.31
CA GLN C 61 1.11 -2.59 52.55
C GLN C 61 1.73 -1.36 53.21
N THR C 62 1.00 -0.25 53.18
CA THR C 62 1.46 0.99 53.79
C THR C 62 1.42 0.82 55.32
N PRO C 63 2.29 1.56 56.04
CA PRO C 63 2.45 1.46 57.51
C PRO C 63 1.17 1.20 58.30
N GLY C 64 0.11 1.97 58.05
CA GLY C 64 -1.13 1.82 58.77
C GLY C 64 -2.31 1.42 57.91
N LYS C 65 -2.09 0.47 57.01
CA LYS C 65 -3.14 0.00 56.12
C LYS C 65 -3.00 -1.49 55.84
N GLN C 66 -3.99 -2.06 55.17
CA GLN C 66 -3.95 -3.48 54.79
C GLN C 66 -3.26 -3.69 53.45
N ARG C 67 -3.00 -4.95 53.11
CA ARG C 67 -2.40 -5.31 51.83
C ARG C 67 -3.23 -4.81 50.65
N GLU C 68 -2.56 -4.32 49.62
CA GLU C 68 -3.25 -3.87 48.41
C GLU C 68 -2.58 -4.40 47.14
N ARG C 69 -3.35 -5.13 46.34
CA ARG C 69 -2.87 -5.64 45.07
C ARG C 69 -2.68 -4.49 44.08
N ILE C 70 -1.45 -4.28 43.64
CA ILE C 70 -1.13 -3.14 42.77
C ILE C 70 -0.86 -3.56 41.34
N ALA C 71 -0.47 -4.82 41.15
CA ALA C 71 -0.18 -5.33 39.83
C ALA C 71 -0.29 -6.85 39.80
N ILE C 72 -0.80 -7.38 38.71
CA ILE C 72 -1.03 -8.81 38.58
C ILE C 72 -0.79 -9.25 37.14
N ILE C 73 -0.23 -10.44 36.97
CA ILE C 73 0.04 -10.98 35.64
C ILE C 73 -0.36 -12.46 35.59
N THR C 74 -0.88 -12.88 34.44
CA THR C 74 -1.25 -14.27 34.25
C THR C 74 -0.13 -15.01 33.52
N SER C 75 -0.18 -16.34 33.54
CA SER C 75 0.86 -17.15 32.90
C SER C 75 0.94 -16.91 31.40
N ALA C 76 -0.14 -16.38 30.83
CA ALA C 76 -0.18 -16.12 29.39
C ALA C 76 0.42 -14.76 29.05
N GLY C 77 0.58 -13.91 30.05
CA GLY C 77 1.24 -12.63 29.86
C GLY C 77 0.35 -11.42 30.05
N THR C 78 -0.96 -11.65 30.13
CA THR C 78 -1.92 -10.57 30.32
C THR C 78 -1.69 -9.87 31.66
N THR C 79 -1.44 -8.56 31.59
CA THR C 79 -1.16 -7.78 32.80
C THR C 79 -2.37 -6.93 33.21
N ASN C 80 -2.27 -6.34 34.40
CA ASN C 80 -3.35 -5.53 34.95
C ASN C 80 -2.84 -4.75 36.16
N TYR C 81 -3.20 -3.47 36.23
CA TYR C 81 -2.64 -2.59 37.25
C TYR C 81 -3.71 -1.79 37.98
N VAL C 82 -3.36 -1.30 39.17
CA VAL C 82 -4.18 -0.35 39.89
C VAL C 82 -3.78 1.07 39.46
N ASP C 83 -4.61 2.05 39.78
CA ASP C 83 -4.39 3.44 39.33
C ASP C 83 -3.09 4.05 39.85
N SER C 84 -2.87 3.94 41.16
CA SER C 84 -1.75 4.62 41.83
C SER C 84 -0.38 4.24 41.28
N VAL C 85 -0.31 3.13 40.54
CA VAL C 85 0.97 2.65 40.02
C VAL C 85 1.01 2.67 38.49
N LYS C 86 -0.15 2.83 37.87
CA LYS C 86 -0.29 2.75 36.42
C LYS C 86 0.67 3.68 35.66
N GLY C 87 1.34 3.13 34.65
CA GLY C 87 2.29 3.89 33.86
C GLY C 87 3.70 3.79 34.40
N ARG C 88 3.83 3.93 35.72
CA ARG C 88 5.12 3.93 36.38
C ARG C 88 5.65 2.51 36.62
N PHE C 89 4.78 1.62 37.07
CA PHE C 89 5.18 0.26 37.42
C PHE C 89 4.89 -0.71 36.27
N THR C 90 5.85 -1.59 35.99
CA THR C 90 5.69 -2.59 34.94
C THR C 90 5.93 -4.01 35.45
N ILE C 91 4.86 -4.80 35.53
CA ILE C 91 4.98 -6.19 35.95
C ILE C 91 5.29 -7.08 34.76
N SER C 92 6.17 -8.06 34.97
CA SER C 92 6.58 -8.96 33.90
C SER C 92 7.00 -10.31 34.46
N ARG C 93 7.05 -11.33 33.60
CA ARG C 93 7.40 -12.68 34.03
C ARG C 93 8.29 -13.39 33.02
N ASP C 94 9.24 -14.17 33.53
CA ASP C 94 10.07 -15.04 32.70
C ASP C 94 9.82 -16.50 33.09
N ASP C 95 9.20 -17.25 32.18
CA ASP C 95 8.79 -18.62 32.47
C ASP C 95 9.98 -19.58 32.56
N ALA C 96 10.98 -19.35 31.73
CA ALA C 96 12.16 -20.21 31.71
C ALA C 96 12.90 -20.19 33.04
N LYS C 97 12.76 -19.09 33.77
CA LYS C 97 13.41 -18.95 35.07
C LYS C 97 12.38 -18.84 36.19
N ASN C 98 11.11 -19.01 35.84
CA ASN C 98 9.99 -18.85 36.77
C ASN C 98 10.14 -17.66 37.71
N THR C 99 10.53 -16.52 37.14
CA THR C 99 10.75 -15.31 37.92
C THR C 99 9.78 -14.20 37.48
N MET C 100 9.37 -13.37 38.44
CA MET C 100 8.38 -12.34 38.18
C MET C 100 8.84 -10.99 38.73
N TYR C 101 8.89 -9.97 37.88
CA TYR C 101 9.45 -8.68 38.25
C TYR C 101 8.40 -7.59 38.39
N LEU C 102 8.78 -6.52 39.09
CA LEU C 102 8.00 -5.29 39.11
C LEU C 102 8.92 -4.08 38.99
N GLN C 103 9.03 -3.53 37.79
CA GLN C 103 9.90 -2.39 37.54
C GLN C 103 9.25 -1.10 38.05
N MET C 104 9.74 -0.61 39.19
CA MET C 104 9.19 0.57 39.83
C MET C 104 9.94 1.84 39.42
N ASN C 105 9.26 2.70 38.65
CA ASN C 105 9.84 3.95 38.19
C ASN C 105 9.18 5.16 38.86
N SER C 106 9.92 6.27 38.93
CA SER C 106 9.42 7.51 39.49
C SER C 106 8.90 7.33 40.91
N LEU C 107 9.78 6.91 41.81
CA LEU C 107 9.39 6.58 43.17
C LEU C 107 9.06 7.81 44.00
N ILE C 108 8.08 7.67 44.89
CA ILE C 108 7.67 8.74 45.78
C ILE C 108 7.59 8.22 47.22
N PRO C 109 7.70 9.13 48.21
CA PRO C 109 7.62 8.74 49.62
C PRO C 109 6.31 8.03 49.99
N GLU C 110 5.28 8.17 49.15
CA GLU C 110 4.00 7.52 49.39
C GLU C 110 4.08 6.03 49.09
N ASP C 111 4.98 5.65 48.18
CA ASP C 111 5.18 4.27 47.82
C ASP C 111 5.89 3.48 48.92
N THR C 112 6.32 4.18 49.97
CA THR C 112 6.97 3.56 51.12
C THR C 112 6.05 2.53 51.75
N ALA C 113 6.40 1.26 51.62
CA ALA C 113 5.57 0.17 52.11
C ALA C 113 6.31 -1.16 52.06
N VAL C 114 5.68 -2.18 52.63
CA VAL C 114 6.16 -3.56 52.48
C VAL C 114 5.58 -4.13 51.20
N TYR C 115 6.37 -4.88 50.45
CA TYR C 115 5.92 -5.42 49.17
C TYR C 115 6.00 -6.95 49.15
N TYR C 116 4.85 -7.59 49.02
CA TYR C 116 4.76 -9.04 49.03
C TYR C 116 4.57 -9.60 47.63
N CYS C 117 5.19 -10.76 47.38
CA CYS C 117 4.97 -11.49 46.14
C CYS C 117 3.84 -12.49 46.35
N ASN C 118 3.12 -12.81 45.29
CA ASN C 118 1.99 -13.72 45.39
C ASN C 118 1.88 -14.64 44.17
N LEU C 119 1.65 -15.92 44.42
CA LEU C 119 1.46 -16.89 43.35
C LEU C 119 0.17 -17.65 43.57
N VAL C 120 -0.70 -17.63 42.56
CA VAL C 120 -1.95 -18.38 42.61
C VAL C 120 -1.87 -19.57 41.66
N ALA C 121 -1.89 -20.77 42.22
CA ALA C 121 -1.85 -21.99 41.43
C ALA C 121 -3.17 -22.16 40.68
N ASP C 122 -3.19 -23.08 39.72
CA ASP C 122 -4.39 -23.29 38.92
C ASP C 122 -5.27 -24.38 39.54
N TYR C 123 -5.99 -25.12 38.70
CA TYR C 123 -7.05 -26.00 39.17
C TYR C 123 -6.59 -27.40 39.53
N ASP C 124 -5.44 -27.81 39.02
CA ASP C 124 -4.88 -29.11 39.39
C ASP C 124 -4.57 -29.11 40.88
N MET C 125 -4.21 -27.93 41.38
CA MET C 125 -4.13 -27.69 42.82
C MET C 125 -5.39 -26.94 43.22
N GLY C 126 -5.54 -26.62 44.50
CA GLY C 126 -6.77 -26.03 44.99
C GLY C 126 -6.89 -24.53 44.73
N PHE C 127 -6.25 -24.07 43.66
CA PHE C 127 -6.03 -22.63 43.43
C PHE C 127 -5.39 -22.01 44.66
N GLN C 128 -4.39 -22.72 45.20
CA GLN C 128 -3.69 -22.29 46.39
C GLN C 128 -2.95 -20.98 46.16
N SER C 129 -2.87 -20.16 47.20
CA SER C 129 -2.20 -18.87 47.11
C SER C 129 -0.98 -18.84 48.03
N PHE C 130 0.20 -18.72 47.43
CA PHE C 130 1.45 -18.69 48.18
C PHE C 130 1.96 -17.26 48.27
N TRP C 131 2.60 -16.94 49.39
CA TRP C 131 3.07 -15.58 49.64
C TRP C 131 4.55 -15.53 49.98
N GLY C 132 5.19 -14.42 49.64
CA GLY C 132 6.56 -14.18 50.07
C GLY C 132 6.55 -13.48 51.41
N ARG C 133 7.70 -13.40 52.06
CA ARG C 133 7.76 -12.83 53.40
C ARG C 133 7.60 -11.31 53.38
N GLY C 134 7.87 -10.69 52.23
CA GLY C 134 7.80 -9.25 52.11
C GLY C 134 9.14 -8.57 52.19
N THR C 135 9.28 -7.49 51.42
CA THR C 135 10.51 -6.70 51.40
C THR C 135 10.17 -5.21 51.53
N GLN C 136 11.08 -4.45 52.15
CA GLN C 136 10.84 -3.04 52.37
C GLN C 136 11.31 -2.16 51.22
N VAL C 137 10.38 -1.40 50.65
CA VAL C 137 10.73 -0.32 49.74
C VAL C 137 10.54 1.00 50.48
N THR C 138 11.65 1.60 50.89
CA THR C 138 11.60 2.88 51.59
C THR C 138 12.08 4.01 50.68
N VAL C 139 11.19 4.95 50.41
CA VAL C 139 11.54 6.09 49.56
C VAL C 139 11.64 7.35 50.41
N SER C 140 12.87 7.81 50.61
CA SER C 140 13.12 8.98 51.44
C SER C 140 13.24 10.24 50.61
N SER C 141 12.83 11.37 51.18
CA SER C 141 12.83 12.64 50.47
C SER C 141 14.20 13.33 50.54
N HIS C 142 14.83 13.26 51.70
CA HIS C 142 16.09 13.97 51.92
C HIS C 142 17.27 13.25 51.26
N HIS C 143 18.43 13.89 51.31
CA HIS C 143 19.64 13.36 50.66
C HIS C 143 20.19 12.16 51.42
N HIS C 144 21.21 11.53 50.86
CA HIS C 144 21.87 10.39 51.50
C HIS C 144 23.38 10.53 51.46
N GLN D 23 -54.23 -24.21 -29.20
CA GLN D 23 -54.22 -23.51 -27.92
C GLN D 23 -53.02 -22.59 -27.84
N VAL D 24 -51.92 -23.01 -28.46
CA VAL D 24 -50.68 -22.25 -28.44
C VAL D 24 -50.21 -21.93 -29.85
N GLN D 25 -49.67 -20.73 -30.04
CA GLN D 25 -49.17 -20.30 -31.33
C GLN D 25 -47.74 -19.80 -31.23
N LEU D 26 -46.89 -20.30 -32.11
CA LEU D 26 -45.48 -19.92 -32.12
C LEU D 26 -45.13 -19.20 -33.41
N GLN D 27 -44.74 -17.94 -33.29
CA GLN D 27 -44.39 -17.13 -34.45
C GLN D 27 -42.88 -16.90 -34.51
N GLU D 28 -42.28 -17.39 -35.59
CA GLU D 28 -40.83 -17.26 -35.77
C GLU D 28 -40.46 -16.07 -36.65
N SER D 29 -39.42 -15.35 -36.24
CA SER D 29 -38.89 -14.25 -37.04
C SER D 29 -37.37 -14.35 -37.13
N GLY D 30 -36.77 -13.50 -37.94
CA GLY D 30 -35.34 -13.54 -38.16
C GLY D 30 -34.93 -14.56 -39.21
N GLY D 31 -33.63 -14.73 -39.40
CA GLY D 31 -33.11 -15.66 -40.38
C GLY D 31 -32.93 -15.03 -41.74
N GLY D 32 -32.46 -15.82 -42.70
CA GLY D 32 -32.25 -15.34 -44.05
C GLY D 32 -30.86 -15.67 -44.57
N LEU D 33 -30.41 -14.91 -45.57
CA LEU D 33 -29.08 -15.11 -46.14
C LEU D 33 -28.04 -14.29 -45.38
N VAL D 34 -26.87 -14.88 -45.17
CA VAL D 34 -25.79 -14.22 -44.45
C VAL D 34 -24.45 -14.90 -44.74
N GLN D 35 -23.39 -14.10 -44.87
CA GLN D 35 -22.05 -14.64 -45.11
C GLN D 35 -21.52 -15.41 -43.91
N ALA D 36 -20.62 -16.34 -44.16
CA ALA D 36 -19.99 -17.12 -43.10
C ALA D 36 -19.23 -16.21 -42.15
N GLY D 37 -19.16 -16.59 -40.88
CA GLY D 37 -18.50 -15.79 -39.87
C GLY D 37 -19.42 -14.74 -39.28
N GLY D 38 -20.52 -14.46 -39.98
CA GLY D 38 -21.50 -13.50 -39.53
C GLY D 38 -22.39 -14.06 -38.43
N SER D 39 -23.33 -13.25 -37.97
CA SER D 39 -24.22 -13.66 -36.89
C SER D 39 -25.69 -13.42 -37.21
N LEU D 40 -26.56 -14.24 -36.61
CA LEU D 40 -28.00 -14.10 -36.75
C LEU D 40 -28.70 -14.26 -35.41
N ARG D 41 -29.89 -13.68 -35.29
CA ARG D 41 -30.70 -13.86 -34.09
C ARG D 41 -32.12 -14.28 -34.46
N LEU D 42 -32.48 -15.50 -34.06
CA LEU D 42 -33.83 -16.01 -34.27
C LEU D 42 -34.72 -15.68 -33.08
N SER D 43 -36.01 -15.47 -33.35
CA SER D 43 -36.96 -15.18 -32.29
C SER D 43 -38.19 -16.08 -32.38
N CYS D 44 -38.86 -16.26 -31.24
CA CYS D 44 -40.07 -17.08 -31.20
C CYS D 44 -41.01 -16.59 -30.11
N ALA D 45 -42.09 -15.93 -30.52
CA ALA D 45 -43.08 -15.44 -29.58
C ALA D 45 -44.22 -16.44 -29.42
N ALA D 46 -44.57 -16.73 -28.17
CA ALA D 46 -45.64 -17.68 -27.88
C ALA D 46 -46.93 -16.95 -27.54
N SER D 47 -48.04 -17.42 -28.12
CA SER D 47 -49.34 -16.80 -27.89
C SER D 47 -50.41 -17.86 -27.63
N GLY D 48 -51.42 -17.47 -26.85
CA GLY D 48 -52.51 -18.36 -26.52
C GLY D 48 -53.31 -17.80 -25.36
N ILE D 49 -54.57 -18.20 -25.25
CA ILE D 49 -55.45 -17.67 -24.20
C ILE D 49 -54.95 -18.07 -22.82
N TRP D 50 -54.43 -19.30 -22.71
CA TRP D 50 -53.76 -19.75 -21.51
C TRP D 50 -52.95 -21.00 -21.81
N PHE D 51 -51.75 -21.09 -21.23
CA PHE D 51 -50.91 -22.28 -21.39
C PHE D 51 -49.78 -22.29 -20.38
N SER D 52 -49.17 -23.47 -20.21
CA SER D 52 -48.05 -23.64 -19.32
C SER D 52 -46.80 -23.95 -20.12
N ILE D 53 -45.63 -23.78 -19.50
CA ILE D 53 -44.38 -24.03 -20.19
C ILE D 53 -43.47 -24.94 -19.37
N ASN D 54 -43.13 -26.09 -19.95
CA ASN D 54 -42.14 -26.98 -19.34
C ASN D 54 -40.76 -26.64 -19.86
N ASN D 55 -40.63 -26.60 -21.19
CA ASN D 55 -39.39 -26.17 -21.83
C ASN D 55 -39.65 -25.62 -23.22
N MET D 56 -38.68 -24.89 -23.75
CA MET D 56 -38.72 -24.42 -25.13
C MET D 56 -37.40 -24.75 -25.83
N ALA D 57 -37.49 -25.23 -27.06
CA ALA D 57 -36.32 -25.70 -27.77
C ALA D 57 -36.26 -25.19 -29.20
N TRP D 58 -35.04 -25.08 -29.73
CA TRP D 58 -34.82 -24.79 -31.13
C TRP D 58 -34.41 -26.06 -31.87
N TYR D 59 -35.08 -26.34 -32.98
CA TYR D 59 -34.71 -27.47 -33.81
C TYR D 59 -34.03 -27.01 -35.10
N ARG D 60 -33.42 -27.95 -35.80
CA ARG D 60 -32.76 -27.66 -37.06
C ARG D 60 -32.83 -28.85 -38.00
N GLN D 61 -33.03 -28.59 -39.29
CA GLN D 61 -33.14 -29.65 -40.28
C GLN D 61 -32.26 -29.37 -41.49
N THR D 62 -31.16 -30.10 -41.61
CA THR D 62 -30.24 -29.95 -42.72
C THR D 62 -30.91 -30.50 -43.98
N PRO D 63 -30.53 -29.98 -45.18
CA PRO D 63 -31.11 -30.36 -46.47
C PRO D 63 -31.44 -31.84 -46.62
N GLY D 64 -30.52 -32.72 -46.25
CA GLY D 64 -30.73 -34.15 -46.39
C GLY D 64 -30.71 -34.89 -45.06
N LYS D 65 -31.37 -34.32 -44.06
CA LYS D 65 -31.43 -34.92 -42.73
C LYS D 65 -32.79 -34.67 -42.08
N GLN D 66 -33.04 -35.34 -40.96
CA GLN D 66 -34.27 -35.13 -40.20
C GLN D 66 -34.06 -34.00 -39.19
N ARG D 67 -35.14 -33.56 -38.55
CA ARG D 67 -35.06 -32.53 -37.53
C ARG D 67 -34.10 -32.91 -36.41
N GLU D 68 -33.31 -31.95 -35.96
CA GLU D 68 -32.37 -32.19 -34.87
C GLU D 68 -32.43 -31.05 -33.85
N ARG D 69 -32.74 -31.40 -32.61
CA ARG D 69 -32.77 -30.44 -31.51
C ARG D 69 -31.34 -29.97 -31.20
N ILE D 70 -31.10 -28.68 -31.36
CA ILE D 70 -29.77 -28.12 -31.21
C ILE D 70 -29.59 -27.32 -29.92
N ALA D 71 -30.69 -26.83 -29.37
CA ALA D 71 -30.64 -26.04 -28.14
C ALA D 71 -32.00 -26.04 -27.44
N ILE D 72 -31.98 -26.10 -26.12
CA ILE D 72 -33.21 -26.19 -25.35
C ILE D 72 -33.07 -25.43 -24.02
N ILE D 73 -34.16 -24.81 -23.59
CA ILE D 73 -34.19 -24.05 -22.35
C ILE D 73 -35.47 -24.36 -21.58
N THR D 74 -35.38 -24.41 -20.26
CA THR D 74 -36.56 -24.64 -19.44
C THR D 74 -37.12 -23.31 -18.96
N SER D 75 -38.35 -23.30 -18.47
CA SER D 75 -38.98 -22.06 -18.02
C SER D 75 -38.23 -21.41 -16.87
N ALA D 76 -37.42 -22.20 -16.17
CA ALA D 76 -36.65 -21.70 -15.03
C ALA D 76 -35.32 -21.09 -15.47
N GLY D 77 -34.92 -21.38 -16.70
CA GLY D 77 -33.73 -20.77 -17.27
C GLY D 77 -32.59 -21.72 -17.56
N THR D 78 -32.67 -22.94 -17.06
CA THR D 78 -31.63 -23.94 -17.30
C THR D 78 -31.51 -24.25 -18.79
N THR D 79 -30.30 -24.05 -19.34
CA THR D 79 -30.06 -24.26 -20.76
C THR D 79 -29.32 -25.56 -21.04
N ASN D 80 -29.24 -25.92 -22.32
CA ASN D 80 -28.60 -27.15 -22.76
C ASN D 80 -28.39 -27.12 -24.27
N TYR D 81 -27.22 -27.54 -24.72
CA TYR D 81 -26.85 -27.39 -26.12
C TYR D 81 -26.29 -28.67 -26.72
N VAL D 82 -26.33 -28.75 -28.04
CA VAL D 82 -25.64 -29.81 -28.77
C VAL D 82 -24.21 -29.34 -29.05
N ASP D 83 -23.33 -30.26 -29.42
CA ASP D 83 -21.91 -29.95 -29.61
C ASP D 83 -21.65 -28.91 -30.70
N SER D 84 -22.24 -29.14 -31.88
CA SER D 84 -21.95 -28.32 -33.06
C SER D 84 -22.27 -26.84 -32.88
N VAL D 85 -23.05 -26.51 -31.86
CA VAL D 85 -23.46 -25.12 -31.63
C VAL D 85 -22.91 -24.56 -30.32
N LYS D 86 -22.42 -25.45 -29.46
CA LYS D 86 -21.96 -25.07 -28.11
C LYS D 86 -20.93 -23.95 -28.14
N GLY D 87 -21.15 -22.94 -27.31
CA GLY D 87 -20.27 -21.79 -27.25
C GLY D 87 -20.70 -20.67 -28.18
N ARG D 88 -21.04 -21.03 -29.42
CA ARG D 88 -21.44 -20.04 -30.42
C ARG D 88 -22.89 -19.61 -30.27
N PHE D 89 -23.79 -20.56 -30.04
CA PHE D 89 -25.21 -20.27 -29.95
C PHE D 89 -25.62 -20.10 -28.50
N THR D 90 -26.44 -19.08 -28.24
CA THR D 90 -26.94 -18.80 -26.90
C THR D 90 -28.45 -18.72 -26.88
N ILE D 91 -29.08 -19.72 -26.25
CA ILE D 91 -30.53 -19.74 -26.12
C ILE D 91 -30.96 -18.94 -24.90
N SER D 92 -32.03 -18.18 -25.03
CA SER D 92 -32.54 -17.34 -23.94
C SER D 92 -34.03 -17.13 -24.06
N ARG D 93 -34.65 -16.72 -22.95
CA ARG D 93 -36.09 -16.50 -22.94
C ARG D 93 -36.46 -15.28 -22.10
N ASP D 94 -37.47 -14.54 -22.56
CA ASP D 94 -38.03 -13.45 -21.79
C ASP D 94 -39.48 -13.78 -21.48
N ASP D 95 -39.77 -14.06 -20.22
CA ASP D 95 -41.10 -14.52 -19.81
C ASP D 95 -42.14 -13.41 -19.86
N ALA D 96 -41.72 -12.19 -19.52
CA ALA D 96 -42.62 -11.05 -19.50
C ALA D 96 -43.17 -10.75 -20.88
N LYS D 97 -42.42 -11.14 -21.91
CA LYS D 97 -42.84 -10.94 -23.28
C LYS D 97 -43.04 -12.28 -23.98
N ASN D 98 -42.93 -13.36 -23.21
CA ASN D 98 -43.02 -14.73 -23.70
C ASN D 98 -42.29 -14.95 -25.03
N THR D 99 -41.06 -14.44 -25.11
CA THR D 99 -40.30 -14.55 -26.35
C THR D 99 -39.05 -15.39 -26.07
N MET D 100 -38.60 -16.14 -27.07
CA MET D 100 -37.47 -17.05 -26.90
C MET D 100 -36.46 -16.88 -28.03
N TYR D 101 -35.21 -16.62 -27.68
CA TYR D 101 -34.20 -16.28 -28.68
C TYR D 101 -33.15 -17.36 -28.86
N LEU D 102 -32.48 -17.31 -30.01
CA LEU D 102 -31.28 -18.10 -30.26
C LEU D 102 -30.25 -17.24 -30.98
N GLN D 103 -29.30 -16.70 -30.23
CA GLN D 103 -28.27 -15.85 -30.81
C GLN D 103 -27.23 -16.71 -31.52
N MET D 104 -27.29 -16.71 -32.85
CA MET D 104 -26.40 -17.53 -33.65
C MET D 104 -25.16 -16.74 -34.07
N ASN D 105 -24.02 -17.08 -33.48
CA ASN D 105 -22.77 -16.39 -33.77
C ASN D 105 -21.78 -17.26 -34.54
N SER D 106 -20.88 -16.61 -35.28
CA SER D 106 -19.82 -17.28 -36.02
C SER D 106 -20.38 -18.35 -36.96
N LEU D 107 -21.22 -17.92 -37.90
CA LEU D 107 -21.93 -18.83 -38.77
C LEU D 107 -21.02 -19.46 -39.83
N ILE D 108 -21.34 -20.71 -40.18
CA ILE D 108 -20.60 -21.45 -41.18
C ILE D 108 -21.59 -22.05 -42.19
N PRO D 109 -21.13 -22.36 -43.42
CA PRO D 109 -22.00 -22.96 -44.44
C PRO D 109 -22.68 -24.26 -44.01
N GLU D 110 -22.16 -24.88 -42.94
CA GLU D 110 -22.72 -26.13 -42.44
C GLU D 110 -24.04 -25.87 -41.72
N ASP D 111 -24.19 -24.67 -41.17
CA ASP D 111 -25.39 -24.29 -40.43
C ASP D 111 -26.60 -24.05 -41.35
N THR D 112 -26.39 -24.11 -42.66
CA THR D 112 -27.47 -23.93 -43.62
C THR D 112 -28.58 -24.96 -43.42
N ALA D 113 -29.74 -24.49 -42.95
CA ALA D 113 -30.86 -25.39 -42.65
C ALA D 113 -32.15 -24.62 -42.35
N VAL D 114 -33.24 -25.37 -42.19
CA VAL D 114 -34.49 -24.81 -41.70
C VAL D 114 -34.48 -24.86 -40.17
N TYR D 115 -35.00 -23.81 -39.54
CA TYR D 115 -35.00 -23.73 -38.08
C TYR D 115 -36.41 -23.59 -37.52
N TYR D 116 -36.82 -24.60 -36.76
CA TYR D 116 -38.16 -24.62 -36.17
C TYR D 116 -38.11 -24.27 -34.69
N CYS D 117 -39.13 -23.54 -34.23
CA CYS D 117 -39.28 -23.27 -32.81
C CYS D 117 -40.15 -24.35 -32.18
N ASN D 118 -39.94 -24.60 -30.90
CA ASN D 118 -40.69 -25.65 -30.22
C ASN D 118 -41.03 -25.28 -28.79
N LEU D 119 -42.29 -25.52 -28.41
CA LEU D 119 -42.74 -25.26 -27.05
C LEU D 119 -43.41 -26.51 -26.49
N VAL D 120 -42.93 -26.96 -25.33
CA VAL D 120 -43.53 -28.11 -24.66
C VAL D 120 -44.27 -27.65 -23.40
N ALA D 121 -45.60 -27.80 -23.41
CA ALA D 121 -46.41 -27.45 -22.25
C ALA D 121 -46.15 -28.43 -21.10
N ASP D 122 -46.62 -28.08 -19.91
CA ASP D 122 -46.37 -28.94 -18.76
C ASP D 122 -47.48 -29.96 -18.57
N TYR D 123 -47.75 -30.33 -17.33
CA TYR D 123 -48.59 -31.48 -17.04
C TYR D 123 -50.08 -31.14 -16.95
N ASP D 124 -50.39 -29.86 -16.71
CA ASP D 124 -51.80 -29.43 -16.72
C ASP D 124 -52.36 -29.65 -18.11
N MET D 125 -51.48 -29.53 -19.11
CA MET D 125 -51.79 -29.94 -20.47
C MET D 125 -51.13 -31.30 -20.71
N GLY D 126 -51.29 -31.87 -21.89
CA GLY D 126 -50.81 -33.21 -22.14
C GLY D 126 -49.33 -33.31 -22.48
N PHE D 127 -48.54 -32.38 -21.96
CA PHE D 127 -47.18 -32.17 -22.42
C PHE D 127 -47.17 -32.01 -23.93
N GLN D 128 -48.13 -31.23 -24.43
CA GLN D 128 -48.29 -31.01 -25.86
C GLN D 128 -47.09 -30.28 -26.44
N SER D 129 -46.75 -30.61 -27.68
CA SER D 129 -45.61 -30.00 -28.34
C SER D 129 -46.06 -29.17 -29.53
N PHE D 130 -45.85 -27.87 -29.44
CA PHE D 130 -46.26 -26.94 -30.50
C PHE D 130 -45.06 -26.54 -31.35
N TRP D 131 -45.31 -26.31 -32.64
CA TRP D 131 -44.22 -26.00 -33.57
C TRP D 131 -44.44 -24.70 -34.33
N GLY D 132 -43.34 -24.06 -34.70
CA GLY D 132 -43.36 -22.89 -35.57
C GLY D 132 -43.31 -23.31 -37.03
N ARG D 133 -43.49 -22.35 -37.92
CA ARG D 133 -43.58 -22.63 -39.35
C ARG D 133 -42.24 -23.10 -39.91
N GLY D 134 -41.18 -22.72 -39.22
CA GLY D 134 -39.84 -23.02 -39.67
C GLY D 134 -39.26 -21.81 -40.39
N THR D 135 -37.98 -21.55 -40.22
CA THR D 135 -37.35 -20.43 -40.91
C THR D 135 -36.04 -20.85 -41.57
N GLN D 136 -35.71 -20.23 -42.70
CA GLN D 136 -34.49 -20.58 -43.43
C GLN D 136 -33.31 -19.77 -42.92
N VAL D 137 -32.27 -20.44 -42.42
CA VAL D 137 -30.98 -19.78 -42.21
C VAL D 137 -30.00 -20.27 -43.28
N THR D 138 -29.72 -19.41 -44.26
CA THR D 138 -28.78 -19.77 -45.32
C THR D 138 -27.45 -19.05 -45.12
N VAL D 139 -26.39 -19.82 -44.92
CA VAL D 139 -25.06 -19.27 -44.72
C VAL D 139 -24.18 -19.53 -45.92
N SER D 140 -23.90 -18.49 -46.70
CA SER D 140 -23.10 -18.62 -47.91
C SER D 140 -21.65 -18.25 -47.61
N SER D 141 -20.73 -18.89 -48.33
CA SER D 141 -19.31 -18.68 -48.11
C SER D 141 -18.76 -17.47 -48.86
N HIS D 142 -19.21 -17.29 -50.10
CA HIS D 142 -18.69 -16.24 -50.96
C HIS D 142 -19.24 -14.87 -50.59
N HIS D 143 -18.72 -13.83 -51.23
CA HIS D 143 -19.10 -12.46 -50.94
C HIS D 143 -20.51 -12.15 -51.44
N HIS D 144 -21.00 -10.96 -51.13
CA HIS D 144 -22.32 -10.53 -51.58
C HIS D 144 -22.28 -9.11 -52.12
PB ADP E . 30.41 1.37 2.10
O1B ADP E . 30.96 0.61 3.28
O2B ADP E . 28.94 1.73 2.23
O3B ADP E . 31.29 2.49 1.61
PA ADP E . 31.78 0.09 0.04
O1A ADP E . 32.90 -0.08 1.02
O2A ADP E . 31.85 1.17 -1.02
O3A ADP E . 30.43 0.32 0.89
O5' ADP E . 31.46 -1.32 -0.67
C5' ADP E . 32.04 -2.51 -0.16
C4' ADP E . 32.14 -3.57 -1.26
O4' ADP E . 30.95 -3.69 -2.04
C3' ADP E . 33.29 -3.28 -2.22
O3' ADP E . 34.32 -4.25 -2.03
C2' ADP E . 32.70 -3.40 -3.61
O2' ADP E . 33.49 -4.30 -4.40
C1' ADP E . 31.31 -3.98 -3.40
N9 ADP E . 30.34 -3.36 -4.32
C8 ADP E . 29.90 -2.09 -4.27
N7 ADP E . 29.01 -1.84 -5.27
C5 ADP E . 28.88 -2.97 -5.99
C6 ADP E . 28.12 -3.42 -7.17
N6 ADP E . 27.28 -2.57 -7.83
N1 ADP E . 28.28 -4.69 -7.60
C2 ADP E . 29.11 -5.55 -6.97
N3 ADP E . 29.83 -5.21 -5.88
C4 ADP E . 29.77 -3.96 -5.36
ZN ZN F . 17.64 -14.48 13.14
PB ADP G . -14.00 16.12 -8.89
O1B ADP G . -15.04 16.25 -9.98
O2B ADP G . -13.72 14.70 -8.46
O3B ADP G . -12.75 16.94 -9.10
PA ADP G . -14.36 18.30 -7.16
O1A ADP G . -14.76 19.20 -8.29
O2A ADP G . -12.94 18.31 -6.62
O3A ADP G . -14.70 16.78 -7.59
O5' ADP G . -15.33 18.54 -5.90
C5' ADP G . -16.71 18.18 -5.94
C4' ADP G . -17.37 18.81 -4.73
O4' ADP G . -16.98 18.12 -3.53
C3' ADP G . -16.92 20.25 -4.58
O3' ADP G . -18.08 21.09 -4.46
C2' ADP G . -16.11 20.30 -3.29
O2' ADP G . -16.34 21.51 -2.58
C1' ADP G . -16.62 19.09 -2.53
N9 ADP G . -15.59 18.54 -1.62
C8 ADP G . -14.36 18.09 -1.95
N7 ADP G . -13.69 17.65 -0.87
C5 ADP G . -14.49 17.82 0.20
C6 ADP G . -14.39 17.57 1.67
N6 ADP G . -13.27 17.03 2.21
N1 ADP G . -15.45 17.89 2.43
C2 ADP G . -16.58 18.42 1.90
N3 ADP G . -16.72 18.68 0.59
C4 ADP G . -15.73 18.41 -0.29
ZN ZN H . -31.25 0.45 -7.76
#